data_8U78
# 
_entry.id   8U78 
# 
_audit_conform.dict_name       mmcif_pdbx.dic 
_audit_conform.dict_version    5.390 
_audit_conform.dict_location   http://mmcif.pdb.org/dictionaries/ascii/mmcif_pdbx.dic 
# 
loop_
_database_2.database_id 
_database_2.database_code 
_database_2.pdbx_database_accession 
_database_2.pdbx_DOI 
PDB   8U78         pdb_00008u78 10.2210/pdb8u78/pdb 
WWPDB D_1000277364 ?            ?                   
# 
loop_
_pdbx_audit_revision_history.ordinal 
_pdbx_audit_revision_history.data_content_type 
_pdbx_audit_revision_history.major_revision 
_pdbx_audit_revision_history.minor_revision 
_pdbx_audit_revision_history.revision_date 
1 'Structure model' 1 0 2024-03-06 
2 'Structure model' 1 1 2024-04-03 
3 'Structure model' 1 2 2024-04-17 
# 
_pdbx_audit_revision_details.ordinal             1 
_pdbx_audit_revision_details.revision_ordinal    1 
_pdbx_audit_revision_details.data_content_type   'Structure model' 
_pdbx_audit_revision_details.provider            repository 
_pdbx_audit_revision_details.type                'Initial release' 
_pdbx_audit_revision_details.description         ? 
_pdbx_audit_revision_details.details             ? 
# 
loop_
_pdbx_audit_revision_group.ordinal 
_pdbx_audit_revision_group.revision_ordinal 
_pdbx_audit_revision_group.data_content_type 
_pdbx_audit_revision_group.group 
1 2 'Structure model' 'Database references' 
2 3 'Structure model' 'Database references' 
# 
loop_
_pdbx_audit_revision_category.ordinal 
_pdbx_audit_revision_category.revision_ordinal 
_pdbx_audit_revision_category.data_content_type 
_pdbx_audit_revision_category.category 
1 2 'Structure model' citation        
2 3 'Structure model' citation        
3 3 'Structure model' citation_author 
# 
loop_
_pdbx_audit_revision_item.ordinal 
_pdbx_audit_revision_item.revision_ordinal 
_pdbx_audit_revision_item.data_content_type 
_pdbx_audit_revision_item.item 
1  2 'Structure model' '_citation.country'                 
2  2 'Structure model' '_citation.journal_abbrev'          
3  2 'Structure model' '_citation.journal_id_ASTM'         
4  2 'Structure model' '_citation.journal_id_CSD'          
5  2 'Structure model' '_citation.journal_id_ISSN'         
6  2 'Structure model' '_citation.pdbx_database_id_DOI'    
7  2 'Structure model' '_citation.pdbx_database_id_PubMed' 
8  2 'Structure model' '_citation.title'                   
9  2 'Structure model' '_citation.year'                    
10 3 'Structure model' '_citation.journal_volume'          
11 3 'Structure model' '_citation.page_first'              
12 3 'Structure model' '_citation.page_last'               
13 3 'Structure model' '_citation_author.identifier_ORCID' 
# 
_pdbx_database_status.status_code                     REL 
_pdbx_database_status.status_code_sf                  REL 
_pdbx_database_status.status_code_mr                  ? 
_pdbx_database_status.entry_id                        8U78 
_pdbx_database_status.recvd_initial_deposition_date   2023-09-14 
_pdbx_database_status.SG_entry                        N 
_pdbx_database_status.deposit_site                    RCSB 
_pdbx_database_status.process_site                    RCSB 
_pdbx_database_status.status_code_cs                  ? 
_pdbx_database_status.status_code_nmr_data            ? 
_pdbx_database_status.methods_development_category    ? 
_pdbx_database_status.pdb_format_compatible           Y 
# 
_pdbx_contact_author.id                 2 
_pdbx_contact_author.email              jsnowick@uci.edu 
_pdbx_contact_author.name_first         James 
_pdbx_contact_author.name_last          Nowick 
_pdbx_contact_author.name_mi            S 
_pdbx_contact_author.role               'principal investigator/group leader' 
_pdbx_contact_author.identifier_ORCID   0000-0002-2273-1029 
# 
loop_
_audit_author.name 
_audit_author.pdbx_ordinal 
_audit_author.identifier_ORCID 
'Nowick, J.S.'   1 0000-0002-2273-1029 
'Yang, H.'       2 0000-0003-2524-2201 
'Kreutzer, A.G.' 3 0000-0002-9724-6298 
# 
_citation.abstract                  ? 
_citation.abstract_id_CAS           ? 
_citation.book_id_ISBN              ? 
_citation.book_publisher            ? 
_citation.book_publisher_city       ? 
_citation.book_title                ? 
_citation.coordinate_linkage        ? 
_citation.country                   US 
_citation.database_id_Medline       ? 
_citation.details                   ? 
_citation.id                        primary 
_citation.journal_abbrev            J.Org.Chem. 
_citation.journal_id_ASTM           JOCEAH 
_citation.journal_id_CSD            0035 
_citation.journal_id_ISSN           0022-3263 
_citation.journal_full              ? 
_citation.journal_issue             ? 
_citation.journal_volume            89 
_citation.language                  ? 
_citation.page_first                5104 
_citation.page_last                 5108 
_citation.title                     'Supramolecular Interactions of Teixobactin Analogues in the Crystal State.' 
_citation.year                      2024 
_citation.database_id_CSD           ? 
_citation.pdbx_database_id_DOI      10.1021/acs.joc.3c02617 
_citation.pdbx_database_id_PubMed   38506062 
_citation.pdbx_database_id_patent   ? 
_citation.unpublished_flag          ? 
# 
loop_
_citation_author.citation_id 
_citation_author.name 
_citation_author.ordinal 
_citation_author.identifier_ORCID 
primary 'Yang, H.'       1 ? 
primary 'Kreutzer, A.G.' 2 ? 
primary 'Nowick, J.S.'   3 ? 
# 
loop_
_entity.id 
_entity.type 
_entity.src_method 
_entity.pdbx_description 
_entity.formula_weight 
_entity.pdbx_number_of_molecules 
_entity.pdbx_ec 
_entity.pdbx_mutation 
_entity.pdbx_fragment 
_entity.details 
1 polymer     syn N-Methyl-D-Gln4,Lys10-teixobactin                                1249.520 8  ? ? ? ? 
2 non-polymer syn 'CHLORIDE ION'                                                   35.453   14 ? ? ? ? 
3 non-polymer nat '1-(2-METHOXY-ETHOXY)-2-{2-[2-(2-METHOXY-ETHOXY]-ETHOXY}-ETHANE' 266.331  1  ? ? ? ? 
4 water       nat water                                                            18.015   74 ? ? ? ? 
# 
_entity_poly.entity_id                      1 
_entity_poly.type                           'polypeptide(L)' 
_entity_poly.nstd_linkage                   no 
_entity_poly.nstd_monomer                   yes 
_entity_poly.pdbx_seq_one_letter_code       '(ZAE)IS(HJV)(28J)IS(DTH)AKI' 
_entity_poly.pdbx_seq_one_letter_code_can   XISXXISTAKI 
_entity_poly.pdbx_strand_id                 A,B,C,D,E,F,G,H 
_entity_poly.pdbx_target_identifier         ? 
# 
loop_
_pdbx_entity_nonpoly.entity_id 
_pdbx_entity_nonpoly.name 
_pdbx_entity_nonpoly.comp_id 
2 'CHLORIDE ION'                                                   CL  
3 '1-(2-METHOXY-ETHOXY)-2-{2-[2-(2-METHOXY-ETHOXY]-ETHOXY}-ETHANE' PG6 
4 water                                                            HOH 
# 
loop_
_entity_poly_seq.entity_id 
_entity_poly_seq.num 
_entity_poly_seq.mon_id 
_entity_poly_seq.hetero 
1 1  ZAE n 
1 2  ILE n 
1 3  SER n 
1 4  HJV n 
1 5  28J n 
1 6  ILE n 
1 7  SER n 
1 8  DTH n 
1 9  ALA n 
1 10 LYS n 
1 11 ILE n 
# 
_pdbx_entity_src_syn.entity_id              1 
_pdbx_entity_src_syn.pdbx_src_id            1 
_pdbx_entity_src_syn.pdbx_alt_source_flag   sample 
_pdbx_entity_src_syn.pdbx_beg_seq_num       1 
_pdbx_entity_src_syn.pdbx_end_seq_num       11 
_pdbx_entity_src_syn.organism_scientific    'Eleftheria terrae' 
_pdbx_entity_src_syn.organism_common_name   ? 
_pdbx_entity_src_syn.ncbi_taxonomy_id       1597781 
_pdbx_entity_src_syn.details                ? 
# 
loop_
_chem_comp.id 
_chem_comp.type 
_chem_comp.mon_nstd_flag 
_chem_comp.name 
_chem_comp.pdbx_synonyms 
_chem_comp.formula 
_chem_comp.formula_weight 
28J 'D-peptide linking' . D-alloisoleucine                                                 ? 'C6 H13 N O2'    131.173 
ALA 'L-peptide linking' y ALANINE                                                          ? 'C3 H7 N O2'     89.093  
CL  non-polymer         . 'CHLORIDE ION'                                                   ? 'Cl -1'          35.453  
DTH 'D-peptide linking' . D-THREONINE                                                      ? 'C4 H9 N O3'     119.119 
HJV 'D-peptide linking' . N~2~-methyl-D-glutamine                                          ? 'C6 H12 N2 O3'   160.171 
HOH non-polymer         . WATER                                                            ? 'H2 O'           18.015  
ILE 'L-peptide linking' y ISOLEUCINE                                                       ? 'C6 H13 N O2'    131.173 
LYS 'L-peptide linking' y LYSINE                                                           ? 'C6 H15 N2 O2 1' 147.195 
PG6 non-polymer         . '1-(2-METHOXY-ETHOXY)-2-{2-[2-(2-METHOXY-ETHOXY]-ETHOXY}-ETHANE' ? 'C12 H26 O6'     266.331 
SER 'L-peptide linking' y SERINE                                                           ? 'C3 H7 N O3'     105.093 
ZAE 'D-peptide linking' . N-methyl-D-phenylalanine                                         ? 'C10 H13 N O2'   179.216 
# 
loop_
_pdbx_poly_seq_scheme.asym_id 
_pdbx_poly_seq_scheme.entity_id 
_pdbx_poly_seq_scheme.seq_id 
_pdbx_poly_seq_scheme.mon_id 
_pdbx_poly_seq_scheme.ndb_seq_num 
_pdbx_poly_seq_scheme.pdb_seq_num 
_pdbx_poly_seq_scheme.auth_seq_num 
_pdbx_poly_seq_scheme.pdb_mon_id 
_pdbx_poly_seq_scheme.auth_mon_id 
_pdbx_poly_seq_scheme.pdb_strand_id 
_pdbx_poly_seq_scheme.pdb_ins_code 
_pdbx_poly_seq_scheme.hetero 
A 1 1  ZAE 1  1  1  ZAE ZAE A . n 
A 1 2  ILE 2  2  2  ILE ILE A . n 
A 1 3  SER 3  3  3  SER SER A . n 
A 1 4  HJV 4  4  4  HJV HJV A . n 
A 1 5  28J 5  5  5  28J 28J A . n 
A 1 6  ILE 6  6  6  ILE ILE A . n 
A 1 7  SER 7  7  7  SER SER A . n 
A 1 8  DTH 8  8  8  DTH DTH A . n 
A 1 9  ALA 9  9  9  ALA ALA A . n 
A 1 10 LYS 10 10 10 LYS LYS A . n 
A 1 11 ILE 11 11 11 ILE ILE A . n 
B 1 1  ZAE 1  1  1  ZAE ZAE B . n 
B 1 2  ILE 2  2  2  ILE ILE B . n 
B 1 3  SER 3  3  3  SER SER B . n 
B 1 4  HJV 4  4  4  HJV HJV B . n 
B 1 5  28J 5  5  5  28J 28J B . n 
B 1 6  ILE 6  6  6  ILE ILE B . n 
B 1 7  SER 7  7  7  SER SER B . n 
B 1 8  DTH 8  8  8  DTH DTH B . n 
B 1 9  ALA 9  9  9  ALA ALA B . n 
B 1 10 LYS 10 10 10 LYS LYS B . n 
B 1 11 ILE 11 11 11 ILE ILE B . n 
C 1 1  ZAE 1  1  1  ZAE ZAE C . n 
C 1 2  ILE 2  2  2  ILE ILE C . n 
C 1 3  SER 3  3  3  SER SER C . n 
C 1 4  HJV 4  4  4  HJV HJV C . n 
C 1 5  28J 5  5  5  28J 28J C . n 
C 1 6  ILE 6  6  6  ILE ILE C . n 
C 1 7  SER 7  7  7  SER SER C . n 
C 1 8  DTH 8  8  8  DTH DTH C . n 
C 1 9  ALA 9  9  9  ALA ALA C . n 
C 1 10 LYS 10 10 10 LYS LYS C . n 
C 1 11 ILE 11 11 11 ILE ILE C . n 
D 1 1  ZAE 1  1  1  ZAE ZAE D . n 
D 1 2  ILE 2  2  2  ILE ILE D . n 
D 1 3  SER 3  3  3  SER SER D . n 
D 1 4  HJV 4  4  4  HJV HJV D . n 
D 1 5  28J 5  5  5  28J 28J D . n 
D 1 6  ILE 6  6  6  ILE ILE D . n 
D 1 7  SER 7  7  7  SER SER D . n 
D 1 8  DTH 8  8  8  DTH DTH D . n 
D 1 9  ALA 9  9  9  ALA ALA D . n 
D 1 10 LYS 10 10 10 LYS LYS D . n 
D 1 11 ILE 11 11 11 ILE ILE D . n 
E 1 1  ZAE 1  1  1  ZAE ZAE E . n 
E 1 2  ILE 2  2  2  ILE ILE E . n 
E 1 3  SER 3  3  3  SER SER E . n 
E 1 4  HJV 4  4  4  HJV HJV E . n 
E 1 5  28J 5  5  5  28J 28J E . n 
E 1 6  ILE 6  6  6  ILE ILE E . n 
E 1 7  SER 7  7  7  SER SER E . n 
E 1 8  DTH 8  8  8  DTH DTH E . n 
E 1 9  ALA 9  9  9  ALA ALA E . n 
E 1 10 LYS 10 10 10 LYS LYS E . n 
E 1 11 ILE 11 11 11 ILE ILE E . n 
F 1 1  ZAE 1  1  1  ZAE ZAE F . n 
F 1 2  ILE 2  2  2  ILE ILE F . n 
F 1 3  SER 3  3  3  SER SER F . n 
F 1 4  HJV 4  4  4  HJV HJV F . n 
F 1 5  28J 5  5  5  28J 28J F . n 
F 1 6  ILE 6  6  6  ILE ILE F . n 
F 1 7  SER 7  7  7  SER SER F . n 
F 1 8  DTH 8  8  8  DTH DTH F . n 
F 1 9  ALA 9  9  9  ALA ALA F . n 
F 1 10 LYS 10 10 10 LYS LYS F . n 
F 1 11 ILE 11 11 11 ILE ILE F . n 
G 1 1  ZAE 1  1  1  ZAE ZAE G . n 
G 1 2  ILE 2  2  2  ILE ILE G . n 
G 1 3  SER 3  3  3  SER SER G . n 
G 1 4  HJV 4  4  4  HJV HJV G . n 
G 1 5  28J 5  5  5  28J 28J G . n 
G 1 6  ILE 6  6  6  ILE ILE G . n 
G 1 7  SER 7  7  7  SER SER G . n 
G 1 8  DTH 8  8  8  DTH DTH G . n 
G 1 9  ALA 9  9  9  ALA ALA G . n 
G 1 10 LYS 10 10 10 LYS LYS G . n 
G 1 11 ILE 11 11 11 ILE ILE G . n 
H 1 1  ZAE 1  1  1  ZAE ZAE H . n 
H 1 2  ILE 2  2  2  ILE ILE H . n 
H 1 3  SER 3  3  3  SER SER H . n 
H 1 4  HJV 4  4  4  HJV HJV H . n 
H 1 5  28J 5  5  5  28J 28J H . n 
H 1 6  ILE 6  6  6  ILE ILE H . n 
H 1 7  SER 7  7  7  SER SER H . n 
H 1 8  DTH 8  8  8  DTH DTH H . n 
H 1 9  ALA 9  9  9  ALA ALA H . n 
H 1 10 LYS 10 10 10 LYS LYS H . n 
H 1 11 ILE 11 11 11 ILE ILE H . n 
# 
loop_
_pdbx_nonpoly_scheme.asym_id 
_pdbx_nonpoly_scheme.entity_id 
_pdbx_nonpoly_scheme.mon_id 
_pdbx_nonpoly_scheme.ndb_seq_num 
_pdbx_nonpoly_scheme.pdb_seq_num 
_pdbx_nonpoly_scheme.auth_seq_num 
_pdbx_nonpoly_scheme.pdb_mon_id 
_pdbx_nonpoly_scheme.auth_mon_id 
_pdbx_nonpoly_scheme.pdb_strand_id 
_pdbx_nonpoly_scheme.pdb_ins_code 
I  2 CL  1  101 7  CL  CL  A . 
J  2 CL  1  102 12 CL  CL  A . 
K  2 CL  1  103 13 CL  CL  A . 
L  2 CL  1  101 1  CL  CL  B . 
M  2 CL  1  102 19 CL  CL  B . 
N  2 CL  1  101 2  CL  CL  C . 
O  2 CL  1  102 9  CL  CL  C . 
P  2 CL  1  101 3  CL  CL  D . 
Q  2 CL  1  102 18 CL  CL  D . 
R  2 CL  1  101 8  CL  CL  E . 
S  2 CL  1  102 14 CL  CL  E . 
T  2 CL  1  101 4  CL  CL  F . 
U  2 CL  1  101 5  CL  CL  G . 
V  3 PG6 1  102 1  PG6 PG6 G . 
W  2 CL  1  101 6  CL  CL  H . 
X  4 HOH 1  201 75 HOH HOH A . 
X  4 HOH 2  202 52 HOH HOH A . 
X  4 HOH 3  203 20 HOH HOH A . 
X  4 HOH 4  204 32 HOH HOH A . 
X  4 HOH 5  205 40 HOH HOH A . 
X  4 HOH 6  206 31 HOH HOH A . 
X  4 HOH 7  207 12 HOH HOH A . 
X  4 HOH 8  208 61 HOH HOH A . 
Y  4 HOH 1  201 50 HOH HOH B . 
Y  4 HOH 2  202 77 HOH HOH B . 
Y  4 HOH 3  203 23 HOH HOH B . 
Y  4 HOH 4  204 41 HOH HOH B . 
Y  4 HOH 5  205 58 HOH HOH B . 
Y  4 HOH 6  206 39 HOH HOH B . 
Y  4 HOH 7  207 86 HOH HOH B . 
Y  4 HOH 8  208 42 HOH HOH B . 
Y  4 HOH 9  209 21 HOH HOH B . 
Z  4 HOH 1  201 62 HOH HOH C . 
Z  4 HOH 2  202 6  HOH HOH C . 
Z  4 HOH 3  203 27 HOH HOH C . 
Z  4 HOH 4  204 5  HOH HOH C . 
Z  4 HOH 5  205 71 HOH HOH C . 
Z  4 HOH 6  206 29 HOH HOH C . 
Z  4 HOH 7  207 47 HOH HOH C . 
Z  4 HOH 8  208 59 HOH HOH C . 
Z  4 HOH 9  209 44 HOH HOH C . 
AA 4 HOH 1  201 2  HOH HOH D . 
AA 4 HOH 2  202 15 HOH HOH D . 
AA 4 HOH 3  203 48 HOH HOH D . 
AA 4 HOH 4  204 18 HOH HOH D . 
AA 4 HOH 5  205 8  HOH HOH D . 
BA 4 HOH 1  201 26 HOH HOH E . 
BA 4 HOH 2  202 3  HOH HOH E . 
BA 4 HOH 3  203 1  HOH HOH E . 
BA 4 HOH 4  204 17 HOH HOH E . 
BA 4 HOH 5  205 78 HOH HOH E . 
BA 4 HOH 6  206 51 HOH HOH E . 
BA 4 HOH 7  207 33 HOH HOH E . 
BA 4 HOH 8  208 66 HOH HOH E . 
BA 4 HOH 9  209 45 HOH HOH E . 
BA 4 HOH 10 210 14 HOH HOH E . 
BA 4 HOH 11 211 22 HOH HOH E . 
BA 4 HOH 12 212 35 HOH HOH E . 
BA 4 HOH 13 213 16 HOH HOH E . 
CA 4 HOH 1  201 83 HOH HOH F . 
CA 4 HOH 2  202 81 HOH HOH F . 
CA 4 HOH 3  203 34 HOH HOH F . 
CA 4 HOH 4  204 38 HOH HOH F . 
CA 4 HOH 5  205 25 HOH HOH F . 
CA 4 HOH 6  206 13 HOH HOH F . 
CA 4 HOH 7  207 68 HOH HOH F . 
CA 4 HOH 8  208 85 HOH HOH F . 
CA 4 HOH 9  209 49 HOH HOH F . 
CA 4 HOH 10 210 37 HOH HOH F . 
CA 4 HOH 11 211 36 HOH HOH F . 
DA 4 HOH 1  201 11 HOH HOH G . 
DA 4 HOH 2  202 60 HOH HOH G . 
DA 4 HOH 3  203 19 HOH HOH G . 
DA 4 HOH 4  204 72 HOH HOH G . 
DA 4 HOH 5  205 7  HOH HOH G . 
DA 4 HOH 6  206 24 HOH HOH G . 
DA 4 HOH 7  207 80 HOH HOH G . 
DA 4 HOH 8  208 56 HOH HOH G . 
EA 4 HOH 1  201 43 HOH HOH H . 
EA 4 HOH 2  202 4  HOH HOH H . 
EA 4 HOH 3  203 69 HOH HOH H . 
EA 4 HOH 4  204 28 HOH HOH H . 
EA 4 HOH 5  205 76 HOH HOH H . 
EA 4 HOH 6  206 67 HOH HOH H . 
EA 4 HOH 7  207 55 HOH HOH H . 
EA 4 HOH 8  208 84 HOH HOH H . 
EA 4 HOH 9  209 46 HOH HOH H . 
EA 4 HOH 10 210 10 HOH HOH H . 
EA 4 HOH 11 211 9  HOH HOH H . 
# 
loop_
_software.citation_id 
_software.classification 
_software.compiler_name 
_software.compiler_version 
_software.contact_author 
_software.contact_author_email 
_software.date 
_software.description 
_software.dependencies 
_software.hardware 
_software.language 
_software.location 
_software.mods 
_software.name 
_software.os 
_software.os_version 
_software.type 
_software.version 
_software.pdbx_ordinal 
? refinement        ? ? ? ? ? ? ? ? ? ? ? PHENIX    ? ? ? '(1.20.1_4487: ???)' 1 
? 'data collection' ? ? ? ? ? ? ? ? ? ? ? BOS       ? ? ? B3                   2 
? 'data reduction'  ? ? ? ? ? ? ? ? ? ? ? XDS       ? ? ? .                    3 
? 'data scaling'    ? ? ? ? ? ? ? ? ? ? ? pointless ? ? ? .                    4 
? 'data scaling'    ? ? ? ? ? ? ? ? ? ? ? Aimless   ? ? ? .                    5 
? phasing           ? ? ? ? ? ? ? ? ? ? ? PHENIX    ? ? ? HYSS                 6 
? phasing           ? ? ? ? ? ? ? ? ? ? ? PHASER    ? ? ? .                    7 
# 
_cell.angle_alpha                  90.00 
_cell.angle_alpha_esd              ? 
_cell.angle_beta                   90.00 
_cell.angle_beta_esd               ? 
_cell.angle_gamma                  90.00 
_cell.angle_gamma_esd              ? 
_cell.entry_id                     8U78 
_cell.details                      ? 
_cell.formula_units_Z              ? 
_cell.length_a                     24.880 
_cell.length_a_esd                 ? 
_cell.length_b                     24.880 
_cell.length_b_esd                 ? 
_cell.length_c                     106.315 
_cell.length_c_esd                 ? 
_cell.volume                       ? 
_cell.volume_esd                   ? 
_cell.Z_PDB                        32 
_cell.reciprocal_angle_alpha       ? 
_cell.reciprocal_angle_beta        ? 
_cell.reciprocal_angle_gamma       ? 
_cell.reciprocal_angle_alpha_esd   ? 
_cell.reciprocal_angle_beta_esd    ? 
_cell.reciprocal_angle_gamma_esd   ? 
_cell.reciprocal_length_a          ? 
_cell.reciprocal_length_b          ? 
_cell.reciprocal_length_c          ? 
_cell.reciprocal_length_a_esd      ? 
_cell.reciprocal_length_b_esd      ? 
_cell.reciprocal_length_c_esd      ? 
_cell.pdbx_unique_axis             ? 
_cell.pdbx_esd_method              ? 
# 
_symmetry.entry_id                         8U78 
_symmetry.cell_setting                     ? 
_symmetry.Int_Tables_number                78 
_symmetry.space_group_name_Hall            ? 
_symmetry.space_group_name_H-M             'P 43' 
_symmetry.pdbx_full_space_group_name_H-M   ? 
# 
_exptl.absorpt_coefficient_mu     ? 
_exptl.absorpt_correction_T_max   ? 
_exptl.absorpt_correction_T_min   ? 
_exptl.absorpt_correction_type    ? 
_exptl.absorpt_process_details    ? 
_exptl.entry_id                   8U78 
_exptl.crystals_number            1 
_exptl.details                    ? 
_exptl.method                     'X-RAY DIFFRACTION' 
_exptl.method_details             ? 
# 
_exptl_crystal.colour                       ? 
_exptl_crystal.density_diffrn               ? 
_exptl_crystal.density_Matthews             1.65 
_exptl_crystal.density_method               ? 
_exptl_crystal.density_percent_sol          25.27 
_exptl_crystal.description                  ? 
_exptl_crystal.F_000                        ? 
_exptl_crystal.id                           1 
_exptl_crystal.preparation                  ? 
_exptl_crystal.size_max                     ? 
_exptl_crystal.size_mid                     ? 
_exptl_crystal.size_min                     ? 
_exptl_crystal.size_rad                     ? 
_exptl_crystal.colour_lustre                ? 
_exptl_crystal.colour_modifier              ? 
_exptl_crystal.colour_primary               ? 
_exptl_crystal.density_meas                 ? 
_exptl_crystal.density_meas_esd             ? 
_exptl_crystal.density_meas_gt              ? 
_exptl_crystal.density_meas_lt              ? 
_exptl_crystal.density_meas_temp            ? 
_exptl_crystal.density_meas_temp_esd        ? 
_exptl_crystal.density_meas_temp_gt         ? 
_exptl_crystal.density_meas_temp_lt         ? 
_exptl_crystal.pdbx_crystal_image_url       ? 
_exptl_crystal.pdbx_crystal_image_format    ? 
_exptl_crystal.pdbx_mosaicity               ? 
_exptl_crystal.pdbx_mosaicity_esd           ? 
_exptl_crystal.pdbx_mosaic_method           ? 
_exptl_crystal.pdbx_mosaic_block_size       ? 
_exptl_crystal.pdbx_mosaic_block_size_esd   ? 
# 
_exptl_crystal_grow.apparatus       ? 
_exptl_crystal_grow.atmosphere      ? 
_exptl_crystal_grow.crystal_id      1 
_exptl_crystal_grow.details         ? 
_exptl_crystal_grow.method          'VAPOR DIFFUSION, HANGING DROP' 
_exptl_crystal_grow.method_ref      ? 
_exptl_crystal_grow.pH              6 
_exptl_crystal_grow.pressure        ? 
_exptl_crystal_grow.pressure_esd    ? 
_exptl_crystal_grow.seeding         ? 
_exptl_crystal_grow.seeding_ref     ? 
_exptl_crystal_grow.temp_details    ? 
_exptl_crystal_grow.temp_esd        ? 
_exptl_crystal_grow.time            ? 
_exptl_crystal_grow.pdbx_details    'PEG3350, MgCl2' 
_exptl_crystal_grow.pdbx_pH_range   ? 
_exptl_crystal_grow.temp            298 
# 
_diffrn.ambient_environment              ? 
_diffrn.ambient_temp                     100 
_diffrn.ambient_temp_details             ? 
_diffrn.ambient_temp_esd                 ? 
_diffrn.crystal_id                       1 
_diffrn.crystal_support                  ? 
_diffrn.crystal_treatment                ? 
_diffrn.details                          ? 
_diffrn.id                               1 
_diffrn.ambient_pressure                 ? 
_diffrn.ambient_pressure_esd             ? 
_diffrn.ambient_pressure_gt              ? 
_diffrn.ambient_pressure_lt              ? 
_diffrn.ambient_temp_gt                  ? 
_diffrn.ambient_temp_lt                  ? 
_diffrn.pdbx_serial_crystal_experiment   N 
# 
_diffrn_detector.details                      ? 
_diffrn_detector.detector                     CCD 
_diffrn_detector.diffrn_id                    1 
_diffrn_detector.type                         'ADSC QUANTUM 315r' 
_diffrn_detector.area_resol_mean              ? 
_diffrn_detector.dtime                        ? 
_diffrn_detector.pdbx_frames_total            ? 
_diffrn_detector.pdbx_collection_time_total   ? 
_diffrn_detector.pdbx_collection_date         2018-06-30 
_diffrn_detector.pdbx_frequency               ? 
_diffrn_detector.id                           ? 
_diffrn_detector.number_of_axes               ? 
# 
_diffrn_radiation.collimation                      ? 
_diffrn_radiation.diffrn_id                        1 
_diffrn_radiation.filter_edge                      ? 
_diffrn_radiation.inhomogeneity                    ? 
_diffrn_radiation.monochromator                    ? 
_diffrn_radiation.polarisn_norm                    ? 
_diffrn_radiation.polarisn_ratio                   ? 
_diffrn_radiation.probe                            ? 
_diffrn_radiation.type                             ? 
_diffrn_radiation.xray_symbol                      ? 
_diffrn_radiation.wavelength_id                    1 
_diffrn_radiation.pdbx_monochromatic_or_laue_m_l   M 
_diffrn_radiation.pdbx_wavelength_list             ? 
_diffrn_radiation.pdbx_wavelength                  ? 
_diffrn_radiation.pdbx_diffrn_protocol             'SINGLE WAVELENGTH' 
_diffrn_radiation.pdbx_analyzer                    ? 
_diffrn_radiation.pdbx_scattering_type             x-ray 
# 
_diffrn_radiation_wavelength.id           1 
_diffrn_radiation_wavelength.wavelength   0.99997 
_diffrn_radiation_wavelength.wt           1.0 
# 
_diffrn_source.current                     ? 
_diffrn_source.details                     ? 
_diffrn_source.diffrn_id                   1 
_diffrn_source.power                       ? 
_diffrn_source.size                        ? 
_diffrn_source.source                      SYNCHROTRON 
_diffrn_source.target                      ? 
_diffrn_source.type                        'ALS BEAMLINE 8.2.2' 
_diffrn_source.voltage                     ? 
_diffrn_source.take-off_angle              ? 
_diffrn_source.pdbx_wavelength_list        0.99997 
_diffrn_source.pdbx_wavelength             ? 
_diffrn_source.pdbx_synchrotron_beamline   8.2.2 
_diffrn_source.pdbx_synchrotron_site       ALS 
# 
_reflns.B_iso_Wilson_estimate                          14.35 
_reflns.entry_id                                       8U78 
_reflns.data_reduction_details                         ? 
_reflns.data_reduction_method                          ? 
_reflns.d_resolution_high                              1.5 
_reflns.d_resolution_low                               24.88 
_reflns.details                                        ? 
_reflns.limit_h_max                                    ? 
_reflns.limit_h_min                                    ? 
_reflns.limit_k_max                                    ? 
_reflns.limit_k_min                                    ? 
_reflns.limit_l_max                                    ? 
_reflns.limit_l_min                                    ? 
_reflns.number_all                                     ? 
_reflns.number_obs                                     10322 
_reflns.observed_criterion                             ? 
_reflns.observed_criterion_F_max                       ? 
_reflns.observed_criterion_F_min                       ? 
_reflns.observed_criterion_I_max                       ? 
_reflns.observed_criterion_I_min                       ? 
_reflns.observed_criterion_sigma_F                     ? 
_reflns.observed_criterion_sigma_I                     ? 
_reflns.percent_possible_obs                           99.90 
_reflns.R_free_details                                 ? 
_reflns.Rmerge_F_all                                   ? 
_reflns.Rmerge_F_obs                                   ? 
_reflns.Friedel_coverage                               ? 
_reflns.number_gt                                      ? 
_reflns.threshold_expression                           ? 
_reflns.pdbx_redundancy                                2 
_reflns.pdbx_netI_over_av_sigmaI                       ? 
_reflns.pdbx_netI_over_sigmaI                          24.09 
_reflns.pdbx_res_netI_over_av_sigmaI_2                 ? 
_reflns.pdbx_res_netI_over_sigmaI_2                    ? 
_reflns.pdbx_chi_squared                               ? 
_reflns.pdbx_scaling_rejects                           ? 
_reflns.pdbx_d_res_high_opt                            ? 
_reflns.pdbx_d_res_low_opt                             ? 
_reflns.pdbx_d_res_opt_method                          ? 
_reflns.phase_calculation_details                      ? 
_reflns.pdbx_Rrim_I_all                                0.02509 
_reflns.pdbx_Rpim_I_all                                0.01774 
_reflns.pdbx_d_opt                                     ? 
_reflns.pdbx_number_measured_all                       ? 
_reflns.pdbx_diffrn_id                                 1 
_reflns.pdbx_ordinal                                   1 
_reflns.pdbx_CC_half                                   1 
_reflns.pdbx_CC_star                                   1 
_reflns.pdbx_R_split                                   ? 
_reflns.pdbx_Rmerge_I_obs                              0.01774 
_reflns.pdbx_Rmerge_I_all                              ? 
_reflns.pdbx_Rsym_value                                ? 
_reflns.pdbx_CC_split_method                           ? 
_reflns.pdbx_aniso_diffraction_limit_axis_1_ortho[1]   ? 
_reflns.pdbx_aniso_diffraction_limit_axis_1_ortho[2]   ? 
_reflns.pdbx_aniso_diffraction_limit_axis_1_ortho[3]   ? 
_reflns.pdbx_aniso_diffraction_limit_axis_2_ortho[1]   ? 
_reflns.pdbx_aniso_diffraction_limit_axis_2_ortho[2]   ? 
_reflns.pdbx_aniso_diffraction_limit_axis_2_ortho[3]   ? 
_reflns.pdbx_aniso_diffraction_limit_axis_3_ortho[1]   ? 
_reflns.pdbx_aniso_diffraction_limit_axis_3_ortho[2]   ? 
_reflns.pdbx_aniso_diffraction_limit_axis_3_ortho[3]   ? 
_reflns.pdbx_aniso_diffraction_limit_1                 ? 
_reflns.pdbx_aniso_diffraction_limit_2                 ? 
_reflns.pdbx_aniso_diffraction_limit_3                 ? 
_reflns.pdbx_aniso_B_tensor_eigenvector_1_ortho[1]     ? 
_reflns.pdbx_aniso_B_tensor_eigenvector_1_ortho[2]     ? 
_reflns.pdbx_aniso_B_tensor_eigenvector_1_ortho[3]     ? 
_reflns.pdbx_aniso_B_tensor_eigenvector_2_ortho[1]     ? 
_reflns.pdbx_aniso_B_tensor_eigenvector_2_ortho[2]     ? 
_reflns.pdbx_aniso_B_tensor_eigenvector_2_ortho[3]     ? 
_reflns.pdbx_aniso_B_tensor_eigenvector_3_ortho[1]     ? 
_reflns.pdbx_aniso_B_tensor_eigenvector_3_ortho[2]     ? 
_reflns.pdbx_aniso_B_tensor_eigenvector_3_ortho[3]     ? 
_reflns.pdbx_aniso_B_tensor_eigenvalue_1               ? 
_reflns.pdbx_aniso_B_tensor_eigenvalue_2               ? 
_reflns.pdbx_aniso_B_tensor_eigenvalue_3               ? 
_reflns.pdbx_orthogonalization_convention              ? 
_reflns.pdbx_percent_possible_ellipsoidal              ? 
_reflns.pdbx_percent_possible_spherical                ? 
_reflns.pdbx_percent_possible_ellipsoidal_anomalous    ? 
_reflns.pdbx_percent_possible_spherical_anomalous      ? 
_reflns.pdbx_redundancy_anomalous                      ? 
_reflns.pdbx_CC_half_anomalous                         ? 
_reflns.pdbx_absDiff_over_sigma_anomalous              ? 
_reflns.pdbx_percent_possible_anomalous                ? 
_reflns.pdbx_observed_signal_threshold                 ? 
_reflns.pdbx_signal_type                               ? 
_reflns.pdbx_signal_details                            ? 
_reflns.pdbx_signal_software_id                        ? 
# 
_reflns_shell.d_res_high                                    1.5 
_reflns_shell.d_res_low                                     1.554 
_reflns_shell.meanI_over_sigI_all                           ? 
_reflns_shell.meanI_over_sigI_obs                           4.24 
_reflns_shell.number_measured_all                           ? 
_reflns_shell.number_measured_obs                           ? 
_reflns_shell.number_possible                               ? 
_reflns_shell.number_unique_all                             ? 
_reflns_shell.number_unique_obs                             1055 
_reflns_shell.percent_possible_obs                          ? 
_reflns_shell.Rmerge_F_all                                  ? 
_reflns_shell.Rmerge_F_obs                                  ? 
_reflns_shell.meanI_over_sigI_gt                            ? 
_reflns_shell.meanI_over_uI_all                             ? 
_reflns_shell.meanI_over_uI_gt                              ? 
_reflns_shell.number_measured_gt                            ? 
_reflns_shell.number_unique_gt                              ? 
_reflns_shell.percent_possible_gt                           ? 
_reflns_shell.Rmerge_F_gt                                   ? 
_reflns_shell.Rmerge_I_gt                                   ? 
_reflns_shell.pdbx_redundancy                               2 
_reflns_shell.pdbx_chi_squared                              ? 
_reflns_shell.pdbx_netI_over_sigmaI_all                     ? 
_reflns_shell.pdbx_netI_over_sigmaI_obs                     ? 
_reflns_shell.pdbx_Rrim_I_all                               0.2735 
_reflns_shell.pdbx_Rpim_I_all                               0.1934 
_reflns_shell.pdbx_rejects                                  ? 
_reflns_shell.pdbx_ordinal                                  1 
_reflns_shell.pdbx_diffrn_id                                1 
_reflns_shell.pdbx_CC_half                                  0.916 
_reflns_shell.pdbx_CC_star                                  0.978 
_reflns_shell.pdbx_R_split                                  ? 
_reflns_shell.percent_possible_all                          100 
_reflns_shell.Rmerge_I_all                                  ? 
_reflns_shell.Rmerge_I_obs                                  0.1934 
_reflns_shell.pdbx_Rsym_value                               ? 
_reflns_shell.pdbx_percent_possible_ellipsoidal             ? 
_reflns_shell.pdbx_percent_possible_spherical               ? 
_reflns_shell.pdbx_percent_possible_ellipsoidal_anomalous   ? 
_reflns_shell.pdbx_percent_possible_spherical_anomalous     ? 
_reflns_shell.pdbx_redundancy_anomalous                     ? 
_reflns_shell.pdbx_CC_half_anomalous                        ? 
_reflns_shell.pdbx_absDiff_over_sigma_anomalous             ? 
_reflns_shell.pdbx_percent_possible_anomalous               ? 
# 
_refine.aniso_B[1][1]                            ? 
_refine.aniso_B[1][2]                            ? 
_refine.aniso_B[1][3]                            ? 
_refine.aniso_B[2][2]                            ? 
_refine.aniso_B[2][3]                            ? 
_refine.aniso_B[3][3]                            ? 
_refine.B_iso_max                                ? 
_refine.B_iso_mean                               ? 
_refine.B_iso_min                                ? 
_refine.correlation_coeff_Fo_to_Fc               ? 
_refine.correlation_coeff_Fo_to_Fc_free          ? 
_refine.details                                  ? 
_refine.diff_density_max                         ? 
_refine.diff_density_max_esd                     ? 
_refine.diff_density_min                         ? 
_refine.diff_density_min_esd                     ? 
_refine.diff_density_rms                         ? 
_refine.diff_density_rms_esd                     ? 
_refine.entry_id                                 8U78 
_refine.pdbx_refine_id                           'X-RAY DIFFRACTION' 
_refine.ls_abs_structure_details                 ? 
_refine.ls_abs_structure_Flack                   ? 
_refine.ls_abs_structure_Flack_esd               ? 
_refine.ls_abs_structure_Rogers                  ? 
_refine.ls_abs_structure_Rogers_esd              ? 
_refine.ls_d_res_high                            1.50 
_refine.ls_d_res_low                             24.88 
_refine.ls_extinction_coef                       ? 
_refine.ls_extinction_coef_esd                   ? 
_refine.ls_extinction_expression                 ? 
_refine.ls_extinction_method                     ? 
_refine.ls_goodness_of_fit_all                   ? 
_refine.ls_goodness_of_fit_all_esd               ? 
_refine.ls_goodness_of_fit_obs                   ? 
_refine.ls_goodness_of_fit_obs_esd               ? 
_refine.ls_hydrogen_treatment                    ? 
_refine.ls_matrix_type                           ? 
_refine.ls_number_constraints                    ? 
_refine.ls_number_parameters                     ? 
_refine.ls_number_reflns_all                     ? 
_refine.ls_number_reflns_obs                     10318 
_refine.ls_number_reflns_R_free                  1030 
_refine.ls_number_reflns_R_work                  ? 
_refine.ls_number_restraints                     ? 
_refine.ls_percent_reflns_obs                    99.91 
_refine.ls_percent_reflns_R_free                 9.98 
_refine.ls_R_factor_all                          ? 
_refine.ls_R_factor_obs                          0.1574 
_refine.ls_R_factor_R_free                       0.1831 
_refine.ls_R_factor_R_free_error                 ? 
_refine.ls_R_factor_R_free_error_details         ? 
_refine.ls_R_factor_R_work                       0.1544 
_refine.ls_R_Fsqd_factor_obs                     ? 
_refine.ls_R_I_factor_obs                        ? 
_refine.ls_redundancy_reflns_all                 ? 
_refine.ls_redundancy_reflns_obs                 ? 
_refine.ls_restrained_S_all                      ? 
_refine.ls_restrained_S_obs                      ? 
_refine.ls_shift_over_esd_max                    ? 
_refine.ls_shift_over_esd_mean                   ? 
_refine.ls_structure_factor_coef                 ? 
_refine.ls_weighting_details                     ? 
_refine.ls_weighting_scheme                      ? 
_refine.ls_wR_factor_all                         ? 
_refine.ls_wR_factor_obs                         ? 
_refine.ls_wR_factor_R_free                      ? 
_refine.ls_wR_factor_R_work                      ? 
_refine.occupancy_max                            ? 
_refine.occupancy_min                            ? 
_refine.solvent_model_details                    'FLAT BULK SOLVENT MODEL' 
_refine.solvent_model_param_bsol                 ? 
_refine.solvent_model_param_ksol                 ? 
_refine.pdbx_R_complete                          ? 
_refine.ls_R_factor_gt                           ? 
_refine.ls_goodness_of_fit_gt                    ? 
_refine.ls_goodness_of_fit_ref                   ? 
_refine.ls_shift_over_su_max                     ? 
_refine.ls_shift_over_su_max_lt                  ? 
_refine.ls_shift_over_su_mean                    ? 
_refine.ls_shift_over_su_mean_lt                 ? 
_refine.pdbx_ls_sigma_I                          ? 
_refine.pdbx_ls_sigma_F                          1.40 
_refine.pdbx_ls_sigma_Fsqd                       ? 
_refine.pdbx_data_cutoff_high_absF               ? 
_refine.pdbx_data_cutoff_high_rms_absF           ? 
_refine.pdbx_data_cutoff_low_absF                ? 
_refine.pdbx_isotropic_thermal_model             ? 
_refine.pdbx_ls_cross_valid_method               'FREE R-VALUE' 
_refine.pdbx_method_to_determine_struct          SAD 
_refine.pdbx_starting_model                      ? 
_refine.pdbx_stereochemistry_target_values       ML 
_refine.pdbx_R_Free_selection_details            282 
_refine.pdbx_stereochem_target_val_spec_case     ? 
_refine.pdbx_overall_ESU_R                       ? 
_refine.pdbx_overall_ESU_R_Free                  ? 
_refine.pdbx_solvent_vdw_probe_radii             1.10 
_refine.pdbx_solvent_ion_probe_radii             ? 
_refine.pdbx_solvent_shrinkage_radii             0.90 
_refine.pdbx_real_space_R                        ? 
_refine.pdbx_density_correlation                 ? 
_refine.pdbx_pd_number_of_powder_patterns        ? 
_refine.pdbx_pd_number_of_points                 ? 
_refine.pdbx_pd_meas_number_of_points            ? 
_refine.pdbx_pd_proc_ls_prof_R_factor            ? 
_refine.pdbx_pd_proc_ls_prof_wR_factor           ? 
_refine.pdbx_pd_Marquardt_correlation_coeff      ? 
_refine.pdbx_pd_Fsqrd_R_factor                   ? 
_refine.pdbx_pd_ls_matrix_band_width             ? 
_refine.pdbx_overall_phase_error                 22.71 
_refine.pdbx_overall_SU_R_free_Cruickshank_DPI   ? 
_refine.pdbx_overall_SU_R_free_Blow_DPI          ? 
_refine.pdbx_overall_SU_R_Blow_DPI               ? 
_refine.pdbx_TLS_residual_ADP_flag               ? 
_refine.pdbx_diffrn_id                           1 
_refine.overall_SU_B                             ? 
_refine.overall_SU_ML                            0.14 
_refine.overall_SU_R_Cruickshank_DPI             ? 
_refine.overall_SU_R_free                        ? 
_refine.overall_FOM_free_R_set                   ? 
_refine.overall_FOM_work_R_set                   ? 
_refine.pdbx_average_fsc_overall                 ? 
_refine.pdbx_average_fsc_work                    ? 
_refine.pdbx_average_fsc_free                    ? 
# 
_refine_hist.pdbx_refine_id                   'X-RAY DIFFRACTION' 
_refine_hist.cycle_id                         LAST 
_refine_hist.details                          ? 
_refine_hist.d_res_high                       1.50 
_refine_hist.d_res_low                        24.88 
_refine_hist.number_atoms_solvent             74 
_refine_hist.number_atoms_total               802 
_refine_hist.number_reflns_all                ? 
_refine_hist.number_reflns_obs                ? 
_refine_hist.number_reflns_R_free             ? 
_refine_hist.number_reflns_R_work             ? 
_refine_hist.R_factor_all                     ? 
_refine_hist.R_factor_obs                     ? 
_refine_hist.R_factor_R_free                  ? 
_refine_hist.R_factor_R_work                  ? 
_refine_hist.pdbx_number_residues_total       ? 
_refine_hist.pdbx_B_iso_mean_ligand           ? 
_refine_hist.pdbx_B_iso_mean_solvent          ? 
_refine_hist.pdbx_number_atoms_protein        696 
_refine_hist.pdbx_number_atoms_nucleic_acid   0 
_refine_hist.pdbx_number_atoms_ligand         32 
_refine_hist.pdbx_number_atoms_lipid          ? 
_refine_hist.pdbx_number_atoms_carb           ? 
_refine_hist.pdbx_pseudo_atom_details         ? 
# 
loop_
_refine_ls_restr.pdbx_refine_id 
_refine_ls_restr.criterion 
_refine_ls_restr.dev_ideal 
_refine_ls_restr.dev_ideal_target 
_refine_ls_restr.number 
_refine_ls_restr.rejects 
_refine_ls_restr.type 
_refine_ls_restr.weight 
_refine_ls_restr.pdbx_restraint_function 
'X-RAY DIFFRACTION' ? 0.014  ? 713 ? f_bond_d           ? ? 
'X-RAY DIFFRACTION' ? 2.013  ? 944 ? f_angle_d          ? ? 
'X-RAY DIFFRACTION' ? 31.778 ? 122 ? f_dihedral_angle_d ? ? 
'X-RAY DIFFRACTION' ? 0.098  ? 128 ? f_chiral_restr     ? ? 
'X-RAY DIFFRACTION' ? 0.009  ? 104 ? f_plane_restr      ? ? 
# 
loop_
_refine_ls_shell.pdbx_refine_id 
_refine_ls_shell.d_res_high 
_refine_ls_shell.d_res_low 
_refine_ls_shell.number_reflns_all 
_refine_ls_shell.number_reflns_obs 
_refine_ls_shell.number_reflns_R_free 
_refine_ls_shell.number_reflns_R_work 
_refine_ls_shell.percent_reflns_obs 
_refine_ls_shell.percent_reflns_R_free 
_refine_ls_shell.R_factor_all 
_refine_ls_shell.R_factor_obs 
_refine_ls_shell.R_factor_R_free_error 
_refine_ls_shell.R_factor_R_work 
_refine_ls_shell.redundancy_reflns_all 
_refine_ls_shell.redundancy_reflns_obs 
_refine_ls_shell.wR_factor_all 
_refine_ls_shell.wR_factor_obs 
_refine_ls_shell.wR_factor_R_free 
_refine_ls_shell.wR_factor_R_work 
_refine_ls_shell.pdbx_R_complete 
_refine_ls_shell.pdbx_total_number_of_bins_used 
_refine_ls_shell.pdbx_phase_error 
_refine_ls_shell.pdbx_fsc_work 
_refine_ls_shell.pdbx_fsc_free 
_refine_ls_shell.R_factor_R_free 
'X-RAY DIFFRACTION' 1.50 1.58  . . 148 1333 100.00 . . . . 0.2074 . . . . . . . . . . . 0.2578 
'X-RAY DIFFRACTION' 1.58 1.68  . . 147 1339 100.00 . . . . 0.1813 . . . . . . . . . . . 0.2437 
'X-RAY DIFFRACTION' 1.68 1.81  . . 146 1293 100.00 . . . . 0.1857 . . . . . . . . . . . 0.2553 
'X-RAY DIFFRACTION' 1.81 1.99  . . 143 1337 100.00 . . . . 0.1728 . . . . . . . . . . . 0.2248 
'X-RAY DIFFRACTION' 1.99 2.28  . . 142 1336 100.00 . . . . 0.1672 . . . . . . . . . . . 0.2001 
'X-RAY DIFFRACTION' 2.28 2.87  . . 156 1309 100.00 . . . . 0.1562 . . . . . . . . . . . 0.1621 
'X-RAY DIFFRACTION' 2.87 24.88 . . 148 1341 100.00 . . . . 0.1266 . . . . . . . . . . . 0.1491 
# 
_struct.entry_id                     8U78 
_struct.title                        'Structure of a N-Me-D-Gln4,Lys10-teixobactin analogue' 
_struct.pdbx_model_details           ? 
_struct.pdbx_formula_weight          ? 
_struct.pdbx_formula_weight_method   ? 
_struct.pdbx_model_type_details      ? 
_struct.pdbx_CASP_flag               N 
# 
_struct_keywords.entry_id        8U78 
_struct_keywords.text            'antibiotic, teixobactin, teixobactin analogue' 
_struct_keywords.pdbx_keywords   ANTIBIOTIC 
# 
loop_
_struct_asym.id 
_struct_asym.pdbx_blank_PDB_chainid_flag 
_struct_asym.pdbx_modified 
_struct_asym.entity_id 
_struct_asym.details 
A  N N 1 ? 
B  N N 1 ? 
C  N N 1 ? 
D  N N 1 ? 
E  N N 1 ? 
F  N N 1 ? 
G  N N 1 ? 
H  N N 1 ? 
I  N N 2 ? 
J  N N 2 ? 
K  N N 2 ? 
L  N N 2 ? 
M  N N 2 ? 
N  N N 2 ? 
O  N N 2 ? 
P  N N 2 ? 
Q  N N 2 ? 
R  N N 2 ? 
S  N N 2 ? 
T  N N 2 ? 
U  N N 2 ? 
V  N N 3 ? 
W  N N 2 ? 
X  N N 4 ? 
Y  N N 4 ? 
Z  N N 4 ? 
AA N N 4 ? 
BA N N 4 ? 
CA N N 4 ? 
DA N N 4 ? 
EA N N 4 ? 
# 
_struct_ref.id                         1 
_struct_ref.db_name                    PDB 
_struct_ref.db_code                    8U78 
_struct_ref.pdbx_db_accession          8U78 
_struct_ref.pdbx_db_isoform            ? 
_struct_ref.entity_id                  1 
_struct_ref.pdbx_seq_one_letter_code   ? 
_struct_ref.pdbx_align_begin           1 
# 
loop_
_struct_ref_seq.align_id 
_struct_ref_seq.ref_id 
_struct_ref_seq.pdbx_PDB_id_code 
_struct_ref_seq.pdbx_strand_id 
_struct_ref_seq.seq_align_beg 
_struct_ref_seq.pdbx_seq_align_beg_ins_code 
_struct_ref_seq.seq_align_end 
_struct_ref_seq.pdbx_seq_align_end_ins_code 
_struct_ref_seq.pdbx_db_accession 
_struct_ref_seq.db_align_beg 
_struct_ref_seq.pdbx_db_align_beg_ins_code 
_struct_ref_seq.db_align_end 
_struct_ref_seq.pdbx_db_align_end_ins_code 
_struct_ref_seq.pdbx_auth_seq_align_beg 
_struct_ref_seq.pdbx_auth_seq_align_end 
1 1 8U78 A 1 ? 11 ? 8U78 1 ? 11 ? 1 11 
2 1 8U78 B 1 ? 11 ? 8U78 1 ? 11 ? 1 11 
3 1 8U78 C 1 ? 11 ? 8U78 1 ? 11 ? 1 11 
4 1 8U78 D 1 ? 11 ? 8U78 1 ? 11 ? 1 11 
5 1 8U78 E 1 ? 11 ? 8U78 1 ? 11 ? 1 11 
6 1 8U78 F 1 ? 11 ? 8U78 1 ? 11 ? 1 11 
7 1 8U78 G 1 ? 11 ? 8U78 1 ? 11 ? 1 11 
8 1 8U78 H 1 ? 11 ? 8U78 1 ? 11 ? 1 11 
# 
_pdbx_struct_assembly.id                   1 
_pdbx_struct_assembly.details              author_defined_assembly 
_pdbx_struct_assembly.method_details       ? 
_pdbx_struct_assembly.oligomeric_details   octameric 
_pdbx_struct_assembly.oligomeric_count     8 
# 
_pdbx_struct_assembly_gen.assembly_id       1 
_pdbx_struct_assembly_gen.oper_expression   1 
_pdbx_struct_assembly_gen.asym_id_list      A,B,C,D,E,F,G,H,I,J,K,L,M,N,O,P,Q,R,S,T,U,V,W,X,Y,Z,AA,BA,CA,DA,EA 
# 
_pdbx_struct_assembly_auth_evidence.id                     1 
_pdbx_struct_assembly_auth_evidence.assembly_id            1 
_pdbx_struct_assembly_auth_evidence.experimental_support   none 
_pdbx_struct_assembly_auth_evidence.details                ? 
# 
_pdbx_struct_oper_list.id                   1 
_pdbx_struct_oper_list.type                 'identity operation' 
_pdbx_struct_oper_list.name                 1_555 
_pdbx_struct_oper_list.symmetry_operation   x,y,z 
_pdbx_struct_oper_list.matrix[1][1]         1.0000000000 
_pdbx_struct_oper_list.matrix[1][2]         0.0000000000 
_pdbx_struct_oper_list.matrix[1][3]         0.0000000000 
_pdbx_struct_oper_list.vector[1]            0.0000000000 
_pdbx_struct_oper_list.matrix[2][1]         0.0000000000 
_pdbx_struct_oper_list.matrix[2][2]         1.0000000000 
_pdbx_struct_oper_list.matrix[2][3]         0.0000000000 
_pdbx_struct_oper_list.vector[2]            0.0000000000 
_pdbx_struct_oper_list.matrix[3][1]         0.0000000000 
_pdbx_struct_oper_list.matrix[3][2]         0.0000000000 
_pdbx_struct_oper_list.matrix[3][3]         1.0000000000 
_pdbx_struct_oper_list.vector[3]            0.0000000000 
# 
loop_
_struct_conn.id 
_struct_conn.conn_type_id 
_struct_conn.pdbx_leaving_atom_flag 
_struct_conn.pdbx_PDB_id 
_struct_conn.ptnr1_label_asym_id 
_struct_conn.ptnr1_label_comp_id 
_struct_conn.ptnr1_label_seq_id 
_struct_conn.ptnr1_label_atom_id 
_struct_conn.pdbx_ptnr1_label_alt_id 
_struct_conn.pdbx_ptnr1_PDB_ins_code 
_struct_conn.pdbx_ptnr1_standard_comp_id 
_struct_conn.ptnr1_symmetry 
_struct_conn.ptnr2_label_asym_id 
_struct_conn.ptnr2_label_comp_id 
_struct_conn.ptnr2_label_seq_id 
_struct_conn.ptnr2_label_atom_id 
_struct_conn.pdbx_ptnr2_label_alt_id 
_struct_conn.pdbx_ptnr2_PDB_ins_code 
_struct_conn.ptnr1_auth_asym_id 
_struct_conn.ptnr1_auth_comp_id 
_struct_conn.ptnr1_auth_seq_id 
_struct_conn.ptnr2_auth_asym_id 
_struct_conn.ptnr2_auth_comp_id 
_struct_conn.ptnr2_auth_seq_id 
_struct_conn.ptnr2_symmetry 
_struct_conn.pdbx_ptnr3_label_atom_id 
_struct_conn.pdbx_ptnr3_label_seq_id 
_struct_conn.pdbx_ptnr3_label_comp_id 
_struct_conn.pdbx_ptnr3_label_asym_id 
_struct_conn.pdbx_ptnr3_label_alt_id 
_struct_conn.pdbx_ptnr3_PDB_ins_code 
_struct_conn.details 
_struct_conn.pdbx_dist_value 
_struct_conn.pdbx_value_order 
_struct_conn.pdbx_role 
covale1  covale both ? A ZAE 1 C   ? ? ? 1_555 A ILE 2  N ? ? A ZAE 1 A ILE 2  1_555 ? ? ? ? ? ? ? 1.314 ? ? 
covale2  covale both ? A SER 3 C   ? ? ? 1_555 A HJV 4  N ? ? A SER 3 A HJV 4  1_555 ? ? ? ? ? ? ? 1.328 ? ? 
covale3  covale both ? A HJV 4 C   ? ? ? 1_555 A 28J 5  N ? ? A HJV 4 A 28J 5  1_555 ? ? ? ? ? ? ? 1.332 ? ? 
covale4  covale both ? A 28J 5 C   ? ? ? 1_555 A ILE 6  N ? ? A 28J 5 A ILE 6  1_555 ? ? ? ? ? ? ? 1.320 ? ? 
covale5  covale both ? A SER 7 C   ? ? ? 1_555 A DTH 8  N ? ? A SER 7 A DTH 8  1_555 ? ? ? ? ? ? ? 1.324 ? ? 
covale6  covale both ? A DTH 8 C   ? ? ? 1_555 A ALA 9  N ? ? A DTH 8 A ALA 9  1_555 ? ? ? ? ? ? ? 1.324 ? ? 
covale7  covale one  ? A DTH 8 OG1 ? ? ? 1_555 A ILE 11 C ? ? A DTH 8 A ILE 11 1_555 ? ? ? ? ? ? ? 1.315 ? ? 
covale8  covale both ? B ZAE 1 C   ? ? ? 1_555 B ILE 2  N ? ? B ZAE 1 B ILE 2  1_555 ? ? ? ? ? ? ? 1.326 ? ? 
covale9  covale both ? B SER 3 C   ? ? ? 1_555 B HJV 4  N ? ? B SER 3 B HJV 4  1_555 ? ? ? ? ? ? ? 1.322 ? ? 
covale10 covale both ? B HJV 4 C   ? ? ? 1_555 B 28J 5  N ? ? B HJV 4 B 28J 5  1_555 ? ? ? ? ? ? ? 1.332 ? ? 
covale11 covale both ? B 28J 5 C   ? ? ? 1_555 B ILE 6  N ? ? B 28J 5 B ILE 6  1_555 ? ? ? ? ? ? ? 1.329 ? ? 
covale12 covale both ? B SER 7 C   ? ? ? 1_555 B DTH 8  N ? ? B SER 7 B DTH 8  1_555 ? ? ? ? ? ? ? 1.343 ? ? 
covale13 covale both ? B DTH 8 C   ? ? ? 1_555 B ALA 9  N ? ? B DTH 8 B ALA 9  1_555 ? ? ? ? ? ? ? 1.314 ? ? 
covale14 covale one  ? B DTH 8 OG1 ? ? ? 1_555 B ILE 11 C ? ? B DTH 8 B ILE 11 1_555 ? ? ? ? ? ? ? 1.354 ? ? 
covale15 covale both ? C ZAE 1 C   ? ? ? 1_555 C ILE 2  N ? ? C ZAE 1 C ILE 2  1_555 ? ? ? ? ? ? ? 1.334 ? ? 
covale16 covale both ? C SER 3 C   ? ? ? 1_555 C HJV 4  N ? ? C SER 3 C HJV 4  1_555 ? ? ? ? ? ? ? 1.327 ? ? 
covale17 covale both ? C HJV 4 C   ? ? ? 1_555 C 28J 5  N ? ? C HJV 4 C 28J 5  1_555 ? ? ? ? ? ? ? 1.325 ? ? 
covale18 covale both ? C 28J 5 C   ? ? ? 1_555 C ILE 6  N ? ? C 28J 5 C ILE 6  1_555 ? ? ? ? ? ? ? 1.310 ? ? 
covale19 covale both ? C SER 7 C   ? ? ? 1_555 C DTH 8  N ? ? C SER 7 C DTH 8  1_555 ? ? ? ? ? ? ? 1.323 ? ? 
covale20 covale both ? C DTH 8 C   ? ? ? 1_555 C ALA 9  N ? ? C DTH 8 C ALA 9  1_555 ? ? ? ? ? ? ? 1.334 ? ? 
covale21 covale one  ? C DTH 8 OG1 ? ? ? 1_555 C ILE 11 C ? ? C DTH 8 C ILE 11 1_555 ? ? ? ? ? ? ? 1.287 ? ? 
covale22 covale both ? D ZAE 1 C   ? ? ? 1_555 D ILE 2  N ? ? D ZAE 1 D ILE 2  1_555 ? ? ? ? ? ? ? 1.318 ? ? 
covale23 covale both ? D SER 3 C   ? ? ? 1_555 D HJV 4  N ? ? D SER 3 D HJV 4  1_555 ? ? ? ? ? ? ? 1.330 ? ? 
covale24 covale both ? D HJV 4 C   ? ? ? 1_555 D 28J 5  N ? ? D HJV 4 D 28J 5  1_555 ? ? ? ? ? ? ? 1.321 ? ? 
covale25 covale both ? D 28J 5 C   ? ? ? 1_555 D ILE 6  N ? ? D 28J 5 D ILE 6  1_555 ? ? ? ? ? ? ? 1.324 ? ? 
covale26 covale both ? D SER 7 C   ? ? ? 1_555 D DTH 8  N ? ? D SER 7 D DTH 8  1_555 ? ? ? ? ? ? ? 1.328 ? ? 
covale27 covale both ? D DTH 8 C   ? ? ? 1_555 D ALA 9  N ? ? D DTH 8 D ALA 9  1_555 ? ? ? ? ? ? ? 1.334 ? ? 
covale28 covale one  ? D DTH 8 OG1 ? ? ? 1_555 D ILE 11 C ? ? D DTH 8 D ILE 11 1_555 ? ? ? ? ? ? ? 1.306 ? ? 
covale29 covale both ? E ZAE 1 C   ? ? ? 1_555 E ILE 2  N ? ? E ZAE 1 E ILE 2  1_555 ? ? ? ? ? ? ? 1.331 ? ? 
covale30 covale both ? E SER 3 C   ? ? ? 1_555 E HJV 4  N ? ? E SER 3 E HJV 4  1_555 ? ? ? ? ? ? ? 1.320 ? ? 
covale31 covale both ? E HJV 4 C   ? ? ? 1_555 E 28J 5  N ? ? E HJV 4 E 28J 5  1_555 ? ? ? ? ? ? ? 1.319 ? ? 
covale32 covale both ? E 28J 5 C   ? ? ? 1_555 E ILE 6  N ? ? E 28J 5 E ILE 6  1_555 ? ? ? ? ? ? ? 1.318 ? ? 
covale33 covale both ? E SER 7 C   ? ? ? 1_555 E DTH 8  N ? ? E SER 7 E DTH 8  1_555 ? ? ? ? ? ? ? 1.327 ? ? 
covale34 covale both ? E DTH 8 C   ? ? ? 1_555 E ALA 9  N ? ? E DTH 8 E ALA 9  1_555 ? ? ? ? ? ? ? 1.316 ? ? 
covale35 covale one  ? E DTH 8 OG1 ? ? ? 1_555 E ILE 11 C ? ? E DTH 8 E ILE 11 1_555 ? ? ? ? ? ? ? 1.277 ? ? 
covale36 covale both ? F ZAE 1 C   ? ? ? 1_555 F ILE 2  N ? ? F ZAE 1 F ILE 2  1_555 ? ? ? ? ? ? ? 1.324 ? ? 
covale37 covale both ? F SER 3 C   ? ? ? 1_555 F HJV 4  N ? ? F SER 3 F HJV 4  1_555 ? ? ? ? ? ? ? 1.326 ? ? 
covale38 covale both ? F HJV 4 C   ? ? ? 1_555 F 28J 5  N ? ? F HJV 4 F 28J 5  1_555 ? ? ? ? ? ? ? 1.323 ? ? 
covale39 covale both ? F 28J 5 C   ? ? ? 1_555 F ILE 6  N ? ? F 28J 5 F ILE 6  1_555 ? ? ? ? ? ? ? 1.320 ? ? 
covale40 covale both ? F SER 7 C   ? ? ? 1_555 F DTH 8  N ? ? F SER 7 F DTH 8  1_555 ? ? ? ? ? ? ? 1.319 ? ? 
covale41 covale both ? F DTH 8 C   ? ? ? 1_555 F ALA 9  N ? ? F DTH 8 F ALA 9  1_555 ? ? ? ? ? ? ? 1.333 ? ? 
covale42 covale one  ? F DTH 8 OG1 ? ? ? 1_555 F ILE 11 C ? ? F DTH 8 F ILE 11 1_555 ? ? ? ? ? ? ? 1.310 ? ? 
covale43 covale both ? G ZAE 1 C   ? ? ? 1_555 G ILE 2  N ? ? G ZAE 1 G ILE 2  1_555 ? ? ? ? ? ? ? 1.323 ? ? 
covale44 covale both ? G SER 3 C   ? ? ? 1_555 G HJV 4  N ? ? G SER 3 G HJV 4  1_555 ? ? ? ? ? ? ? 1.328 ? ? 
covale45 covale both ? G HJV 4 C   ? ? ? 1_555 G 28J 5  N ? ? G HJV 4 G 28J 5  1_555 ? ? ? ? ? ? ? 1.321 ? ? 
covale46 covale both ? G 28J 5 C   ? ? ? 1_555 G ILE 6  N ? ? G 28J 5 G ILE 6  1_555 ? ? ? ? ? ? ? 1.324 ? ? 
covale47 covale both ? G SER 7 C   ? ? ? 1_555 G DTH 8  N ? ? G SER 7 G DTH 8  1_555 ? ? ? ? ? ? ? 1.325 ? ? 
covale48 covale both ? G DTH 8 C   ? ? ? 1_555 G ALA 9  N ? ? G DTH 8 G ALA 9  1_555 ? ? ? ? ? ? ? 1.330 ? ? 
covale49 covale one  ? G DTH 8 OG1 ? ? ? 1_555 G ILE 11 C ? ? G DTH 8 G ILE 11 1_555 ? ? ? ? ? ? ? 1.245 ? ? 
covale50 covale both ? H ZAE 1 C   ? ? ? 1_555 H ILE 2  N ? ? H ZAE 1 H ILE 2  1_555 ? ? ? ? ? ? ? 1.317 ? ? 
covale51 covale both ? H SER 3 C   ? ? ? 1_555 H HJV 4  N ? ? H SER 3 H HJV 4  1_555 ? ? ? ? ? ? ? 1.311 ? ? 
covale52 covale both ? H HJV 4 C   ? ? ? 1_555 H 28J 5  N ? ? H HJV 4 H 28J 5  1_555 ? ? ? ? ? ? ? 1.330 ? ? 
covale53 covale both ? H 28J 5 C   ? ? ? 1_555 H ILE 6  N ? ? H 28J 5 H ILE 6  1_555 ? ? ? ? ? ? ? 1.331 ? ? 
covale54 covale both ? H SER 7 C   ? ? ? 1_555 H DTH 8  N ? ? H SER 7 H DTH 8  1_555 ? ? ? ? ? ? ? 1.332 ? ? 
covale55 covale both ? H DTH 8 C   ? ? ? 1_555 H ALA 9  N ? ? H DTH 8 H ALA 9  1_555 ? ? ? ? ? ? ? 1.325 ? ? 
covale56 covale one  ? H DTH 8 OG1 ? ? ? 1_555 H ILE 11 C ? ? H DTH 8 H ILE 11 1_555 ? ? ? ? ? ? ? 1.268 ? ? 
# 
_struct_conn_type.id          covale 
_struct_conn_type.criteria    ? 
_struct_conn_type.reference   ? 
# 
loop_
_pdbx_validate_close_contact.id 
_pdbx_validate_close_contact.PDB_model_num 
_pdbx_validate_close_contact.auth_atom_id_1 
_pdbx_validate_close_contact.auth_asym_id_1 
_pdbx_validate_close_contact.auth_comp_id_1 
_pdbx_validate_close_contact.auth_seq_id_1 
_pdbx_validate_close_contact.PDB_ins_code_1 
_pdbx_validate_close_contact.label_alt_id_1 
_pdbx_validate_close_contact.auth_atom_id_2 
_pdbx_validate_close_contact.auth_asym_id_2 
_pdbx_validate_close_contact.auth_comp_id_2 
_pdbx_validate_close_contact.auth_seq_id_2 
_pdbx_validate_close_contact.PDB_ins_code_2 
_pdbx_validate_close_contact.label_alt_id_2 
_pdbx_validate_close_contact.dist 
1 1 H10 C HJV 4   ? ? O C HOH 201 ? ? 1.32 
2 1 O   B HOH 202 ? ? O B HOH 204 ? ? 1.83 
3 1 O   F HOH 210 ? ? O F HOH 211 ? ? 2.06 
4 1 NE2 C HJV 4   ? ? O C HOH 201 ? ? 2.12 
5 1 NE2 C HJV 4   ? ? O C HOH 202 ? ? 2.12 
6 1 O   E HOH 209 ? ? O F HOH 202 ? ? 2.13 
7 1 OG1 G DTH 8   ? ? O G ILE 11  ? ? 2.18 
8 1 O   F HOH 202 ? ? O F HOH 207 ? ? 2.18 
# 
_pdbx_validate_symm_contact.id                1 
_pdbx_validate_symm_contact.PDB_model_num     1 
_pdbx_validate_symm_contact.auth_atom_id_1    O 
_pdbx_validate_symm_contact.auth_asym_id_1    F 
_pdbx_validate_symm_contact.auth_comp_id_1    HOH 
_pdbx_validate_symm_contact.auth_seq_id_1     203 
_pdbx_validate_symm_contact.PDB_ins_code_1    ? 
_pdbx_validate_symm_contact.label_alt_id_1    ? 
_pdbx_validate_symm_contact.site_symmetry_1   1_555 
_pdbx_validate_symm_contact.auth_atom_id_2    O 
_pdbx_validate_symm_contact.auth_asym_id_2    F 
_pdbx_validate_symm_contact.auth_comp_id_2    HOH 
_pdbx_validate_symm_contact.auth_seq_id_2     204 
_pdbx_validate_symm_contact.PDB_ins_code_2    ? 
_pdbx_validate_symm_contact.label_alt_id_2    ? 
_pdbx_validate_symm_contact.site_symmetry_2   1_565 
_pdbx_validate_symm_contact.dist              1.79 
# 
loop_
_pdbx_validate_torsion.id 
_pdbx_validate_torsion.PDB_model_num 
_pdbx_validate_torsion.auth_comp_id 
_pdbx_validate_torsion.auth_asym_id 
_pdbx_validate_torsion.auth_seq_id 
_pdbx_validate_torsion.PDB_ins_code 
_pdbx_validate_torsion.label_alt_id 
_pdbx_validate_torsion.phi 
_pdbx_validate_torsion.psi 
1 1 HJV E 4 ? ? 92.94  -58.94 
2 1 HJV G 4 ? ? 110.57 -61.61 
# 
_pdbx_molecule_features.prd_id    PRD_002532 
_pdbx_molecule_features.name      N-Methyl-D-Gln4,Lys10-teixobactin 
_pdbx_molecule_features.type      Peptide-like 
_pdbx_molecule_features.class     Antibiotic 
_pdbx_molecule_features.details   ? 
# 
_pdbx_molecule.instance_id   1 
_pdbx_molecule.prd_id        PRD_002532 
_pdbx_molecule.asym_id       A 
# 
loop_
_space_group_symop.id 
_space_group_symop.operation_xyz 
1 x,y,z       
2 -y,x,z+3/4  
3 y,-x,z+1/4  
4 -x,-y,z+1/2 
# 
_pdbx_entry_details.entry_id                   8U78 
_pdbx_entry_details.nonpolymer_details         ? 
_pdbx_entry_details.sequence_details           ? 
_pdbx_entry_details.compound_details           ? 
_pdbx_entry_details.source_details             ? 
_pdbx_entry_details.has_ligand_of_interest     N 
_pdbx_entry_details.has_protein_modification   ? 
# 
loop_
_chem_comp_atom.comp_id 
_chem_comp_atom.atom_id 
_chem_comp_atom.type_symbol 
_chem_comp_atom.pdbx_aromatic_flag 
_chem_comp_atom.pdbx_stereo_config 
_chem_comp_atom.pdbx_ordinal 
28J N    N  N N 1   
28J CA   C  N R 2   
28J CB   C  N S 3   
28J CG2  C  N N 4   
28J CG1  C  N N 5   
28J CD1  C  N N 6   
28J C    C  N N 7   
28J O    O  N N 8   
28J H    H  N N 9   
28J HA   H  N N 10  
28J H22  H  N N 11  
28J H23  H  N N 12  
28J H24  H  N N 13  
28J H25  H  N N 14  
28J H26  H  N N 15  
28J H27  H  N N 16  
28J H28  H  N N 17  
28J H29  H  N N 18  
28J H30  H  N N 19  
28J H2   H  N N 20  
28J OXT  O  N N 21  
28J HXT  H  N N 22  
ALA N    N  N N 23  
ALA CA   C  N S 24  
ALA C    C  N N 25  
ALA O    O  N N 26  
ALA CB   C  N N 27  
ALA OXT  O  N N 28  
ALA H    H  N N 29  
ALA H2   H  N N 30  
ALA HA   H  N N 31  
ALA HB1  H  N N 32  
ALA HB2  H  N N 33  
ALA HB3  H  N N 34  
ALA HXT  H  N N 35  
CL  CL   CL N N 36  
DTH N    N  N N 37  
DTH CA   C  N R 38  
DTH CB   C  N S 39  
DTH CG2  C  N N 40  
DTH OG1  O  N N 41  
DTH C    C  N N 42  
DTH O    O  N N 43  
DTH OXT  O  N N 44  
DTH H    H  N N 45  
DTH H2   H  N N 46  
DTH HA   H  N N 47  
DTH HB   H  N N 48  
DTH HG21 H  N N 49  
DTH HG22 H  N N 50  
DTH HG23 H  N N 51  
DTH HG1  H  N N 52  
DTH HXT  H  N N 53  
HJV CN   C  N N 54  
HJV N    N  N N 55  
HJV CA   C  N R 56  
HJV CB   C  N N 57  
HJV CG   C  N N 58  
HJV CD   C  N N 59  
HJV NE2  N  N N 60  
HJV OE1  O  N N 61  
HJV C    C  N N 62  
HJV O    O  N N 63  
HJV OXT  O  N N 64  
HJV HN11 H  N N 65  
HJV HN12 H  N N 66  
HJV HN13 H  N N 67  
HJV H    H  N N 68  
HJV HA   H  N N 69  
HJV HB2  H  N N 70  
HJV HB1  H  N N 71  
HJV HG2  H  N N 72  
HJV HG1  H  N N 73  
HJV H11  H  N N 74  
HJV H10  H  N N 75  
HJV HXT  H  N N 76  
HOH O    O  N N 77  
HOH H1   H  N N 78  
HOH H2   H  N N 79  
ILE N    N  N N 80  
ILE CA   C  N S 81  
ILE C    C  N N 82  
ILE O    O  N N 83  
ILE CB   C  N S 84  
ILE CG1  C  N N 85  
ILE CG2  C  N N 86  
ILE CD1  C  N N 87  
ILE OXT  O  N N 88  
ILE H    H  N N 89  
ILE H2   H  N N 90  
ILE HA   H  N N 91  
ILE HB   H  N N 92  
ILE HG12 H  N N 93  
ILE HG13 H  N N 94  
ILE HG21 H  N N 95  
ILE HG22 H  N N 96  
ILE HG23 H  N N 97  
ILE HD11 H  N N 98  
ILE HD12 H  N N 99  
ILE HD13 H  N N 100 
ILE HXT  H  N N 101 
LYS N    N  N N 102 
LYS CA   C  N S 103 
LYS C    C  N N 104 
LYS O    O  N N 105 
LYS CB   C  N N 106 
LYS CG   C  N N 107 
LYS CD   C  N N 108 
LYS CE   C  N N 109 
LYS NZ   N  N N 110 
LYS OXT  O  N N 111 
LYS H    H  N N 112 
LYS H2   H  N N 113 
LYS HA   H  N N 114 
LYS HB2  H  N N 115 
LYS HB3  H  N N 116 
LYS HG2  H  N N 117 
LYS HG3  H  N N 118 
LYS HD2  H  N N 119 
LYS HD3  H  N N 120 
LYS HE2  H  N N 121 
LYS HE3  H  N N 122 
LYS HZ1  H  N N 123 
LYS HZ2  H  N N 124 
LYS HZ3  H  N N 125 
LYS HXT  H  N N 126 
PG6 C1   C  N N 127 
PG6 O1   O  N N 128 
PG6 C2   C  N N 129 
PG6 C3   C  N N 130 
PG6 O2   O  N N 131 
PG6 C4   C  N N 132 
PG6 C5   C  N N 133 
PG6 O3   O  N N 134 
PG6 C6   C  N N 135 
PG6 C7   C  N N 136 
PG6 O4   O  N N 137 
PG6 C8   C  N N 138 
PG6 C9   C  N N 139 
PG6 O5   O  N N 140 
PG6 C10  C  N N 141 
PG6 C11  C  N N 142 
PG6 O6   O  N N 143 
PG6 C12  C  N N 144 
PG6 H11  H  N N 145 
PG6 H12  H  N N 146 
PG6 H13  H  N N 147 
PG6 H21  H  N N 148 
PG6 H22  H  N N 149 
PG6 H31  H  N N 150 
PG6 H32  H  N N 151 
PG6 H41  H  N N 152 
PG6 H42  H  N N 153 
PG6 H51  H  N N 154 
PG6 H52  H  N N 155 
PG6 H61  H  N N 156 
PG6 H62  H  N N 157 
PG6 H71  H  N N 158 
PG6 H72  H  N N 159 
PG6 H81  H  N N 160 
PG6 H82  H  N N 161 
PG6 H91  H  N N 162 
PG6 H92  H  N N 163 
PG6 H101 H  N N 164 
PG6 H102 H  N N 165 
PG6 H111 H  N N 166 
PG6 H112 H  N N 167 
PG6 H121 H  N N 168 
PG6 H122 H  N N 169 
PG6 H123 H  N N 170 
SER N    N  N N 171 
SER CA   C  N S 172 
SER C    C  N N 173 
SER O    O  N N 174 
SER CB   C  N N 175 
SER OG   O  N N 176 
SER OXT  O  N N 177 
SER H    H  N N 178 
SER H2   H  N N 179 
SER HA   H  N N 180 
SER HB2  H  N N 181 
SER HB3  H  N N 182 
SER HG   H  N N 183 
SER HXT  H  N N 184 
ZAE N    N  N N 185 
ZAE CA   C  N R 186 
ZAE C    C  N N 187 
ZAE O    O  N N 188 
ZAE OXT  O  N N 189 
ZAE CB   C  N N 190 
ZAE CG   C  Y N 191 
ZAE CD1  C  Y N 192 
ZAE CD2  C  Y N 193 
ZAE CE1  C  Y N 194 
ZAE CE2  C  Y N 195 
ZAE CZ   C  Y N 196 
ZAE C10  C  N N 197 
ZAE H    H  N N 198 
ZAE HA   H  N N 199 
ZAE HXT  H  N N 200 
ZAE HB2  H  N N 201 
ZAE HB3  H  N N 202 
ZAE HD1  H  N N 203 
ZAE HD2  H  N N 204 
ZAE HE1  H  N N 205 
ZAE HE2  H  N N 206 
ZAE HZ   H  N N 207 
ZAE H11  H  N N 208 
ZAE H12  H  N N 209 
ZAE H13  H  N N 210 
# 
loop_
_chem_comp_bond.comp_id 
_chem_comp_bond.atom_id_1 
_chem_comp_bond.atom_id_2 
_chem_comp_bond.value_order 
_chem_comp_bond.pdbx_aromatic_flag 
_chem_comp_bond.pdbx_stereo_config 
_chem_comp_bond.pdbx_ordinal 
28J CG2 CB   sing N N 1   
28J CB  CG1  sing N N 2   
28J CB  CA   sing N N 3   
28J CG1 CD1  sing N N 4   
28J CA  N    sing N N 5   
28J CA  C    sing N N 6   
28J C   O    doub N N 7   
28J N   H    sing N N 8   
28J CA  HA   sing N N 9   
28J CB  H22  sing N N 10  
28J CG2 H23  sing N N 11  
28J CG2 H24  sing N N 12  
28J CG2 H25  sing N N 13  
28J CG1 H26  sing N N 14  
28J CG1 H27  sing N N 15  
28J CD1 H28  sing N N 16  
28J CD1 H29  sing N N 17  
28J CD1 H30  sing N N 18  
28J N   H2   sing N N 19  
28J C   OXT  sing N N 20  
28J OXT HXT  sing N N 21  
ALA N   CA   sing N N 22  
ALA N   H    sing N N 23  
ALA N   H2   sing N N 24  
ALA CA  C    sing N N 25  
ALA CA  CB   sing N N 26  
ALA CA  HA   sing N N 27  
ALA C   O    doub N N 28  
ALA C   OXT  sing N N 29  
ALA CB  HB1  sing N N 30  
ALA CB  HB2  sing N N 31  
ALA CB  HB3  sing N N 32  
ALA OXT HXT  sing N N 33  
DTH N   CA   sing N N 34  
DTH N   H    sing N N 35  
DTH N   H2   sing N N 36  
DTH CA  CB   sing N N 37  
DTH CA  C    sing N N 38  
DTH CA  HA   sing N N 39  
DTH CB  CG2  sing N N 40  
DTH CB  OG1  sing N N 41  
DTH CB  HB   sing N N 42  
DTH CG2 HG21 sing N N 43  
DTH CG2 HG22 sing N N 44  
DTH CG2 HG23 sing N N 45  
DTH OG1 HG1  sing N N 46  
DTH C   O    doub N N 47  
DTH C   OXT  sing N N 48  
DTH OXT HXT  sing N N 49  
HJV CG  CD   sing N N 50  
HJV CG  CB   sing N N 51  
HJV NE2 CD   sing N N 52  
HJV CD  OE1  doub N N 53  
HJV CB  CA   sing N N 54  
HJV C   CA   sing N N 55  
HJV C   O    doub N N 56  
HJV CA  N    sing N N 57  
HJV CN  N    sing N N 58  
HJV C   OXT  sing N N 59  
HJV CN  HN11 sing N N 60  
HJV CN  HN12 sing N N 61  
HJV CN  HN13 sing N N 62  
HJV N   H    sing N N 63  
HJV CA  HA   sing N N 64  
HJV CB  HB2  sing N N 65  
HJV CB  HB1  sing N N 66  
HJV CG  HG2  sing N N 67  
HJV CG  HG1  sing N N 68  
HJV NE2 H11  sing N N 69  
HJV NE2 H10  sing N N 70  
HJV OXT HXT  sing N N 71  
HOH O   H1   sing N N 72  
HOH O   H2   sing N N 73  
ILE N   CA   sing N N 74  
ILE N   H    sing N N 75  
ILE N   H2   sing N N 76  
ILE CA  C    sing N N 77  
ILE CA  CB   sing N N 78  
ILE CA  HA   sing N N 79  
ILE C   O    doub N N 80  
ILE C   OXT  sing N N 81  
ILE CB  CG1  sing N N 82  
ILE CB  CG2  sing N N 83  
ILE CB  HB   sing N N 84  
ILE CG1 CD1  sing N N 85  
ILE CG1 HG12 sing N N 86  
ILE CG1 HG13 sing N N 87  
ILE CG2 HG21 sing N N 88  
ILE CG2 HG22 sing N N 89  
ILE CG2 HG23 sing N N 90  
ILE CD1 HD11 sing N N 91  
ILE CD1 HD12 sing N N 92  
ILE CD1 HD13 sing N N 93  
ILE OXT HXT  sing N N 94  
LYS N   CA   sing N N 95  
LYS N   H    sing N N 96  
LYS N   H2   sing N N 97  
LYS CA  C    sing N N 98  
LYS CA  CB   sing N N 99  
LYS CA  HA   sing N N 100 
LYS C   O    doub N N 101 
LYS C   OXT  sing N N 102 
LYS CB  CG   sing N N 103 
LYS CB  HB2  sing N N 104 
LYS CB  HB3  sing N N 105 
LYS CG  CD   sing N N 106 
LYS CG  HG2  sing N N 107 
LYS CG  HG3  sing N N 108 
LYS CD  CE   sing N N 109 
LYS CD  HD2  sing N N 110 
LYS CD  HD3  sing N N 111 
LYS CE  NZ   sing N N 112 
LYS CE  HE2  sing N N 113 
LYS CE  HE3  sing N N 114 
LYS NZ  HZ1  sing N N 115 
LYS NZ  HZ2  sing N N 116 
LYS NZ  HZ3  sing N N 117 
LYS OXT HXT  sing N N 118 
PG6 C1  O1   sing N N 119 
PG6 C1  H11  sing N N 120 
PG6 C1  H12  sing N N 121 
PG6 C1  H13  sing N N 122 
PG6 O1  C2   sing N N 123 
PG6 C2  C3   sing N N 124 
PG6 C2  H21  sing N N 125 
PG6 C2  H22  sing N N 126 
PG6 C3  O2   sing N N 127 
PG6 C3  H31  sing N N 128 
PG6 C3  H32  sing N N 129 
PG6 O2  C4   sing N N 130 
PG6 C4  C5   sing N N 131 
PG6 C4  H41  sing N N 132 
PG6 C4  H42  sing N N 133 
PG6 C5  O3   sing N N 134 
PG6 C5  H51  sing N N 135 
PG6 C5  H52  sing N N 136 
PG6 O3  C6   sing N N 137 
PG6 C6  C7   sing N N 138 
PG6 C6  H61  sing N N 139 
PG6 C6  H62  sing N N 140 
PG6 C7  O4   sing N N 141 
PG6 C7  H71  sing N N 142 
PG6 C7  H72  sing N N 143 
PG6 O4  C8   sing N N 144 
PG6 C8  C9   sing N N 145 
PG6 C8  H81  sing N N 146 
PG6 C8  H82  sing N N 147 
PG6 C9  O5   sing N N 148 
PG6 C9  H91  sing N N 149 
PG6 C9  H92  sing N N 150 
PG6 O5  C10  sing N N 151 
PG6 C10 C11  sing N N 152 
PG6 C10 H101 sing N N 153 
PG6 C10 H102 sing N N 154 
PG6 C11 O6   sing N N 155 
PG6 C11 H111 sing N N 156 
PG6 C11 H112 sing N N 157 
PG6 O6  C12  sing N N 158 
PG6 C12 H121 sing N N 159 
PG6 C12 H122 sing N N 160 
PG6 C12 H123 sing N N 161 
SER N   CA   sing N N 162 
SER N   H    sing N N 163 
SER N   H2   sing N N 164 
SER CA  C    sing N N 165 
SER CA  CB   sing N N 166 
SER CA  HA   sing N N 167 
SER C   O    doub N N 168 
SER C   OXT  sing N N 169 
SER CB  OG   sing N N 170 
SER CB  HB2  sing N N 171 
SER CB  HB3  sing N N 172 
SER OG  HG   sing N N 173 
SER OXT HXT  sing N N 174 
ZAE N   CA   sing N N 175 
ZAE N   C10  sing N N 176 
ZAE N   H    sing N N 177 
ZAE CA  C    sing N N 178 
ZAE CA  CB   sing N N 179 
ZAE CA  HA   sing N N 180 
ZAE C   O    doub N N 181 
ZAE C   OXT  sing N N 182 
ZAE OXT HXT  sing N N 183 
ZAE CB  CG   sing N N 184 
ZAE CB  HB2  sing N N 185 
ZAE CB  HB3  sing N N 186 
ZAE CG  CD1  doub Y N 187 
ZAE CG  CD2  sing Y N 188 
ZAE CD1 CE1  sing Y N 189 
ZAE CD1 HD1  sing N N 190 
ZAE CD2 CE2  doub Y N 191 
ZAE CD2 HD2  sing N N 192 
ZAE CE1 CZ   doub Y N 193 
ZAE CE1 HE1  sing N N 194 
ZAE CE2 CZ   sing Y N 195 
ZAE CE2 HE2  sing N N 196 
ZAE CZ  HZ   sing N N 197 
ZAE C10 H11  sing N N 198 
ZAE C10 H12  sing N N 199 
ZAE C10 H13  sing N N 200 
# 
loop_
_pdbx_audit_support.funding_organization 
_pdbx_audit_support.country 
_pdbx_audit_support.grant_number 
_pdbx_audit_support.ordinal 
'National Institutes of Health/National Institute Of Allergy and Infectious Diseases (NIH/NIAID)' 'United States' AI121548 1 
'National Institutes of Health/National Institute Of Allergy and Infectious Diseases (NIH/NIAID)' 'United States' AI137258 2 
# 
_pdbx_initial_refinement_model.id               1 
_pdbx_initial_refinement_model.entity_id_list   ? 
_pdbx_initial_refinement_model.type             'experimental model' 
_pdbx_initial_refinement_model.source_name      Other 
_pdbx_initial_refinement_model.accession_code   ? 
_pdbx_initial_refinement_model.details          'SAD PHASED STRUCTURE' 
# 
_space_group.name_H-M_alt     'P 43' 
_space_group.name_Hall        'P 4cw' 
_space_group.IT_number        78 
_space_group.crystal_system   tetragonal 
_space_group.id               1 
# 
_atom_sites.entry_id                    8U78 
_atom_sites.Cartn_transf_matrix[1][1]   ? 
_atom_sites.Cartn_transf_matrix[1][2]   ? 
_atom_sites.Cartn_transf_matrix[1][3]   ? 
_atom_sites.Cartn_transf_matrix[2][1]   ? 
_atom_sites.Cartn_transf_matrix[2][2]   ? 
_atom_sites.Cartn_transf_matrix[2][3]   ? 
_atom_sites.Cartn_transf_matrix[3][1]   ? 
_atom_sites.Cartn_transf_matrix[3][2]   ? 
_atom_sites.Cartn_transf_matrix[3][3]   ? 
_atom_sites.Cartn_transf_vector[1]      ? 
_atom_sites.Cartn_transf_vector[2]      ? 
_atom_sites.Cartn_transf_vector[3]      ? 
_atom_sites.Cartn_transform_axes        ? 
_atom_sites.fract_transf_matrix[1][1]   -0.02666639 
_atom_sites.fract_transf_matrix[1][2]   0.02277442 
_atom_sites.fract_transf_matrix[1][3]   0.01963943 
_atom_sites.fract_transf_matrix[2][1]   0.01465944 
_atom_sites.fract_transf_matrix[2][2]   0.03276279 
_atom_sites.fract_transf_matrix[2][3]   -0.01808805 
_atom_sites.fract_transf_matrix[3][1]   -0.00614492 
_atom_sites.fract_transf_matrix[3][2]   -0.00113211 
_atom_sites.fract_transf_matrix[3][3]   -0.00703073 
_atom_sites.fract_transf_vector[1]      0.779524 
_atom_sites.fract_transf_vector[2]      0.681688 
_atom_sites.fract_transf_vector[3]      0.531151 
_atom_sites.solution_primary            ? 
_atom_sites.solution_secondary          ? 
_atom_sites.solution_hydrogens          ? 
_atom_sites.special_details             ? 
# 
loop_
_atom_type.symbol 
_atom_type.scat_dispersion_real 
_atom_type.scat_dispersion_imag 
_atom_type.scat_Cromer_Mann_a1 
_atom_type.scat_Cromer_Mann_a2 
_atom_type.scat_Cromer_Mann_a3 
_atom_type.scat_Cromer_Mann_a4 
_atom_type.scat_Cromer_Mann_b1 
_atom_type.scat_Cromer_Mann_b2 
_atom_type.scat_Cromer_Mann_b3 
_atom_type.scat_Cromer_Mann_b4 
_atom_type.scat_Cromer_Mann_c 
_atom_type.scat_source 
_atom_type.scat_dispersion_source 
C  ? ? 3.54356 2.42580 ? ? 25.62398 1.50364  ? ? 0.0 
;2-Gaussian fit: Grosse-Kunstleve RW, Sauter NK, Adams PD: Newsletter of the IUCr Commission on Crystallographic Computing 2004, 3, 22-31.
;
? 
CL ? ? 9.50761 7.44341 ? ? 1.04373  23.83732 ? ? 0.0 
;2-Gaussian fit: Grosse-Kunstleve RW, Sauter NK, Adams PD: Newsletter of the IUCr Commission on Crystallographic Computing 2004, 3, 22-31.
;
? 
H  ? ? 0.51345 0.48472 ? ? 24.73122 6.32584  ? ? 0.0 
;2-Gaussian fit: Grosse-Kunstleve RW, Sauter NK, Adams PD: Newsletter of the IUCr Commission on Crystallographic Computing 2004, 3, 22-31.
;
? 
N  ? ? 4.01032 2.96436 ? ? 19.97189 1.75589  ? ? 0.0 
;2-Gaussian fit: Grosse-Kunstleve RW, Sauter NK, Adams PD: Newsletter of the IUCr Commission on Crystallographic Computing 2004, 3, 22-31.
;
? 
O  ? ? 4.49882 3.47563 ? ? 15.80542 1.70748  ? ? 0.0 
;2-Gaussian fit: Grosse-Kunstleve RW, Sauter NK, Adams PD: Newsletter of the IUCr Commission on Crystallographic Computing 2004, 3, 22-31.
;
? 
# 
loop_
_atom_site.group_PDB 
_atom_site.id 
_atom_site.type_symbol 
_atom_site.label_atom_id 
_atom_site.label_alt_id 
_atom_site.label_comp_id 
_atom_site.label_asym_id 
_atom_site.label_entity_id 
_atom_site.label_seq_id 
_atom_site.pdbx_PDB_ins_code 
_atom_site.Cartn_x 
_atom_site.Cartn_y 
_atom_site.Cartn_z 
_atom_site.occupancy 
_atom_site.B_iso_or_equiv 
_atom_site.pdbx_formal_charge 
_atom_site.auth_seq_id 
_atom_site.auth_comp_id 
_atom_site.auth_asym_id 
_atom_site.auth_atom_id 
_atom_site.pdbx_PDB_model_num 
HETATM 1    N  N    . ZAE A  1 1  ? 11.067  22.467  -1.518  1.00 15.94 ? 1   ZAE A N    1 
HETATM 2    C  CA   . ZAE A  1 1  ? 11.625  21.264  -2.108  1.00 12.87 ? 1   ZAE A CA   1 
HETATM 3    C  C    . ZAE A  1 1  ? 10.789  20.123  -1.557  1.00 10.12 ? 1   ZAE A C    1 
HETATM 4    O  O    . ZAE A  1 1  ? 9.561   20.221  -1.541  1.00 14.31 ? 1   ZAE A O    1 
HETATM 5    C  CB   . ZAE A  1 1  ? 11.500  21.333  -3.625  1.00 10.38 ? 1   ZAE A CB   1 
HETATM 6    C  CG   . ZAE A  1 1  ? 12.206  20.200  -4.328  1.00 17.67 ? 1   ZAE A CG   1 
HETATM 7    C  CD1  . ZAE A  1 1  ? 11.501  19.317  -5.117  1.00 19.25 ? 1   ZAE A CD1  1 
HETATM 8    C  CD2  . ZAE A  1 1  ? 13.556  20.061  -4.148  1.00 21.13 ? 1   ZAE A CD2  1 
HETATM 9    C  CE1  . ZAE A  1 1  ? 12.198  18.288  -5.732  1.00 24.03 ? 1   ZAE A CE1  1 
HETATM 10   C  CE2  . ZAE A  1 1  ? 14.244  19.045  -4.766  1.00 23.09 ? 1   ZAE A CE2  1 
HETATM 11   C  CZ   . ZAE A  1 1  ? 13.566  18.169  -5.552  1.00 26.71 ? 1   ZAE A CZ   1 
HETATM 12   C  C10  . ZAE A  1 1  ? 11.340  22.624  -0.096  1.00 14.42 ? 1   ZAE A C10  1 
HETATM 13   H  H2   . ZAE A  1 1  ? 11.393  23.146  -1.931  1.00 19.12 ? 1   ZAE A H2   1 
HETATM 14   H  H    . ZAE A  1 1  ? 10.213  22.449  -1.626  1.00 19.12 ? 1   ZAE A H    1 
HETATM 15   H  HA   . ZAE A  1 1  ? 12.565  21.153  -1.899  1.00 15.44 ? 1   ZAE A HA   1 
HETATM 16   H  HB2  . ZAE A  1 1  ? 11.879  22.171  -3.930  1.00 12.46 ? 1   ZAE A HB2  1 
HETATM 17   H  HB3  . ZAE A  1 1  ? 10.560  21.306  -3.861  1.00 12.46 ? 1   ZAE A HB3  1 
HETATM 18   H  HD1  . ZAE A  1 1  ? 10.583  19.409  -5.234  1.00 23.10 ? 1   ZAE A HD1  1 
HETATM 19   H  HD2  . ZAE A  1 1  ? 14.012  20.660  -3.601  1.00 25.35 ? 1   ZAE A HD2  1 
HETATM 20   H  HE1  . ZAE A  1 1  ? 11.745  17.675  -6.267  1.00 28.83 ? 1   ZAE A HE1  1 
HETATM 21   H  HE2  . ZAE A  1 1  ? 15.162  18.959  -4.647  1.00 27.70 ? 1   ZAE A HE2  1 
HETATM 22   H  HZ   . ZAE A  1 1  ? 14.027  17.481  -5.976  1.00 32.05 ? 1   ZAE A HZ   1 
HETATM 23   H  H11  . ZAE A  1 1  ? 11.774  23.478  0.057   1.00 17.31 ? 1   ZAE A H11  1 
HETATM 24   H  H12  . ZAE A  1 1  ? 10.507  22.592  0.399   1.00 17.31 ? 1   ZAE A H12  1 
HETATM 25   H  H13  . ZAE A  1 1  ? 11.922  21.907  0.202   1.00 17.31 ? 1   ZAE A H13  1 
ATOM   26   N  N    . ILE A  1 2  ? 11.427  19.092  -1.052  1.00 11.43 ? 2   ILE A N    1 
ATOM   27   C  CA   . ILE A  1 2  ? 10.706  18.020  -0.396  1.00 11.47 ? 2   ILE A CA   1 
ATOM   28   C  C    . ILE A  1 2  ? 10.655  18.356  1.083   1.00 15.65 ? 2   ILE A C    1 
ATOM   29   O  O    . ILE A  1 2  ? 11.683  18.710  1.671   1.00 17.48 ? 2   ILE A O    1 
ATOM   30   C  CB   . ILE A  1 2  ? 11.337  16.690  -0.693  1.00 14.65 ? 2   ILE A CB   1 
ATOM   31   C  CG1  . ILE A  1 2  ? 11.622  16.572  -2.183  1.00 15.74 ? 2   ILE A CG1  1 
ATOM   32   C  CG2  . ILE A  1 2  ? 10.388  15.573  -0.326  1.00 19.44 ? 2   ILE A CG2  1 
ATOM   33   C  CD1  . ILE A  1 2  ? 11.995  15.176  -2.640  1.00 31.09 ? 2   ILE A CD1  1 
ATOM   34   H  H    . ILE A  1 2  ? 12.281  18.987  -1.074  1.00 13.71 ? 2   ILE A H    1 
ATOM   35   H  HA   . ILE A  1 2  ? 9.796   17.942  -0.722  1.00 13.76 ? 2   ILE A HA   1 
ATOM   36   H  HB   . ILE A  1 2  ? 12.158  16.627  -0.179  1.00 17.58 ? 2   ILE A HB   1 
ATOM   37   H  HG12 . ILE A  1 2  ? 10.828  16.839  -2.673  1.00 18.89 ? 2   ILE A HG12 1 
ATOM   38   H  HG13 . ILE A  1 2  ? 12.360  17.160  -2.405  1.00 18.89 ? 2   ILE A HG13 1 
ATOM   39   H  HG21 . ILE A  1 2  ? 10.894  14.752  -0.214  1.00 23.33 ? 2   ILE A HG21 1 
ATOM   40   H  HG22 . ILE A  1 2  ? 9.939   15.800  0.503   1.00 23.33 ? 2   ILE A HG22 1 
ATOM   41   H  HG23 . ILE A  1 2  ? 9.737   15.464  -1.037  1.00 23.33 ? 2   ILE A HG23 1 
ATOM   42   H  HD11 . ILE A  1 2  ? 12.472  15.236  -3.483  1.00 37.31 ? 2   ILE A HD11 1 
ATOM   43   H  HD12 . ILE A  1 2  ? 12.561  14.764  -1.968  1.00 37.31 ? 2   ILE A HD12 1 
ATOM   44   H  HD13 . ILE A  1 2  ? 11.185  14.654  -2.755  1.00 37.31 ? 2   ILE A HD13 1 
ATOM   45   N  N    . SER A  1 3  ? 9.449   18.322  1.651   1.00 11.06 ? 3   SER A N    1 
ATOM   46   C  CA   . SER A  1 3  ? 9.211   18.645  3.036   1.00 11.45 ? 3   SER A CA   1 
ATOM   47   C  C    . SER A  1 3  ? 8.331   17.572  3.635   1.00 12.95 ? 3   SER A C    1 
ATOM   48   O  O    . SER A  1 3  ? 7.613   16.902  2.904   1.00 13.93 ? 3   SER A O    1 
ATOM   49   C  CB   . SER A  1 3  ? 8.594   20.033  3.165   1.00 17.52 ? 3   SER A CB   1 
ATOM   50   O  OG   . SER A  1 3  ? 7.342   20.131  2.537   1.00 19.80 ? 3   SER A OG   1 
ATOM   51   H  H    . SER A  1 3  ? 8.732   18.105  1.231   1.00 13.28 ? 3   SER A H    1 
ATOM   52   H  HA   . SER A  1 3  ? 10.040  18.678  3.539   1.00 13.74 ? 3   SER A HA   1 
ATOM   53   H  HB2  . SER A  1 3  ? 8.484   20.234  4.107   1.00 21.02 ? 3   SER A HB2  1 
ATOM   54   H  HB3  . SER A  1 3  ? 9.195   20.676  2.757   1.00 21.02 ? 3   SER A HB3  1 
ATOM   55   H  HG   . SER A  1 3  ? 6.802   19.592  2.887   1.00 23.77 ? 3   SER A HG   1 
HETATM 56   C  CN   . HJV A  1 4  ? 9.223   18.147  5.884   1.00 14.78 ? 4   HJV A CN   1 
HETATM 57   N  N    . HJV A  1 4  ? 8.346   17.427  4.955   1.00 12.57 ? 4   HJV A N    1 
HETATM 58   C  CA   . HJV A  1 4  ? 7.494   16.397  5.599   1.00 12.56 ? 4   HJV A CA   1 
HETATM 59   C  CB   . HJV A  1 4  ? 6.744   16.900  6.823   1.00 17.22 ? 4   HJV A CB   1 
HETATM 60   C  CG   . HJV A  1 4  ? 5.722   17.932  6.340   1.00 12.93 ? 4   HJV A CG   1 
HETATM 61   C  CD   . HJV A  1 4  ? 4.970   18.481  7.531   1.00 33.65 ? 4   HJV A CD   1 
HETATM 62   N  NE2  . HJV A  1 4  ? 4.853   19.909  7.668   1.00 37.07 ? 4   HJV A NE2  1 
HETATM 63   O  OE1  . HJV A  1 4  ? 4.506   17.743  8.338   1.00 32.88 ? 4   HJV A OE1  1 
HETATM 64   C  C    . HJV A  1 4  ? 8.452   15.246  5.879   1.00 13.86 ? 4   HJV A C    1 
HETATM 65   O  O    . HJV A  1 4  ? 9.140   15.237  6.931   1.00 17.10 ? 4   HJV A O    1 
HETATM 66   H  HN11 . HJV A  1 4  ? 10.110  18.223  5.498   1.00 17.74 ? 4   HJV A HN11 1 
HETATM 67   H  HN12 . HJV A  1 4  ? 8.864   19.034  6.045   1.00 17.74 ? 4   HJV A HN12 1 
HETATM 68   H  HN13 . HJV A  1 4  ? 9.275   17.662  6.722   1.00 17.74 ? 4   HJV A HN13 1 
HETATM 69   H  HA   . HJV A  1 4  ? 6.762   16.120  5.026   1.00 15.08 ? 4   HJV A HA   1 
HETATM 70   H  HB2  . HJV A  1 4  ? 7.362   17.310  7.449   1.00 20.66 ? 4   HJV A HB2  1 
HETATM 71   H  HB1  . HJV A  1 4  ? 6.292   16.164  7.264   1.00 20.66 ? 4   HJV A HB1  1 
HETATM 72   H  HG2  . HJV A  1 4  ? 6.179   18.654  5.882   1.00 15.52 ? 4   HJV A HG2  1 
HETATM 73   H  HG1  . HJV A  1 4  ? 5.100   17.513  5.726   1.00 15.52 ? 4   HJV A HG1  1 
HETATM 74   H  H11  . HJV A  1 4  ? 5.196   20.426  7.074   1.00 44.49 ? 4   HJV A H11  1 
HETATM 75   H  H10  . HJV A  1 4  ? 4.430   20.241  8.338   1.00 44.49 ? 4   HJV A H10  1 
HETATM 76   N  N    . 28J A  1 5  ? 8.551   14.330  4.917   1.00 13.65 ? 5   28J A N    1 
HETATM 77   C  CA   . 28J A  1 5  ? 9.574   13.302  4.954   1.00 10.84 ? 5   28J A CA   1 
HETATM 78   C  CB   . 28J A  1 5  ? 10.266  13.199  3.599   1.00 16.42 ? 5   28J A CB   1 
HETATM 79   C  CG2  . 28J A  1 5  ? 9.303   12.770  2.522   1.00 17.96 ? 5   28J A CG2  1 
HETATM 80   C  CG1  . 28J A  1 5  ? 10.889  14.522  3.149   1.00 20.76 ? 5   28J A CG1  1 
HETATM 81   C  CD1  . 28J A  1 5  ? 11.367  15.413  4.267   1.00 26.61 ? 5   28J A CD1  1 
HETATM 82   C  C    . 28J A  1 5  ? 9.040   11.982  5.457   1.00 12.71 ? 5   28J A C    1 
HETATM 83   O  O    . 28J A  1 5  ? 7.989   11.900  5.956   1.00 12.93 ? 5   28J A O    1 
HETATM 84   H  HA   . 28J A  1 5  ? 10.246  13.564  5.601   1.00 13.00 ? 5   28J A HA   1 
HETATM 85   H  H22  . 28J A  1 5  ? 10.965  12.538  3.721   1.00 19.70 ? 5   28J A H22  1 
HETATM 86   H  H23  . 28J A  1 5  ? 9.780   12.667  1.684   1.00 21.55 ? 5   28J A H23  1 
HETATM 87   H  H24  . 28J A  1 5  ? 8.896   11.925  2.768   1.00 21.55 ? 5   28J A H24  1 
HETATM 88   H  H25  . 28J A  1 5  ? 8.612   13.443  2.419   1.00 21.55 ? 5   28J A H25  1 
HETATM 89   H  H26  . 28J A  1 5  ? 11.645  14.321  2.576   1.00 24.91 ? 5   28J A H26  1 
HETATM 90   H  H27  . 28J A  1 5  ? 10.226  15.010  2.636   1.00 24.91 ? 5   28J A H27  1 
HETATM 91   H  H28  . 28J A  1 5  ? 10.604  15.819  4.706   1.00 31.94 ? 5   28J A H28  1 
HETATM 92   H  H29  . 28J A  1 5  ? 11.939  16.108  3.904   1.00 31.94 ? 5   28J A H29  1 
HETATM 93   H  H30  . 28J A  1 5  ? 11.868  14.885  4.909   1.00 31.94 ? 5   28J A H30  1 
ATOM   94   N  N    . ILE A  1 6  ? 9.872   10.961  5.368   1.00 13.33 ? 6   ILE A N    1 
ATOM   95   C  CA   . ILE A  1 6  ? 9.638   9.697   6.040   1.00 11.06 ? 6   ILE A CA   1 
ATOM   96   C  C    . ILE A  1 6  ? 10.195  9.855   7.433   1.00 12.09 ? 6   ILE A C    1 
ATOM   97   O  O    . ILE A  1 6  ? 11.350  10.242  7.552   1.00 12.79 ? 6   ILE A O    1 
ATOM   98   C  CB   . ILE A  1 6  ? 10.281  8.498   5.301   1.00 13.00 ? 6   ILE A CB   1 
ATOM   99   C  CG1  . ILE A  1 6  ? 9.478   8.214   4.025   1.00 13.81 ? 6   ILE A CG1  1 
ATOM   100  C  CG2  . ILE A  1 6  ? 10.385  7.315   6.284   1.00 14.53 ? 6   ILE A CG2  1 
ATOM   101  C  CD1  . ILE A  1 6  ? 10.162  7.224   3.131   1.00 17.23 ? 6   ILE A CD1  1 
ATOM   102  H  H    . ILE A  1 6  ? 10.601  10.975  4.912   1.00 16.00 ? 6   ILE A H    1 
ATOM   103  H  HA   . ILE A  1 6  ? 8.690   9.492   6.063   1.00 13.27 ? 6   ILE A HA   1 
ATOM   104  H  HB   . ILE A  1 6  ? 11.186  8.685   5.007   1.00 15.60 ? 6   ILE A HB   1 
ATOM   105  H  HG12 . ILE A  1 6  ? 8.611   7.852   4.270   1.00 16.57 ? 6   ILE A HG12 1 
ATOM   106  H  HG13 . ILE A  1 6  ? 9.366   9.040   3.532   1.00 16.57 ? 6   ILE A HG13 1 
ATOM   107  H  HG21 . ILE A  1 6  ? 10.538  6.500   5.782   1.00 17.44 ? 6   ILE A HG21 1 
ATOM   108  H  HG22 . ILE A  1 6  ? 11.126  7.473   6.890   1.00 17.44 ? 6   ILE A HG22 1 
ATOM   109  H  HG23 . ILE A  1 6  ? 9.557   7.245   6.784   1.00 17.44 ? 6   ILE A HG23 1 
ATOM   110  H  HD11 . ILE A  1 6  ? 9.678   7.172   2.291   1.00 20.68 ? 6   ILE A HD11 1 
ATOM   111  H  HD12 . ILE A  1 6  ? 11.071  7.519   2.971   1.00 20.68 ? 6   ILE A HD12 1 
ATOM   112  H  HD13 . ILE A  1 6  ? 10.165  6.356   3.565   1.00 20.68 ? 6   ILE A HD13 1 
ATOM   113  N  N    . SER A  1 7  ? 9.385   9.571   8.460   1.00 9.28  ? 7   SER A N    1 
ATOM   114  C  CA   . SER A  1 7  ? 9.837   9.599   9.858   1.00 9.08  ? 7   SER A CA   1 
ATOM   115  C  C    . SER A  1 7  ? 9.751   8.289   10.600  1.00 9.80  ? 7   SER A C    1 
ATOM   116  O  O    . SER A  1 7  ? 10.304  8.159   11.691  1.00 12.94 ? 7   SER A O    1 
ATOM   117  C  CB   . SER A  1 7  ? 8.996   10.618  10.613  1.00 8.71  ? 7   SER A CB   1 
ATOM   118  O  OG   . SER A  1 7  ? 7.700   10.131  10.886  1.00 12.11 ? 7   SER A OG   1 
ATOM   119  H  H    . SER A  1 7  ? 8.558   9.355   8.373   1.00 11.13 ? 7   SER A H    1 
ATOM   120  H  HA   . SER A  1 7  ? 10.780  9.827   9.838   1.00 10.89 ? 7   SER A HA   1 
ATOM   121  H  HB2  . SER A  1 7  ? 9.436   10.822  11.454  1.00 10.45 ? 7   SER A HB2  1 
ATOM   122  H  HB3  . SER A  1 7  ? 8.921   11.420  10.074  1.00 10.45 ? 7   SER A HB3  1 
ATOM   123  H  HG   . SER A  1 7  ? 7.304   9.950   10.168  1.00 14.53 ? 7   SER A HG   1 
HETATM 124  N  N    . DTH A  1 8  ? 9.042   7.324   10.035  1.00 9.59  ? 8   DTH A N    1 
HETATM 125  C  CA   . DTH A  1 8  ? 8.725   6.101   10.784  1.00 10.26 ? 8   DTH A CA   1 
HETATM 126  C  CB   . DTH A  1 8  ? 8.823   4.879   9.869   1.00 13.93 ? 8   DTH A CB   1 
HETATM 127  C  CG2  . DTH A  1 8  ? 10.208  4.711   9.293   1.00 14.20 ? 8   DTH A CG2  1 
HETATM 128  O  OG1  . DTH A  1 8  ? 7.886   5.046   8.806   1.00 11.74 ? 8   DTH A OG1  1 
HETATM 129  C  C    . DTH A  1 8  ? 7.351   6.108   11.436  1.00 11.10 ? 8   DTH A C    1 
HETATM 130  O  O    . DTH A  1 8  ? 6.864   5.088   11.906  1.00 12.94 ? 8   DTH A O    1 
HETATM 131  H  HA   . DTH A  1 8  ? 9.362   6.032   11.512  1.00 12.31 ? 8   DTH A HA   1 
HETATM 132  H  HB   . DTH A  1 8  ? 8.630   4.077   10.380  1.00 16.72 ? 8   DTH A HB   1 
HETATM 133  H  HG21 . DTH A  1 8  ? 10.243  3.914   8.739   1.00 17.04 ? 8   DTH A HG21 1 
HETATM 134  H  HG22 . DTH A  1 8  ? 10.857  4.626   10.008  1.00 17.04 ? 8   DTH A HG22 1 
HETATM 135  H  HG23 . DTH A  1 8  ? 10.437  5.481   8.750   1.00 17.04 ? 8   DTH A HG23 1 
ATOM   136  N  N    . ALA A  1 9  ? 6.707   7.264   11.463  1.00 10.18 ? 9   ALA A N    1 
ATOM   137  C  CA   . ALA A  1 9  ? 5.417   7.402   12.129  1.00 13.01 ? 9   ALA A CA   1 
ATOM   138  C  C    . ALA A  1 9  ? 4.361   6.652   11.345  1.00 15.56 ? 9   ALA A C    1 
ATOM   139  O  O    . ALA A  1 9  ? 3.582   5.878   11.907  1.00 17.57 ? 9   ALA A O    1 
ATOM   140  C  CB   . ALA A  1 9  ? 5.066   8.835   12.260  1.00 13.10 ? 9   ALA A CB   1 
ATOM   141  H  H    . ALA A  1 9  ? 6.996   7.990   11.103  1.00 12.22 ? 9   ALA A H    1 
ATOM   142  H  HA   . ALA A  1 9  ? 5.457   7.030   13.024  1.00 15.61 ? 9   ALA A HA   1 
ATOM   143  H  HB1  . ALA A  1 9  ? 4.207   8.909   12.704  1.00 15.72 ? 9   ALA A HB1  1 
ATOM   144  H  HB2  . ALA A  1 9  ? 5.750   9.280   12.785  1.00 15.72 ? 9   ALA A HB2  1 
ATOM   145  H  HB3  . ALA A  1 9  ? 5.018   9.229   11.376  1.00 15.72 ? 9   ALA A HB3  1 
ATOM   146  N  N    . LYS A  1 10 ? 4.340   6.902   10.034  1.00 11.94 ? 10  LYS A N    1 
ATOM   147  C  CA   . LYS A  1 10 ? 3.439   6.250   9.090   1.00 12.73 ? 10  LYS A CA   1 
ATOM   148  C  C    . LYS A  1 10 ? 4.112   5.050   8.441   1.00 19.12 ? 10  LYS A C    1 
ATOM   149  O  O    . LYS A  1 10 ? 3.564   3.946   8.416   1.00 19.89 ? 10  LYS A O    1 
ATOM   150  C  CB   . LYS A  1 10 ? 3.043   7.291   8.036   1.00 12.37 ? 10  LYS A CB   1 
ATOM   151  C  CG   . LYS A  1 10 ? 2.248   8.470   8.593   1.00 15.37 ? 10  LYS A CG   1 
ATOM   152  C  CD   . LYS A  1 10 ? 2.024   9.561   7.541   1.00 21.88 ? 10  LYS A CD   1 
ATOM   153  C  CE   . LYS A  1 10 ? 0.543   9.583   7.242   1.00 25.51 ? 10  LYS A CE   1 
ATOM   154  N  NZ   . LYS A  1 10 ? 0.099   10.696  6.426   1.00 23.26 ? 10  LYS A NZ   1 
ATOM   155  H  H    . LYS A  1 10 ? 4.862   7.470   9.655   1.00 14.32 ? 10  LYS A H    1 
ATOM   156  H  HA   . LYS A  1 10 ? 2.633   5.932   9.526   1.00 15.28 ? 10  LYS A HA   1 
ATOM   157  H  HB2  . LYS A  1 10 ? 3.851   7.644   7.630   1.00 14.85 ? 10  LYS A HB2  1 
ATOM   158  H  HB3  . LYS A  1 10 ? 2.495   6.857   7.362   1.00 14.85 ? 10  LYS A HB3  1 
ATOM   159  H  HG2  . LYS A  1 10 ? 1.381   8.156   8.893   1.00 18.44 ? 10  LYS A HG2  1 
ATOM   160  H  HG3  . LYS A  1 10 ? 2.735   8.860   9.336   1.00 18.44 ? 10  LYS A HG3  1 
ATOM   161  H  HD2  . LYS A  1 10 ? 2.298   10.425  7.885   1.00 26.26 ? 10  LYS A HD2  1 
ATOM   162  H  HD3  . LYS A  1 10 ? 2.515   9.357   6.730   1.00 26.26 ? 10  LYS A HD3  1 
ATOM   163  H  HE2  . LYS A  1 10 ? 0.312   8.766   6.771   1.00 30.61 ? 10  LYS A HE2  1 
ATOM   164  H  HE3  . LYS A  1 10 ? 0.061   9.628   8.082   1.00 30.61 ? 10  LYS A HE3  1 
ATOM   165  H  HZ1  . LYS A  1 10 ? 0.512   10.679  5.638   1.00 27.91 ? 10  LYS A HZ1  1 
ATOM   166  H  HZ2  . LYS A  1 10 ? -0.780  10.643  6.292   1.00 27.91 ? 10  LYS A HZ2  1 
ATOM   167  H  HZ3  . LYS A  1 10 ? 0.283   11.465  6.833   1.00 27.91 ? 10  LYS A HZ3  1 
ATOM   168  N  N    . ILE A  1 11 ? 5.336   5.243   7.957   1.00 11.67 ? 11  ILE A N    1 
ATOM   169  C  CA   . ILE A  1 11 ? 6.194   4.225   7.382   1.00 13.19 ? 11  ILE A CA   1 
ATOM   170  C  C    . ILE A  1 11 ? 7.309   3.941   8.386   1.00 16.90 ? 11  ILE A C    1 
ATOM   171  O  O    . ILE A  1 11 ? 7.864   2.850   8.493   1.00 18.58 ? 11  ILE A O    1 
ATOM   172  C  CB   . ILE A  1 11 ? 6.813   4.682   6.028   1.00 15.15 ? 11  ILE A CB   1 
ATOM   173  C  CG1  . ILE A  1 11 ? 5.719   4.786   4.985   1.00 23.88 ? 11  ILE A CG1  1 
ATOM   174  C  CG2  . ILE A  1 11 ? 7.936   3.750   5.626   1.00 20.93 ? 11  ILE A CG2  1 
ATOM   175  C  CD1  . ILE A  1 11 ? 5.064   3.475   4.732   1.00 23.38 ? 11  ILE A CD1  1 
ATOM   176  H  H    . ILE A  1 11 ? 5.717   6.013   7.951   1.00 14.00 ? 11  ILE A H    1 
ATOM   177  H  HA   . ILE A  1 11 ? 5.674   3.425   7.204   1.00 15.83 ? 11  ILE A HA   1 
ATOM   178  H  HB   . ILE A  1 11 ? 7.207   5.564   6.120   1.00 18.18 ? 11  ILE A HB   1 
ATOM   179  H  HG12 . ILE A  1 11 ? 5.042   5.408   5.295   1.00 28.66 ? 11  ILE A HG12 1 
ATOM   180  H  HG13 . ILE A  1 11 ? 6.102   5.100   4.152   1.00 28.66 ? 11  ILE A HG13 1 
ATOM   181  H  HG21 . ILE A  1 11 ? 8.067   3.809   4.667   1.00 25.12 ? 11  ILE A HG21 1 
ATOM   182  H  HG22 . ILE A  1 11 ? 8.748   4.016   6.087   1.00 25.12 ? 11  ILE A HG22 1 
ATOM   183  H  HG23 . ILE A  1 11 ? 7.698   2.843   5.872   1.00 25.12 ? 11  ILE A HG23 1 
ATOM   184  H  HD11 . ILE A  1 11 ? 4.424   3.301   5.438   1.00 28.05 ? 11  ILE A HD11 1 
ATOM   185  H  HD12 . ILE A  1 11 ? 4.611   3.510   3.875   1.00 28.05 ? 11  ILE A HD12 1 
ATOM   186  H  HD13 . ILE A  1 11 ? 5.742   2.781   4.719   1.00 28.05 ? 11  ILE A HD13 1 
HETATM 187  N  N    . ZAE B  1 1  ? 0.652   1.823   -12.705 1.00 17.94 ? 1   ZAE B N    1 
HETATM 188  C  CA   . ZAE B  1 1  ? -0.642  2.234   -12.163 1.00 11.49 ? 1   ZAE B CA   1 
HETATM 189  C  C    . ZAE B  1 1  ? -1.224  0.950   -11.606 1.00 14.97 ? 1   ZAE B C    1 
HETATM 190  O  O    . ZAE B  1 1  ? -0.552  0.221   -10.880 1.00 13.70 ? 1   ZAE B O    1 
HETATM 191  C  CB   . ZAE B  1 1  ? -0.395  3.264   -11.099 1.00 10.08 ? 1   ZAE B CB   1 
HETATM 192  C  CG   . ZAE B  1 1  ? -1.616  3.727   -10.413 1.00 12.38 ? 1   ZAE B CG   1 
HETATM 193  C  CD1  . ZAE B  1 1  ? -2.057  3.047   -9.295  1.00 15.78 ? 1   ZAE B CD1  1 
HETATM 194  C  CD2  . ZAE B  1 1  ? -2.336  4.799   -10.912 1.00 12.56 ? 1   ZAE B CD2  1 
HETATM 195  C  CE1  . ZAE B  1 1  ? -3.218  3.450   -8.669  1.00 16.95 ? 1   ZAE B CE1  1 
HETATM 196  C  CE2  . ZAE B  1 1  ? -3.491  5.194   -10.273 1.00 13.82 ? 1   ZAE B CE2  1 
HETATM 197  C  CZ   . ZAE B  1 1  ? -3.926  4.524   -9.148  1.00 13.07 ? 1   ZAE B CZ   1 
HETATM 198  C  C10  . ZAE B  1 1  ? 0.618   1.297   -14.037 1.00 19.50 ? 1   ZAE B C10  1 
HETATM 199  H  H2   . ZAE B  1 1  ? 0.976   1.217   -12.188 1.00 21.53 ? 1   ZAE B H2   1 
HETATM 200  H  H    . ZAE B  1 1  ? 1.171   2.509   -12.703 1.00 21.53 ? 1   ZAE B H    1 
HETATM 201  H  HA   . ZAE B  1 1  ? -1.247  2.636   -12.807 1.00 13.78 ? 1   ZAE B HA   1 
HETATM 202  H  HB2  . ZAE B  1 1  ? 0.035   4.031   -11.509 1.00 12.09 ? 1   ZAE B HB2  1 
HETATM 203  H  HB3  . ZAE B  1 1  ? 0.202   2.884   -10.438 1.00 12.09 ? 1   ZAE B HB3  1 
HETATM 204  H  HD1  . ZAE B  1 1  ? -1.573  2.323   -8.967  1.00 18.94 ? 1   ZAE B HD1  1 
HETATM 205  H  HD2  . ZAE B  1 1  ? -2.042  5.249   -11.670 1.00 15.08 ? 1   ZAE B HD2  1 
HETATM 206  H  HE1  . ZAE B  1 1  ? -3.522  2.991   -7.920  1.00 20.34 ? 1   ZAE B HE1  1 
HETATM 207  H  HE2  . ZAE B  1 1  ? -3.979  5.915   -10.601 1.00 16.59 ? 1   ZAE B HE2  1 
HETATM 208  H  HZ   . ZAE B  1 1  ? -4.701  4.800   -8.715  1.00 15.69 ? 1   ZAE B HZ   1 
HETATM 209  H  H11  . ZAE B  1 1  ? -0.304  1.190   -14.319 1.00 23.40 ? 1   ZAE B H11  1 
HETATM 210  H  H12  . ZAE B  1 1  ? 1.071   1.908   -14.637 1.00 23.40 ? 1   ZAE B H12  1 
HETATM 211  H  H13  . ZAE B  1 1  ? 1.064   0.435   -14.056 1.00 23.40 ? 1   ZAE B H13  1 
ATOM   212  N  N    . ILE B  1 2  ? -2.471  0.658   -11.950 1.00 12.10 ? 2   ILE B N    1 
ATOM   213  C  CA   . ILE B  1 2  ? -3.108  -0.586  -11.530 1.00 10.13 ? 2   ILE B CA   1 
ATOM   214  C  C    . ILE B  1 2  ? -2.551  -1.728  -12.358 1.00 13.09 ? 2   ILE B C    1 
ATOM   215  O  O    . ILE B  1 2  ? -2.579  -1.694  -13.613 1.00 16.87 ? 2   ILE B O    1 
ATOM   216  C  CB   . ILE B  1 2  ? -4.624  -0.514  -11.647 1.00 15.60 ? 2   ILE B CB   1 
ATOM   217  C  CG1  . ILE B  1 2  ? -5.154  0.556   -10.705 1.00 19.61 ? 2   ILE B CG1  1 
ATOM   218  C  CG2  . ILE B  1 2  ? -5.253  -1.872  -11.292 1.00 17.42 ? 2   ILE B CG2  1 
ATOM   219  C  CD1  . ILE B  1 2  ? -5.019  0.223   -9.246  1.00 24.51 ? 2   ILE B CD1  1 
ATOM   220  H  H    . ILE B  1 2  ? -2.975  1.165   -12.428 1.00 14.52 ? 2   ILE B H    1 
ATOM   221  H  HA   . ILE B  1 2  ? -2.909  -0.745  -10.595 1.00 12.16 ? 2   ILE B HA   1 
ATOM   222  H  HB   . ILE B  1 2  ? -4.856  -0.288  -12.562 1.00 18.72 ? 2   ILE B HB   1 
ATOM   223  H  HG12 . ILE B  1 2  ? -4.665  1.379   -10.864 1.00 23.53 ? 2   ILE B HG12 1 
ATOM   224  H  HG13 . ILE B  1 2  ? -6.097  0.690   -10.889 1.00 23.53 ? 2   ILE B HG13 1 
ATOM   225  H  HG21 . ILE B  1 2  ? -6.195  -1.744  -11.102 1.00 20.90 ? 2   ILE B HG21 1 
ATOM   226  H  HG22 . ILE B  1 2  ? -5.146  -2.476  -12.044 1.00 20.90 ? 2   ILE B HG22 1 
ATOM   227  H  HG23 . ILE B  1 2  ? -4.804  -2.234  -10.512 1.00 20.90 ? 2   ILE B HG23 1 
ATOM   228  H  HD11 . ILE B  1 2  ? -5.339  0.973   -8.721  1.00 29.42 ? 2   ILE B HD11 1 
ATOM   229  H  HD12 . ILE B  1 2  ? -5.548  -0.566  -9.052  1.00 29.42 ? 2   ILE B HD12 1 
ATOM   230  H  HD13 . ILE B  1 2  ? -4.086  0.054   -9.046  1.00 29.42 ? 2   ILE B HD13 1 
ATOM   231  N  N    . SER B  1 3  ? -2.069  -2.758  -11.679 1.00 11.80 ? 3   SER B N    1 
ATOM   232  C  CA   . SER B  1 3  ? -1.504  -3.941  -12.320 1.00 14.64 ? 3   SER B CA   1 
ATOM   233  C  C    . SER B  1 3  ? -2.101  -5.169  -11.629 1.00 18.90 ? 3   SER B C    1 
ATOM   234  O  O    . SER B  1 3  ? -2.227  -5.199  -10.439 1.00 23.08 ? 3   SER B O    1 
ATOM   235  C  CB   . SER B  1 3  ? 0.016   -3.937  -12.248 1.00 16.66 ? 3   SER B CB   1 
ATOM   236  O  OG   . SER B  1 3  ? 0.460   -4.787  -11.207 1.00 43.60 ? 3   SER B OG   1 
ATOM   237  H  H    . SER B  1 3  ? -2.059  -2.802  -10.820 1.00 14.16 ? 3   SER B H    1 
ATOM   238  H  HA   . SER B  1 3  ? -1.713  -3.963  -13.267 1.00 17.56 ? 3   SER B HA   1 
ATOM   239  H  HB2  . SER B  1 3  ? 0.375   -4.253  -13.092 1.00 19.99 ? 3   SER B HB2  1 
ATOM   240  H  HB3  . SER B  1 3  ? 0.324   -3.034  -12.074 1.00 19.99 ? 3   SER B HB3  1 
ATOM   241  H  HG   . SER B  1 3  ? 1.299   -4.782  -11.170 1.00 52.32 ? 3   SER B HG   1 
HETATM 242  C  CN   . HJV B  1 4  ? -2.552  -6.270  -13.830 1.00 32.83 ? 4   HJV B CN   1 
HETATM 243  N  N    . HJV B  1 4  ? -2.548  -6.165  -12.377 1.00 17.96 ? 4   HJV B N    1 
HETATM 244  C  CA   . HJV B  1 4  ? -3.006  -7.385  -11.746 1.00 17.98 ? 4   HJV B CA   1 
HETATM 245  C  CB   . HJV B  1 4  ? -2.874  -8.595  -12.667 1.00 30.15 ? 4   HJV B CB   1 
HETATM 246  C  CG   . HJV B  1 4  ? -2.970  -9.983  -12.036 1.00 49.56 ? 4   HJV B CG   1 
HETATM 247  C  CD   . HJV B  1 4  ? -3.150  -11.073 -13.109 1.00 54.56 ? 4   HJV B CD   1 
HETATM 248  N  NE2  . HJV B  1 4  ? -2.453  -12.345 -13.013 1.00 51.12 ? 4   HJV B NE2  1 
HETATM 249  O  OE1  . HJV B  1 4  ? -3.865  -10.891 -14.046 1.00 51.36 ? 4   HJV B OE1  1 
HETATM 250  C  C    . HJV B  1 4  ? -4.451  -7.191  -11.311 1.00 17.05 ? 4   HJV B C    1 
HETATM 251  O  O    . HJV B  1 4  ? -5.212  -6.601  -12.097 1.00 23.80 ? 4   HJV B O    1 
HETATM 252  H  HN11 . HJV B  1 4  ? -3.385  -6.671  -14.124 1.00 39.40 ? 4   HJV B HN11 1 
HETATM 253  H  HN12 . HJV B  1 4  ? -1.808  -6.823  -14.117 1.00 39.40 ? 4   HJV B HN12 1 
HETATM 254  H  HN13 . HJV B  1 4  ? -2.465  -5.385  -14.219 1.00 39.40 ? 4   HJV B HN13 1 
HETATM 255  H  HA   . HJV B  1 4  ? -2.448  -7.568  -10.975 1.00 21.58 ? 4   HJV B HA   1 
HETATM 256  H  HB2  . HJV B  1 4  ? -2.012  -8.533  -13.107 1.00 36.19 ? 4   HJV B HB2  1 
HETATM 257  H  HB1  . HJV B  1 4  ? -3.574  -8.529  -13.336 1.00 36.19 ? 4   HJV B HB1  1 
HETATM 258  H  HG2  . HJV B  1 4  ? -3.726  -10.005 -11.429 1.00 59.47 ? 4   HJV B HG2  1 
HETATM 259  H  HG1  . HJV B  1 4  ? -2.160  -10.161 -11.534 1.00 59.47 ? 4   HJV B HG1  1 
HETATM 260  H  H11  . HJV B  1 4  ? -2.559  -12.938 -13.625 1.00 61.35 ? 4   HJV B H11  1 
HETATM 261  H  H10  . HJV B  1 4  ? -1.933  -12.493 -12.347 1.00 61.35 ? 4   HJV B H10  1 
HETATM 262  N  N    . 28J B  1 5  ? -4.802  -7.655  -10.113 1.00 15.76 ? 5   28J B N    1 
HETATM 263  C  CA   . 28J B  1 5  ? -6.153  -7.630  -9.609  1.00 15.93 ? 5   28J B CA   1 
HETATM 264  C  CB   . 28J B  1 5  ? -6.347  -6.754  -8.357  1.00 19.90 ? 5   28J B CB   1 
HETATM 265  C  CG2  . 28J B  1 5  ? -5.419  -7.267  -7.260  1.00 24.96 ? 5   28J B CG2  1 
HETATM 266  C  CG1  . 28J B  1 5  ? -6.085  -5.282  -8.532  1.00 23.50 ? 5   28J B CG1  1 
HETATM 267  C  CD1  . 28J B  1 5  ? -6.253  -4.868  -9.942  1.00 29.05 ? 5   28J B CD1  1 
HETATM 268  C  C    . 28J B  1 5  ? -6.564  -9.061  -9.219  1.00 13.37 ? 5   28J B C    1 
HETATM 269  O  O    . 28J B  1 5  ? -5.811  -9.962  -9.394  1.00 14.39 ? 5   28J B O    1 
HETATM 270  H  HA   . 28J B  1 5  ? -6.693  -7.254  -10.321 1.00 19.12 ? 5   28J B HA   1 
HETATM 271  H  H22  . 28J B  1 5  ? -7.288  -6.829  -8.138  1.00 23.88 ? 5   28J B H22  1 
HETATM 272  H  H23  . 28J B  1 5  ? -4.536  -7.424  -7.630  1.00 29.95 ? 5   28J B H23  1 
HETATM 273  H  H24  . 28J B  1 5  ? -5.771  -8.097  -6.902  1.00 29.95 ? 5   28J B H24  1 
HETATM 274  H  H25  . 28J B  1 5  ? -5.361  -6.608  -6.551  1.00 29.95 ? 5   28J B H25  1 
HETATM 275  H  H26  . 28J B  1 5  ? -5.180  -5.084  -8.249  1.00 28.20 ? 5   28J B H26  1 
HETATM 276  H  H27  . 28J B  1 5  ? -6.705  -4.781  -7.978  1.00 28.20 ? 5   28J B H27  1 
HETATM 277  H  H28  . 28J B  1 5  ? -6.988  -5.360  -10.339 1.00 34.86 ? 5   28J B H28  1 
HETATM 278  H  H29  . 28J B  1 5  ? -6.444  -3.917  -9.979  1.00 34.86 ? 5   28J B H29  1 
HETATM 279  H  H30  . 28J B  1 5  ? -5.438  -5.053  -10.433 1.00 34.86 ? 5   28J B H30  1 
ATOM   280  N  N    . ILE B  1 6  ? -7.762  -9.209  -8.663  1.00 10.04 ? 6   ILE B N    1 
ATOM   281  C  CA   . ILE B  1 6  ? -8.234  -10.434 -8.024  1.00 10.45 ? 6   ILE B CA   1 
ATOM   282  C  C    . ILE B  1 6  ? -8.860  -11.384 -9.045  1.00 11.67 ? 6   ILE B C    1 
ATOM   283  O  O    . ILE B  1 6  ? -9.738  -11.009 -9.822  1.00 12.86 ? 6   ILE B O    1 
ATOM   284  C  CB   . ILE B  1 6  ? -9.263  -10.120 -6.914  1.00 11.66 ? 6   ILE B CB   1 
ATOM   285  C  CG1  . ILE B  1 6  ? -8.614  -9.363  -5.786  1.00 11.00 ? 6   ILE B CG1  1 
ATOM   286  C  CG2  . ILE B  1 6  ? -9.950  -11.392 -6.436  1.00 12.59 ? 6   ILE B CG2  1 
ATOM   287  C  CD1  . ILE B  1 6  ? -9.640  -8.652  -4.879  1.00 14.98 ? 6   ILE B CD1  1 
ATOM   288  H  H    . ILE B  1 6  ? -8.351  -8.583  -8.642  1.00 12.04 ? 6   ILE B H    1 
ATOM   289  H  HA   . ILE B  1 6  ? -7.466  -10.872 -7.628  1.00 12.54 ? 6   ILE B HA   1 
ATOM   290  H  HB   . ILE B  1 6  ? -9.951  -9.546  -7.285  1.00 13.99 ? 6   ILE B HB   1 
ATOM   291  H  HG12 . ILE B  1 6  ? -8.109  -9.985  -5.239  1.00 13.20 ? 6   ILE B HG12 1 
ATOM   292  H  HG13 . ILE B  1 6  ? -8.022  -8.691  -6.157  1.00 13.20 ? 6   ILE B HG13 1 
ATOM   293  H  HG21 . ILE B  1 6  ? -10.341 -11.232 -5.563  1.00 15.11 ? 6   ILE B HG21 1 
ATOM   294  H  HG22 . ILE B  1 6  ? -10.644 -11.633 -7.070  1.00 15.11 ? 6   ILE B HG22 1 
ATOM   295  H  HG23 . ILE B  1 6  ? -9.293  -12.103 -6.379  1.00 15.11 ? 6   ILE B HG23 1 
ATOM   296  H  HD11 . ILE B  1 6  ? -9.166  -8.076  -4.259  1.00 17.98 ? 6   ILE B HD11 1 
ATOM   297  H  HD12 . ILE B  1 6  ? -10.237 -8.123  -5.432  1.00 17.98 ? 6   ILE B HD12 1 
ATOM   298  H  HD13 . ILE B  1 6  ? -10.145 -9.319  -4.391  1.00 17.98 ? 6   ILE B HD13 1 
ATOM   299  N  N    . SER B  1 7  ? -8.418  -12.633 -9.003  1.00 9.96  ? 7   SER B N    1 
ATOM   300  C  CA   . SER B  1 7  ? -9.045  -13.671 -9.818  1.00 12.53 ? 7   SER B CA   1 
ATOM   301  C  C    . SER B  1 7  ? -9.678  -14.774 -8.990  1.00 11.57 ? 7   SER B C    1 
ATOM   302  O  O    . SER B  1 7  ? -10.639 -15.390 -9.465  1.00 12.18 ? 7   SER B O    1 
ATOM   303  C  CB   . SER B  1 7  ? -8.032  -14.312 -10.756 1.00 13.72 ? 7   SER B CB   1 
ATOM   304  O  OG   . SER B  1 7  ? -7.039  -14.997 -10.020 1.00 16.25 ? 7   SER B OG   1 
ATOM   305  H  H    . SER B  1 7  ? -7.764  -12.906 -8.517  1.00 11.95 ? 7   SER B H    1 
ATOM   306  H  HA   . SER B  1 7  ? -9.744  -13.237 -10.331 1.00 15.04 ? 7   SER B HA   1 
ATOM   307  H  HB2  . SER B  1 7  ? -8.489  -14.943 -11.335 1.00 16.46 ? 7   SER B HB2  1 
ATOM   308  H  HB3  . SER B  1 7  ? -7.610  -13.619 -11.288 1.00 16.46 ? 7   SER B HB3  1 
ATOM   309  H  HG   . SER B  1 7  ? -6.635  -14.461 -9.514  1.00 19.50 ? 7   SER B HG   1 
HETATM 310  N  N    . DTH B  1 8  ? -9.134  -15.040 -7.792  1.00 10.82 ? 8   DTH B N    1 
HETATM 311  C  CA   . DTH B  1 8  ? -9.560  -16.207 -7.024  1.00 11.75 ? 8   DTH B CA   1 
HETATM 312  C  CB   . DTH B  1 8  ? -10.228 -15.802 -5.703  1.00 12.85 ? 8   DTH B CB   1 
HETATM 313  C  CG2  . DTH B  1 8  ? -11.451 -14.942 -5.924  1.00 15.93 ? 8   DTH B CG2  1 
HETATM 314  O  OG1  . DTH B  1 8  ? -9.246  -15.066 -4.963  1.00 13.76 ? 8   DTH B OG1  1 
HETATM 315  C  C    . DTH B  1 8  ? -8.400  -17.172 -6.757  1.00 15.34 ? 8   DTH B C    1 
HETATM 316  O  O    . DTH B  1 8  ? -8.449  -18.007 -5.851  1.00 19.36 ? 8   DTH B O    1 
HETATM 317  H  HA   . DTH B  1 8  ? -10.216 -16.700 -7.543  1.00 14.10 ? 8   DTH B HA   1 
HETATM 318  H  HB   . DTH B  1 8  ? -10.534 -16.585 -5.219  1.00 15.42 ? 8   DTH B HB   1 
HETATM 319  H  HG21 . DTH B  1 8  ? -11.850 -14.707 -5.072  1.00 19.11 ? 8   DTH B HG21 1 
HETATM 320  H  HG22 . DTH B  1 8  ? -12.104 -15.426 -6.454  1.00 19.11 ? 8   DTH B HG22 1 
HETATM 321  H  HG23 . DTH B  1 8  ? -11.205 -14.129 -6.392  1.00 19.11 ? 8   DTH B HG23 1 
ATOM   322  N  N    . ALA B  1 9  ? -7.358  -17.080 -7.552  1.00 14.49 ? 9   ALA B N    1 
ATOM   323  C  CA   . ALA B  1 9  ? -6.205  -17.942 -7.386  1.00 19.86 ? 9   ALA B CA   1 
ATOM   324  C  C    . ALA B  1 9  ? -5.673  -17.839 -5.973  1.00 28.92 ? 9   ALA B C    1 
ATOM   325  O  O    . ALA B  1 9  ? -5.533  -18.869 -5.278  1.00 24.66 ? 9   ALA B O    1 
ATOM   326  C  CB   . ALA B  1 9  ? -5.161  -17.572 -8.363  1.00 18.32 ? 9   ALA B CB   1 
ATOM   327  H  H    . ALA B  1 9  ? -7.291  -16.522 -8.202  1.00 17.39 ? 9   ALA B H    1 
ATOM   328  H  HA   . ALA B  1 9  ? -6.457  -18.865 -7.548  1.00 23.83 ? 9   ALA B HA   1 
ATOM   329  H  HB1  . ALA B  1 9  ? -4.394  -18.154 -8.242  1.00 21.98 ? 9   ALA B HB1  1 
ATOM   330  H  HB2  . ALA B  1 9  ? -5.517  -17.673 -9.260  1.00 21.98 ? 9   ALA B HB2  1 
ATOM   331  H  HB3  . ALA B  1 9  ? -4.902  -16.648 -8.213  1.00 21.98 ? 9   ALA B HB3  1 
ATOM   332  N  N    . LYS B  1 10 ? -5.383  -16.608 -5.521  1.00 19.22 ? 10  LYS B N    1 
ATOM   333  C  CA   . LYS B  1 10 ? -4.931  -16.321 -4.140  1.00 15.85 ? 10  LYS B CA   1 
ATOM   334  C  C    . LYS B  1 10 ? -6.098  -15.880 -3.271  1.00 16.32 ? 10  LYS B C    1 
ATOM   335  O  O    . LYS B  1 10 ? -6.333  -16.494 -2.250  1.00 16.26 ? 10  LYS B O    1 
ATOM   336  C  CB   . LYS B  1 10 ? -3.870  -15.216 -4.157  1.00 22.43 ? 10  LYS B CB   1 
ATOM   337  C  CG   . LYS B  1 10 ? -2.449  -15.632 -4.486  1.00 33.06 ? 10  LYS B CG   1 
ATOM   338  C  CD   . LYS B  1 10 ? -1.481  -14.453 -4.309  1.00 35.15 ? 10  LYS B CD   1 
ATOM   339  C  CE   . LYS B  1 10 ? -0.835  -14.391 -2.901  1.00 49.73 ? 10  LYS B CE   1 
ATOM   340  N  NZ   . LYS B  1 10 ? -1.789  -13.878 -1.863  1.00 44.15 ? 10  LYS B NZ   1 
ATOM   341  H  H    . LYS B  1 10 ? -5.441  -15.900 -6.007  1.00 23.07 ? 10  LYS B H    1 
ATOM   342  H  HA   . LYS B  1 10 ? -4.535  -17.123 -3.766  1.00 19.02 ? 10  LYS B HA   1 
ATOM   343  H  HB2  . LYS B  1 10 ? -4.132  -14.558 -4.821  1.00 26.92 ? 10  LYS B HB2  1 
ATOM   344  H  HB3  . LYS B  1 10 ? -3.848  -14.807 -3.277  1.00 26.92 ? 10  LYS B HB3  1 
ATOM   345  H  HG2  . LYS B  1 10 ? -2.174  -16.347 -3.891  1.00 39.67 ? 10  LYS B HG2  1 
ATOM   346  H  HG3  . LYS B  1 10 ? -2.404  -15.931 -5.408  1.00 39.67 ? 10  LYS B HG3  1 
ATOM   347  H  HD2  . LYS B  1 10 ? -0.766  -14.534 -4.960  1.00 42.18 ? 10  LYS B HD2  1 
ATOM   348  H  HD3  . LYS B  1 10 ? -1.967  -13.626 -4.451  1.00 42.18 ? 10  LYS B HD3  1 
ATOM   349  H  HE2  . LYS B  1 10 ? -0.555  -15.282 -2.639  1.00 59.68 ? 10  LYS B HE2  1 
ATOM   350  H  HE3  . LYS B  1 10 ? -0.070  -13.796 -2.928  1.00 59.68 ? 10  LYS B HE3  1 
ATOM   351  H  HZ1  . LYS B  1 10 ? -2.454  -14.457 -1.749  1.00 52.99 ? 10  LYS B HZ1  1 
ATOM   352  H  HZ2  . LYS B  1 10 ? -1.364  -13.768 -1.089  1.00 52.99 ? 10  LYS B HZ2  1 
ATOM   353  H  HZ3  . LYS B  1 10 ? -2.127  -13.096 -2.120  1.00 52.99 ? 10  LYS B HZ3  1 
ATOM   354  N  N    . ILE B  1 11 ? -6.803  -14.831 -3.664  1.00 14.65 ? 11  ILE B N    1 
ATOM   355  C  CA   . ILE B  1 11 ? -8.017  -14.379 -3.000  1.00 14.25 ? 11  ILE B CA   1 
ATOM   356  C  C    . ILE B  1 11 ? -9.250  -15.101 -3.610  1.00 10.83 ? 11  ILE B C    1 
ATOM   357  O  O    . ILE B  1 11 ? -10.011 -15.817 -2.970  1.00 13.72 ? 11  ILE B O    1 
ATOM   358  C  CB   . ILE B  1 11 ? -8.149  -12.850 -3.159  1.00 15.95 ? 11  ILE B CB   1 
ATOM   359  C  CG1  . ILE B  1 11 ? -7.127  -12.104 -2.301  1.00 19.76 ? 11  ILE B CG1  1 
ATOM   360  C  CG2  . ILE B  1 11 ? -9.518  -12.400 -2.774  1.00 15.06 ? 11  ILE B CG2  1 
ATOM   361  C  CD1  . ILE B  1 11 ? -5.859  -11.753 -3.012  1.00 20.23 ? 11  ILE B CD1  1 
ATOM   362  H  H    . ILE B  1 11 ? -6.591  -14.344 -4.341  1.00 17.58 ? 11  ILE B H    1 
ATOM   363  H  HA   . ILE B  1 11 ? -7.979  -14.594 -2.055  1.00 17.10 ? 11  ILE B HA   1 
ATOM   364  H  HB   . ILE B  1 11 ? -7.981  -12.648 -4.093  1.00 19.13 ? 11  ILE B HB   1 
ATOM   365  H  HG12 . ILE B  1 11 ? -7.528  -11.278 -1.991  1.00 23.71 ? 11  ILE B HG12 1 
ATOM   366  H  HG13 . ILE B  1 11 ? -6.892  -12.664 -1.544  1.00 23.71 ? 11  ILE B HG13 1 
ATOM   367  H  HG21 . ILE B  1 11 ? -9.513  -11.437 -2.655  1.00 18.07 ? 11  ILE B HG21 1 
ATOM   368  H  HG22 . ILE B  1 11 ? -10.140 -12.642 -3.479  1.00 18.07 ? 11  ILE B HG22 1 
ATOM   369  H  HG23 . ILE B  1 11 ? -9.773  -12.835 -1.945  1.00 18.07 ? 11  ILE B HG23 1 
ATOM   370  H  HD11 . ILE B  1 11 ? -5.273  -11.281 -2.399  1.00 24.28 ? 11  ILE B HD11 1 
ATOM   371  H  HD12 . ILE B  1 11 ? -5.430  -12.568 -3.317  1.00 24.28 ? 11  ILE B HD12 1 
ATOM   372  H  HD13 . ILE B  1 11 ? -6.069  -11.186 -3.771  1.00 24.28 ? 11  ILE B HD13 1 
HETATM 373  N  N    . ZAE C  1 1  ? 3.759   -14.843 8.658   1.00 17.74 ? 1   ZAE C N    1 
HETATM 374  C  CA   . ZAE C  1 1  ? 3.263   -13.637 9.334   1.00 13.50 ? 1   ZAE C CA   1 
HETATM 375  C  C    . ZAE C  1 1  ? 3.887   -12.517 8.499   1.00 15.12 ? 1   ZAE C C    1 
HETATM 376  O  O    . ZAE C  1 1  ? 3.791   -12.557 7.271   1.00 15.69 ? 1   ZAE C O    1 
HETATM 377  C  CB   . ZAE C  1 1  ? 1.734   -13.683 9.308   1.00 19.67 ? 1   ZAE C CB   1 
HETATM 378  C  CG   . ZAE C  1 1  ? 1.085   -12.439 9.857   1.00 20.56 ? 1   ZAE C CG   1 
HETATM 379  C  CD1  . ZAE C  1 1  ? 1.591   -11.827 10.981  1.00 20.24 ? 1   ZAE C CD1  1 
HETATM 380  C  CD2  . ZAE C  1 1  ? -0.008  -11.910 9.193   1.00 20.52 ? 1   ZAE C CD2  1 
HETATM 381  C  CE1  . ZAE C  1 1  ? 1.003   -10.658 11.456  1.00 24.56 ? 1   ZAE C CE1  1 
HETATM 382  C  CE2  . ZAE C  1 1  ? -0.603  -10.763 9.672   1.00 18.35 ? 1   ZAE C CE2  1 
HETATM 383  C  CZ   . ZAE C  1 1  ? -0.099  -10.136 10.802  1.00 21.41 ? 1   ZAE C CZ   1 
HETATM 384  C  C10  . ZAE C  1 1  ? 5.158   -15.180 8.802   1.00 19.40 ? 1   ZAE C C10  1 
HETATM 385  H  H2   . ZAE C  1 1  ? 3.303   -15.508 8.957   1.00 21.29 ? 1   ZAE C H2   1 
HETATM 386  H  H    . ZAE C  1 1  ? 3.605   -14.745 7.817   1.00 21.29 ? 1   ZAE C H    1 
HETATM 387  H  HA   . ZAE C  1 1  ? 3.494   -13.527 10.270  1.00 16.20 ? 1   ZAE C HA   1 
HETATM 388  H  HB2  . ZAE C  1 1  ? 1.438   -14.443 9.832   1.00 23.60 ? 1   ZAE C HB2  1 
HETATM 389  H  HB3  . ZAE C  1 1  ? 1.444   -13.802 8.390   1.00 23.60 ? 1   ZAE C HB3  1 
HETATM 390  H  HD1  . ZAE C  1 1  ? 2.322   -12.193 11.422  1.00 24.29 ? 1   ZAE C HD1  1 
HETATM 391  H  HD2  . ZAE C  1 1  ? -0.339  -12.325 8.429   1.00 24.62 ? 1   ZAE C HD2  1 
HETATM 392  H  HE1  . ZAE C  1 1  ? 1.349   -10.231 12.205  1.00 29.48 ? 1   ZAE C HE1  1 
HETATM 393  H  HE2  . ZAE C  1 1  ? -1.343  -10.408 9.236   1.00 22.02 ? 1   ZAE C HE2  1 
HETATM 394  H  HZ   . ZAE C  1 1  ? -0.503  -9.362  11.122  1.00 25.70 ? 1   ZAE C HZ   1 
HETATM 395  H  H11  . ZAE C  1 1  ? 5.699   -14.513 8.351   1.00 23.28 ? 1   ZAE C H11  1 
HETATM 396  H  H12  . ZAE C  1 1  ? 5.324   -16.050 8.409   1.00 23.28 ? 1   ZAE C H12  1 
HETATM 397  H  H13  . ZAE C  1 1  ? 5.391   -15.201 9.744   1.00 23.28 ? 1   ZAE C H13  1 
ATOM   398  N  N    . ILE C  1 2  ? 4.568   -11.564 9.136   1.00 13.94 ? 2   ILE C N    1 
ATOM   399  C  CA   . ILE C  1 2  ? 5.255   -10.481 8.431   1.00 15.52 ? 2   ILE C CA   1 
ATOM   400  C  C    . ILE C  1 2  ? 6.621   -11.015 7.983   1.00 19.50 ? 2   ILE C C    1 
ATOM   401  O  O    . ILE C  1 2  ? 7.316   -11.640 8.771   1.00 26.13 ? 2   ILE C O    1 
ATOM   402  C  CB   . ILE C  1 2  ? 5.352   -9.243  9.327   1.00 18.15 ? 2   ILE C CB   1 
ATOM   403  C  CG1  . ILE C  1 2  ? 3.974   -8.802  9.808   1.00 19.58 ? 2   ILE C CG1  1 
ATOM   404  C  CG2  . ILE C  1 2  ? 6.026   -8.130  8.612   1.00 22.67 ? 2   ILE C CG2  1 
ATOM   405  C  CD1  . ILE C  1 2  ? 2.999   -8.425  8.712   1.00 21.48 ? 2   ILE C CD1  1 
ATOM   406  H  H    . ILE C  1 2  ? 4.651   -11.522 9.991   1.00 16.73 ? 2   ILE C H    1 
ATOM   407  H  HA   . ILE C  1 2  ? 4.769   -10.195 7.642   1.00 18.62 ? 2   ILE C HA   1 
ATOM   408  H  HB   . ILE C  1 2  ? 5.882   -9.483  10.103  1.00 21.78 ? 2   ILE C HB   1 
ATOM   409  H  HG12 . ILE C  1 2  ? 3.576   -9.531  10.310  1.00 23.50 ? 2   ILE C HG12 1 
ATOM   410  H  HG13 . ILE C  1 2  ? 4.081   -8.026  10.380  1.00 23.50 ? 2   ILE C HG13 1 
ATOM   411  H  HG21 . ILE C  1 2  ? 5.907   -7.312  9.119   1.00 27.21 ? 2   ILE C HG21 1 
ATOM   412  H  HG22 . ILE C  1 2  ? 6.970   -8.335  8.529   1.00 27.21 ? 2   ILE C HG22 1 
ATOM   413  H  HG23 . ILE C  1 2  ? 5.629   -8.035  7.732   1.00 27.21 ? 2   ILE C HG23 1 
ATOM   414  H  HD11 . ILE C  1 2  ? 2.195   -8.064  9.115   1.00 25.77 ? 2   ILE C HD11 1 
ATOM   415  H  HD12 . ILE C  1 2  ? 3.410   -7.758  8.141   1.00 25.77 ? 2   ILE C HD12 1 
ATOM   416  H  HD13 . ILE C  1 2  ? 2.784   -9.217  8.194   1.00 25.77 ? 2   ILE C HD13 1 
ATOM   417  N  N    . SER C  1 3  ? 6.972   -10.829 6.716   1.00 15.93 ? 3   SER C N    1 
ATOM   418  C  CA   . SER C  1 3  ? 8.270   -11.265 6.177   1.00 16.67 ? 3   SER C CA   1 
ATOM   419  C  C    . SER C  1 3  ? 8.803   -10.043 5.467   1.00 18.76 ? 3   SER C C    1 
ATOM   420  O  O    . SER C  1 3  ? 8.026   -9.274  4.933   1.00 19.90 ? 3   SER C O    1 
ATOM   421  C  CB   . SER C  1 3  ? 8.162   -12.472 5.238   1.00 29.47 ? 3   SER C CB   1 
ATOM   422  O  OG   . SER C  1 3  ? 7.674   -12.127 3.965   1.00 37.84 ? 3   SER C OG   1 
ATOM   423  H  H    . SER C  1 3  ? 6.473   -10.445 6.130   1.00 19.11 ? 3   SER C H    1 
ATOM   424  H  HA   . SER C  1 3  ? 8.871   -11.587 6.868   1.00 20.01 ? 3   SER C HA   1 
ATOM   425  H  HB2  . SER C  1 3  ? 9.044   -12.862 5.135   1.00 35.36 ? 3   SER C HB2  1 
ATOM   426  H  HB3  . SER C  1 3  ? 7.557   -13.118 5.635   1.00 35.36 ? 3   SER C HB3  1 
ATOM   427  H  HG   . SER C  1 3  ? 7.678   -12.800 3.464   1.00 45.41 ? 3   SER C HG   1 
HETATM 428  C  CN   . HJV C  1 4  ? 11.106  -10.539 6.212   1.00 27.52 ? 4   HJV C CN   1 
HETATM 429  N  N    . HJV C  1 4  ? 10.111  -9.819  5.457   1.00 17.48 ? 4   HJV C N    1 
HETATM 430  C  CA   . HJV C  1 4  ? 10.601  -8.652  4.738   1.00 18.15 ? 4   HJV C CA   1 
HETATM 431  C  CB   . HJV C  1 4  ? 12.047  -8.700  4.276   1.00 18.78 ? 4   HJV C CB   1 
HETATM 432  C  CG   . HJV C  1 4  ? 12.285  -9.667  3.135   1.00 26.38 ? 4   HJV C CG   1 
HETATM 433  C  CD   . HJV C  1 4  ? 13.474  -10.556 3.467   1.00 52.82 ? 4   HJV C CD   1 
HETATM 434  N  NE2  . HJV C  1 4  ? 13.236  -11.769 4.236   1.00 57.31 ? 4   HJV C NE2  1 
HETATM 435  O  OE1  . HJV C  1 4  ? 14.572  -10.269 3.110   1.00 47.89 ? 4   HJV C OE1  1 
HETATM 436  C  C    . HJV C  1 4  ? 10.372  -7.409  5.639   1.00 18.67 ? 4   HJV C C    1 
HETATM 437  O  O    . HJV C  1 4  ? 10.397  -7.493  6.893   1.00 17.75 ? 4   HJV C O    1 
HETATM 438  H  HN11 . HJV C  1 4  ? 10.850  -11.474 6.276   1.00 33.03 ? 4   HJV C HN11 1 
HETATM 439  H  HN12 . HJV C  1 4  ? 11.965  -10.468 5.767   1.00 33.03 ? 4   HJV C HN12 1 
HETATM 440  H  HN13 . HJV C  1 4  ? 11.172  -10.161 7.104   1.00 33.03 ? 4   HJV C HN13 1 
HETATM 441  H  HA   . HJV C  1 4  ? 10.097  -8.617  3.909   1.00 21.78 ? 4   HJV C HA   1 
HETATM 442  H  HB2  . HJV C  1 4  ? 12.602  -8.963  5.027   1.00 22.53 ? 4   HJV C HB2  1 
HETATM 443  H  HB1  . HJV C  1 4  ? 12.309  -7.812  3.989   1.00 22.53 ? 4   HJV C HB1  1 
HETATM 444  H  HG2  . HJV C  1 4  ? 11.496  -10.216 3.002   1.00 31.66 ? 4   HJV C HG2  1 
HETATM 445  H  HG1  . HJV C  1 4  ? 12.465  -9.173  2.320   1.00 31.66 ? 4   HJV C HG1  1 
HETATM 446  H  H11  . HJV C  1 4  ? 12.442  -11.974 4.504   1.00 68.78 ? 4   HJV C H11  1 
HETATM 447  H  H10  . HJV C  1 4  ? 13.891  -12.276 4.428   1.00 68.78 ? 4   HJV C H10  1 
HETATM 448  N  N    . 28J C  1 5  ? 10.155  -6.265  5.008   1.00 13.02 ? 5   28J C N    1 
HETATM 449  C  CA   . 28J C  1 5  ? 9.925   -5.038  5.691   1.00 14.07 ? 5   28J C CA   1 
HETATM 450  C  CB   . 28J C  1 5  ? 8.442   -4.725  5.733   1.00 15.42 ? 5   28J C CB   1 
HETATM 451  C  CG2  . 28J C  1 5  ? 7.850   -4.737  4.331   1.00 16.26 ? 5   28J C CG2  1 
HETATM 452  C  CG1  . 28J C  1 5  ? 7.641   -5.675  6.615   1.00 14.02 ? 5   28J C CG1  1 
HETATM 453  C  CD1  . 28J C  1 5  ? 6.263   -5.072  6.796   1.00 17.14 ? 5   28J C CD1  1 
HETATM 454  C  C    . 28J C  1 5  ? 10.700  -3.935  4.982   1.00 10.42 ? 5   28J C C    1 
HETATM 455  O  O    . 28J C  1 5  ? 11.280  -4.105  3.942   1.00 14.66 ? 5   28J C O    1 
HETATM 456  H  HA   . 28J C  1 5  ? 10.232  -5.107  6.608   1.00 16.89 ? 5   28J C HA   1 
HETATM 457  H  H22  . 28J C  1 5  ? 8.373   -3.839  6.124   1.00 18.50 ? 5   28J C H22  1 
HETATM 458  H  H23  . 28J C  1 5  ? 7.325   -3.934  4.194   1.00 19.52 ? 5   28J C H23  1 
HETATM 459  H  H24  . 28J C  1 5  ? 8.568   -4.770  3.678   1.00 19.52 ? 5   28J C H24  1 
HETATM 460  H  H25  . 28J C  1 5  ? 7.283   -5.516  4.227   1.00 19.52 ? 5   28J C H25  1 
HETATM 461  H  H26  . 28J C  1 5  ? 7.571   -6.545  6.191   1.00 16.83 ? 5   28J C H26  1 
HETATM 462  H  H27  . 28J C  1 5  ? 8.076   -5.779  7.476   1.00 16.83 ? 5   28J C H27  1 
HETATM 463  H  H28  . 28J C  1 5  ? 6.350   -4.148  7.078   1.00 20.57 ? 5   28J C H28  1 
HETATM 464  H  H29  . 28J C  1 5  ? 5.778   -5.571  7.473   1.00 20.57 ? 5   28J C H29  1 
HETATM 465  H  H30  . 28J C  1 5  ? 5.779   -5.111  5.957   1.00 20.57 ? 5   28J C H30  1 
ATOM   466  N  N    . ILE C  1 6  ? 10.590  -2.756  5.542   1.00 11.39 ? 6   ILE C N    1 
ATOM   467  C  CA   . ILE C  1 6  ? 11.097  -1.553  4.910   1.00 10.67 ? 6   ILE C CA   1 
ATOM   468  C  C    . ILE C  1 6  ? 12.493  -1.223  5.374   1.00 11.28 ? 6   ILE C C    1 
ATOM   469  O  O    . ILE C  1 6  ? 12.720  -1.152  6.572   1.00 10.07 ? 6   ILE C O    1 
ATOM   470  C  CB   . ILE C  1 6  ? 10.149  -0.374  5.147   1.00 11.71 ? 6   ILE C CB   1 
ATOM   471  C  CG1  . ILE C  1 6  ? 8.883   -0.617  4.301   1.00 14.18 ? 6   ILE C CG1  1 
ATOM   472  C  CG2  . ILE C  1 6  ? 10.812  0.951   4.795   1.00 14.55 ? 6   ILE C CG2  1 
ATOM   473  C  CD1  . ILE C  1 6  ? 7.738   0.333   4.584   1.00 22.28 ? 6   ILE C CD1  1 
ATOM   474  H  H    . ILE C  1 6  ? 10.219  -2.617  6.306   1.00 13.66 ? 6   ILE C H    1 
ATOM   475  H  HA   . ILE C  1 6  ? 11.150  -1.719  3.955   1.00 12.80 ? 6   ILE C HA   1 
ATOM   476  H  HB   . ILE C  1 6  ? 9.915   -0.318  6.086   1.00 14.05 ? 6   ILE C HB   1 
ATOM   477  H  HG12 . ILE C  1 6  ? 9.116   -0.523  3.364   1.00 17.02 ? 6   ILE C HG12 1 
ATOM   478  H  HG13 . ILE C  1 6  ? 8.565   -1.517  4.475   1.00 17.02 ? 6   ILE C HG13 1 
ATOM   479  H  HG21 . ILE C  1 6  ? 10.127  1.631   4.699   1.00 17.46 ? 6   ILE C HG21 1 
ATOM   480  H  HG22 . ILE C  1 6  ? 11.423  1.196   5.506   1.00 17.46 ? 6   ILE C HG22 1 
ATOM   481  H  HG23 . ILE C  1 6  ? 11.297  0.850   3.961   1.00 17.46 ? 6   ILE C HG23 1 
ATOM   482  H  HD11 . ILE C  1 6  ? 6.927   -0.024  4.189   1.00 26.74 ? 6   ILE C HD11 1 
ATOM   483  H  HD12 . ILE C  1 6  ? 7.629   0.419   5.544   1.00 26.74 ? 6   ILE C HD12 1 
ATOM   484  H  HD13 . ILE C  1 6  ? 7.942   1.198   4.194   1.00 26.74 ? 6   ILE C HD13 1 
ATOM   485  N  N    . SER C  1 7  ? 13.409  -1.016  4.439   1.00 10.72 ? 7   SER C N    1 
ATOM   486  C  CA   . SER C  1 7  ? 14.732  -0.553  4.782   1.00 11.39 ? 7   SER C CA   1 
ATOM   487  C  C    . SER C  1 7  ? 15.064  0.846   4.276   1.00 14.02 ? 7   SER C C    1 
ATOM   488  O  O    . SER C  1 7  ? 16.025  1.448   4.796   1.00 11.85 ? 7   SER C O    1 
ATOM   489  C  CB   . SER C  1 7  ? 15.795  -1.496  4.237   1.00 10.90 ? 7   SER C CB   1 
ATOM   490  O  OG   . SER C  1 7  ? 15.835  -1.355  2.833   1.00 14.71 ? 7   SER C OG   1 
ATOM   491  H  H    . SER C  1 7  ? 13.283  -1.139  3.597   1.00 12.86 ? 7   SER C H    1 
ATOM   492  H  HA   . SER C  1 7  ? 14.752  -0.528  5.752   1.00 13.66 ? 7   SER C HA   1 
ATOM   493  H  HB2  . SER C  1 7  ? 16.659  -1.266  4.612   1.00 13.08 ? 7   SER C HB2  1 
ATOM   494  H  HB3  . SER C  1 7  ? 15.568  -2.411  4.466   1.00 13.08 ? 7   SER C HB3  1 
ATOM   495  H  HG   . SER C  1 7  ? 15.087  -1.548  2.504   1.00 17.65 ? 7   SER C HG   1 
HETATM 496  N  N    . DTH C  1 8  ? 14.316  1.357   3.312   1.00 14.07 ? 8   DTH C N    1 
HETATM 497  C  CA   . DTH C  1 8  ? 14.669  2.596   2.652   1.00 10.65 ? 8   DTH C CA   1 
HETATM 498  C  CB   . DTH C  1 8  ? 13.474  3.561   2.525   1.00 13.57 ? 8   DTH C CB   1 
HETATM 499  C  CG2  . DTH C  1 8  ? 12.922  3.936   3.890   1.00 13.81 ? 8   DTH C CG2  1 
HETATM 500  O  OG1  . DTH C  1 8  ? 12.469  2.943   1.732   1.00 13.36 ? 8   DTH C OG1  1 
HETATM 501  C  C    . DTH C  1 8  ? 15.241  2.348   1.279   1.00 11.17 ? 8   DTH C C    1 
HETATM 502  O  O    . DTH C  1 8  ? 15.290  3.244   0.420   1.00 11.37 ? 8   DTH C O    1 
HETATM 503  H  HA   . DTH C  1 8  ? 15.346  3.036   3.189   1.00 12.78 ? 8   DTH C HA   1 
HETATM 504  H  HB   . DTH C  1 8  ? 13.758  4.386   2.101   1.00 16.28 ? 8   DTH C HB   1 
HETATM 505  H  HG21 . DTH C  1 8  ? 12.178  4.549   3.789   1.00 16.57 ? 8   DTH C HG21 1 
HETATM 506  H  HG22 . DTH C  1 8  ? 13.613  4.363   4.420   1.00 16.57 ? 8   DTH C HG22 1 
HETATM 507  H  HG23 . DTH C  1 8  ? 12.616  3.141   4.353   1.00 16.57 ? 8   DTH C HG23 1 
ATOM   508  N  N    . ALA C  1 9  ? 15.645  1.107   1.004   1.00 11.66 ? 9   ALA C N    1 
ATOM   509  C  CA   . ALA C  1 9  ? 16.248  0.828   -0.313  1.00 14.10 ? 9   ALA C CA   1 
ATOM   510  C  C    . ALA C  1 9  ? 15.273  0.984   -1.457  1.00 12.46 ? 9   ALA C C    1 
ATOM   511  O  O    . ALA C  1 9  ? 15.632  1.547   -2.503  1.00 11.54 ? 9   ALA C O    1 
ATOM   512  C  CB   . ALA C  1 9  ? 16.835  -0.568  -0.361  1.00 14.45 ? 9   ALA C CB   1 
ATOM   513  H  H    . ALA C  1 9  ? 15.587  0.434   1.536   1.00 13.99 ? 9   ALA C H    1 
ATOM   514  H  HA   . ALA C  1 9  ? 16.956  1.480   -0.431  1.00 16.92 ? 9   ALA C HA   1 
ATOM   515  H  HB1  . ALA C  1 9  ? 17.222  -0.717  -1.238  1.00 17.34 ? 9   ALA C HB1  1 
ATOM   516  H  HB2  . ALA C  1 9  ? 17.521  -0.646  0.321   1.00 17.34 ? 9   ALA C HB2  1 
ATOM   517  H  HB3  . ALA C  1 9  ? 16.130  -1.213  -0.196  1.00 17.34 ? 9   ALA C HB3  1 
ATOM   518  N  N    . LYS C  1 10 ? 14.051  0.493   -1.264  1.00 11.46 ? 10  LYS C N    1 
ATOM   519  C  CA   . LYS C  1 10 ? 12.955  0.732   -2.201  1.00 11.30 ? 10  LYS C CA   1 
ATOM   520  C  C    . LYS C  1 10 ? 12.076  1.890   -1.749  1.00 12.20 ? 10  LYS C C    1 
ATOM   521  O  O    . LYS C  1 10 ? 11.851  2.839   -2.513  1.00 14.65 ? 10  LYS C O    1 
ATOM   522  C  CB   . LYS C  1 10 ? 12.113  -0.537  -2.383  1.00 12.61 ? 10  LYS C CB   1 
ATOM   523  C  CG   . LYS C  1 10 ? 10.916  -0.297  -3.301  1.00 13.85 ? 10  LYS C CG   1 
ATOM   524  C  CD   . LYS C  1 10 ? 9.921   -1.463  -3.306  1.00 19.14 ? 10  LYS C CD   1 
ATOM   525  C  CE   . LYS C  1 10 ? 9.001   -1.409  -4.555  1.00 23.06 ? 10  LYS C CE   1 
ATOM   526  N  NZ   . LYS C  1 10 ? 8.269   -2.680  -4.763  1.00 32.40 ? 10  LYS C NZ   1 
ATOM   527  H  H    . LYS C  1 10 ? 13.829  0.012   -0.588  1.00 13.75 ? 10  LYS C H    1 
ATOM   528  H  HA   . LYS C  1 10 ? 13.323  0.949   -3.072  1.00 13.56 ? 10  LYS C HA   1 
ATOM   529  H  HB2  . LYS C  1 10 ? 12.663  -1.232  -2.777  1.00 15.14 ? 10  LYS C HB2  1 
ATOM   530  H  HB3  . LYS C  1 10 ? 11.780  -0.828  -1.520  1.00 15.14 ? 10  LYS C HB3  1 
ATOM   531  H  HG2  . LYS C  1 10 ? 10.444  0.496   -3.003  1.00 16.61 ? 10  LYS C HG2  1 
ATOM   532  H  HG3  . LYS C  1 10 ? 11.235  -0.172  -4.208  1.00 16.61 ? 10  LYS C HG3  1 
ATOM   533  H  HD2  . LYS C  1 10 ? 10.408  -2.302  -3.321  1.00 22.97 ? 10  LYS C HD2  1 
ATOM   534  H  HD3  . LYS C  1 10 ? 9.365   -1.416  -2.514  1.00 22.97 ? 10  LYS C HD3  1 
ATOM   535  H  HE2  . LYS C  1 10 ? 8.349   -0.699  -4.441  1.00 27.67 ? 10  LYS C HE2  1 
ATOM   536  H  HE3  . LYS C  1 10 ? 9.541   -1.239  -5.343  1.00 27.67 ? 10  LYS C HE3  1 
ATOM   537  H  HZ1  . LYS C  1 10 ? 7.760   -2.857  -4.055  1.00 38.88 ? 10  LYS C HZ1  1 
ATOM   538  H  HZ2  . LYS C  1 10 ? 7.751   -2.620  -5.484  1.00 38.88 ? 10  LYS C HZ2  1 
ATOM   539  H  HZ3  . LYS C  1 10 ? 8.846   -3.348  -4.878  1.00 38.88 ? 10  LYS C HZ3  1 
ATOM   540  N  N    . ILE C  1 11 ? 11.599  1.818   -0.494  1.00 12.36 ? 11  ILE C N    1 
ATOM   541  C  CA   . ILE C  1 11 ? 10.829  2.879   0.126   1.00 13.53 ? 11  ILE C CA   1 
ATOM   542  C  C    . ILE C  1 11 ? 11.741  3.703   0.991   1.00 12.51 ? 11  ILE C C    1 
ATOM   543  O  O    . ILE C  1 11 ? 11.994  4.885   0.771   1.00 16.80 ? 11  ILE C O    1 
ATOM   544  C  CB   . ILE C  1 11 ? 9.706   2.343   0.981   1.00 13.20 ? 11  ILE C CB   1 
ATOM   545  C  CG1  . ILE C  1 11 ? 8.774   1.432   0.171   1.00 18.54 ? 11  ILE C CG1  1 
ATOM   546  C  CG2  . ILE C  1 11 ? 8.955   3.502   1.661   1.00 20.41 ? 11  ILE C CG2  1 
ATOM   547  C  CD1  . ILE C  1 11 ? 8.168   2.063   -1.011  1.00 31.42 ? 11  ILE C CD1  1 
ATOM   548  H  H    . ILE C  1 11 ? 11.717  1.141   0.024   1.00 14.83 ? 11  ILE C H    1 
ATOM   549  H  HA   . ILE C  1 11 ? 10.440  3.420   -0.579  1.00 16.24 ? 11  ILE C HA   1 
ATOM   550  H  HB   . ILE C  1 11 ? 10.088  1.790   1.681   1.00 15.85 ? 11  ILE C HB   1 
ATOM   551  H  HG12 . ILE C  1 11 ? 9.284   0.667   -0.138  1.00 22.25 ? 11  ILE C HG12 1 
ATOM   552  H  HG13 . ILE C  1 11 ? 8.052   1.140   0.747   1.00 22.25 ? 11  ILE C HG13 1 
ATOM   553  H  HG21 . ILE C  1 11 ? 8.088   3.185   1.959   1.00 24.50 ? 11  ILE C HG21 1 
ATOM   554  H  HG22 . ILE C  1 11 ? 9.473   3.812   2.420   1.00 24.50 ? 11  ILE C HG22 1 
ATOM   555  H  HG23 . ILE C  1 11 ? 8.841   4.222   1.021   1.00 24.50 ? 11  ILE C HG23 1 
ATOM   556  H  HD11 . ILE C  1 11 ? 7.961   2.988   -0.804  1.00 37.70 ? 11  ILE C HD11 1 
ATOM   557  H  HD12 . ILE C  1 11 ? 8.796   2.022   -1.749  1.00 37.70 ? 11  ILE C HD12 1 
ATOM   558  H  HD13 . ILE C  1 11 ? 7.355   1.586   -1.243  1.00 37.70 ? 11  ILE C HD13 1 
HETATM 559  N  N    . ZAE D  1 1  ? -3.645  -3.312  12.522  1.00 15.09 ? 1   ZAE D N    1 
HETATM 560  C  CA   . ZAE D  1 1  ? -3.576  -3.823  11.183  1.00 13.11 ? 1   ZAE D CA   1 
HETATM 561  C  C    . ZAE D  1 1  ? -2.674  -2.863  10.442  1.00 14.99 ? 1   ZAE D C    1 
HETATM 562  O  O    . ZAE D  1 1  ? -1.525  -2.624  10.867  1.00 15.41 ? 1   ZAE D O    1 
HETATM 563  C  CB   . ZAE D  1 1  ? -2.941  -5.195  11.225  1.00 16.60 ? 1   ZAE D CB   1 
HETATM 564  C  CG   . ZAE D  1 1  ? -2.794  -5.856  9.858   1.00 18.03 ? 1   ZAE D CG   1 
HETATM 565  C  CD1  . ZAE D  1 1  ? -3.856  -5.838  8.972   1.00 15.20 ? 1   ZAE D CD1  1 
HETATM 566  C  CD2  . ZAE D  1 1  ? -1.611  -6.488  9.493   1.00 13.58 ? 1   ZAE D CD2  1 
HETATM 567  C  CE1  . ZAE D  1 1  ? -3.721  -6.425  7.727   1.00 18.12 ? 1   ZAE D CE1  1 
HETATM 568  C  CE2  . ZAE D  1 1  ? -1.490  -7.074  8.254   1.00 20.29 ? 1   ZAE D CE2  1 
HETATM 569  C  CZ   . ZAE D  1 1  ? -2.540  -7.051  7.379   1.00 19.45 ? 1   ZAE D CZ   1 
HETATM 570  C  C10  . ZAE D  1 1  ? -4.270  -2.020  12.600  1.00 15.43 ? 1   ZAE D C10  1 
HETATM 571  H  H2   . ZAE D  1 1  ? -4.095  -3.864  13.004  1.00 18.11 ? 1   ZAE D H2   1 
HETATM 572  H  H    . ZAE D  1 1  ? -2.845  -3.247  12.832  1.00 18.11 ? 1   ZAE D H    1 
HETATM 573  H  HA   . ZAE D  1 1  ? -4.446  -3.898  10.762  1.00 15.73 ? 1   ZAE D HA   1 
HETATM 574  H  HB2  . ZAE D  1 1  ? -3.485  -5.768  11.785  1.00 19.92 ? 1   ZAE D HB2  1 
HETATM 575  H  HB3  . ZAE D  1 1  ? -2.059  -5.112  11.622  1.00 19.92 ? 1   ZAE D HB3  1 
HETATM 576  H  HD1  . ZAE D  1 1  ? -4.659  -5.435  9.213   1.00 18.24 ? 1   ZAE D HD1  1 
HETATM 577  H  HD2  . ZAE D  1 1  ? -0.898  -6.515  10.089  1.00 16.29 ? 1   ZAE D HD2  1 
HETATM 578  H  HE1  . ZAE D  1 1  ? -4.426  -6.398  7.122   1.00 21.75 ? 1   ZAE D HE1  1 
HETATM 579  H  HE2  . ZAE D  1 1  ? -0.693  -7.488  8.011   1.00 24.35 ? 1   ZAE D HE2  1 
HETATM 580  H  HZ   . ZAE D  1 1  ? -2.459  -7.458  6.547   1.00 23.34 ? 1   ZAE D HZ   1 
HETATM 581  H  H11  . ZAE D  1 1  ? -4.988  -1.969  11.949  1.00 18.52 ? 1   ZAE D H11  1 
HETATM 582  H  H12  . ZAE D  1 1  ? -4.632  -1.890  13.491  1.00 18.52 ? 1   ZAE D H12  1 
HETATM 583  H  H13  . ZAE D  1 1  ? -3.614  -1.331  12.414  1.00 18.52 ? 1   ZAE D H13  1 
ATOM   584  N  N    . ILE D  1 2  ? -3.182  -2.284  9.372   1.00 11.35 ? 2   ILE D N    1 
ATOM   585  C  CA   . ILE D  1 2  ? -2.427  -1.336  8.593   1.00 16.11 ? 2   ILE D CA   1 
ATOM   586  C  C    . ILE D  1 2  ? -2.988  0.026   8.921   1.00 18.36 ? 2   ILE D C    1 
ATOM   587  O  O    . ILE D  1 2  ? -4.198  0.263   8.721   1.00 14.30 ? 2   ILE D O    1 
ATOM   588  C  CB   . ILE D  1 2  ? -2.531  -1.618  7.116   1.00 17.85 ? 2   ILE D CB   1 
ATOM   589  C  CG1  . ILE D  1 2  ? -2.148  -3.054  6.789   1.00 16.82 ? 2   ILE D CG1  1 
ATOM   590  C  CG2  . ILE D  1 2  ? -1.633  -0.648  6.328   1.00 22.42 ? 2   ILE D CG2  1 
ATOM   591  C  CD1  . ILE D  1 2  ? -0.880  -3.467  7.355   1.00 21.29 ? 2   ILE D CD1  1 
ATOM   592  H  H    . ILE D  1 2  ? -3.976  -2.427  9.074   1.00 13.62 ? 2   ILE D H    1 
ATOM   593  H  HA   . ILE D  1 2  ? -1.483  -1.387  8.809   1.00 19.34 ? 2   ILE D HA   1 
ATOM   594  H  HB   . ILE D  1 2  ? -3.458  -1.489  6.860   1.00 21.42 ? 2   ILE D HB   1 
ATOM   595  H  HG12 . ILE D  1 2  ? -2.833  -3.647  7.135   1.00 20.18 ? 2   ILE D HG12 1 
ATOM   596  H  HG13 . ILE D  1 2  ? -2.085  -3.149  5.825   1.00 20.18 ? 2   ILE D HG13 1 
ATOM   597  H  HG21 . ILE D  1 2  ? -1.722  -0.834  5.380   1.00 26.91 ? 2   ILE D HG21 1 
ATOM   598  H  HG22 . ILE D  1 2  ? -1.913  0.262   6.514   1.00 26.91 ? 2   ILE D HG22 1 
ATOM   599  H  HG23 . ILE D  1 2  ? -0.713  -0.773  6.606   1.00 26.91 ? 2   ILE D HG23 1 
ATOM   600  H  HD11 . ILE D  1 2  ? -0.621  -4.316  6.964   1.00 25.55 ? 2   ILE D HD11 1 
ATOM   601  H  HD12 . ILE D  1 2  ? -0.211  -2.793  7.157   1.00 25.55 ? 2   ILE D HD12 1 
ATOM   602  H  HD13 . ILE D  1 2  ? -0.980  -3.561  8.315   1.00 25.55 ? 2   ILE D HD13 1 
ATOM   603  N  N    . SER D  1 3  ? -2.140  0.924   9.413   1.00 13.29 ? 3   SER D N    1 
ATOM   604  C  CA   . SER D  1 3  ? -2.581  2.216   9.851   1.00 11.92 ? 3   SER D CA   1 
ATOM   605  C  C    . SER D  1 3  ? -1.617  3.315   9.382   1.00 12.10 ? 3   SER D C    1 
ATOM   606  O  O    . SER D  1 3  ? -0.541  3.022   8.917   1.00 12.15 ? 3   SER D O    1 
ATOM   607  C  CB   . SER D  1 3  ? -2.699  2.208   11.358  1.00 20.56 ? 3   SER D CB   1 
ATOM   608  O  OG   . SER D  1 3  ? -1.405  2.107   11.922  1.00 19.80 ? 3   SER D OG   1 
ATOM   609  H  H    . SER D  1 3  ? -1.293  0.795   9.499   1.00 15.94 ? 3   SER D H    1 
ATOM   610  H  HA   . SER D  1 3  ? -3.450  2.422   9.473   1.00 14.30 ? 3   SER D HA   1 
ATOM   611  H  HB2  . SER D  1 3  ? -3.116  3.032   11.653  1.00 24.67 ? 3   SER D HB2  1 
ATOM   612  H  HB3  . SER D  1 3  ? -3.232  1.448   11.636  1.00 24.67 ? 3   SER D HB3  1 
ATOM   613  H  HG   . SER D  1 3  ? -1.457  2.103   12.761  1.00 23.76 ? 3   SER D HG   1 
HETATM 614  C  CN   . HJV D  1 4  ? -3.382  4.971   9.744   1.00 16.49 ? 4   HJV D CN   1 
HETATM 615  N  N    . HJV D  1 4  ? -2.023  4.579   9.456   1.00 13.40 ? 4   HJV D N    1 
HETATM 616  C  CA   . HJV D  1 4  ? -1.134  5.693   9.165   1.00 12.32 ? 4   HJV D CA   1 
HETATM 617  C  CB   . HJV D  1 4  ? -1.481  6.941   9.982   1.00 15.87 ? 4   HJV D CB   1 
HETATM 618  C  CG   . HJV D  1 4  ? -1.338  6.691   11.478  1.00 25.92 ? 4   HJV D CG   1 
HETATM 619  C  CD   . HJV D  1 4  ? 0.057   6.191   11.790  1.00 25.92 ? 4   HJV D CD   1 
HETATM 620  N  NE2  . HJV D  1 4  ? 0.357   4.775   11.691  1.00 41.21 ? 4   HJV D NE2  1 
HETATM 621  O  OE1  . HJV D  1 4  ? 0.910   6.947   12.107  1.00 39.43 ? 4   HJV D OE1  1 
HETATM 622  C  C    . HJV D  1 4  ? -1.272  5.980   7.664   1.00 13.48 ? 4   HJV D C    1 
HETATM 623  O  O    . HJV D  1 4  ? -2.024  6.908   7.274   1.00 17.07 ? 4   HJV D O    1 
HETATM 624  H  HN11 . HJV D  1 4  ? -3.470  5.161   10.691  1.00 19.78 ? 4   HJV D HN11 1 
HETATM 625  H  HN12 . HJV D  1 4  ? -3.985  4.250   9.500   1.00 19.78 ? 4   HJV D HN12 1 
HETATM 626  H  HN13 . HJV D  1 4  ? -3.604  5.765   9.232   1.00 19.78 ? 4   HJV D HN13 1 
HETATM 627  H  HA   . HJV D  1 4  ? -0.223  5.461   9.404   1.00 14.78 ? 4   HJV D HA   1 
HETATM 628  H  HB2  . HJV D  1 4  ? -2.395  7.202   9.791   1.00 19.04 ? 4   HJV D HB2  1 
HETATM 629  H  HB1  . HJV D  1 4  ? -0.888  7.664   9.725   1.00 19.04 ? 4   HJV D HB1  1 
HETATM 630  H  HG2  . HJV D  1 4  ? -1.501  7.516   11.961  1.00 31.10 ? 4   HJV D HG2  1 
HETATM 631  H  HG1  . HJV D  1 4  ? -1.989  6.029   11.759  1.00 31.10 ? 4   HJV D HG1  1 
HETATM 632  H  H11  . HJV D  1 4  ? -0.259  4.219   11.452  1.00 49.45 ? 4   HJV D H11  1 
HETATM 633  H  H10  . HJV D  1 4  ? 1.149   4.489   11.862  1.00 49.45 ? 4   HJV D H10  1 
HETATM 634  N  N    . 28J D  1 5  ? -0.574  5.200   6.859   1.00 13.44 ? 5   28J D N    1 
HETATM 635  C  CA   . 28J D  1 5  ? -0.758  5.270   5.443   1.00 14.20 ? 5   28J D CA   1 
HETATM 636  C  CB   . 28J D  1 5  ? -0.138  4.110   4.695   1.00 13.32 ? 5   28J D CB   1 
HETATM 637  C  CG2  . 28J D  1 5  ? 1.286   3.847   5.153   1.00 16.63 ? 5   28J D CG2  1 
HETATM 638  C  CG1  . 28J D  1 5  ? -0.926  2.822   4.871   1.00 21.07 ? 5   28J D CG1  1 
HETATM 639  C  CD1  . 28J D  1 5  ? -0.532  1.774   3.853   1.00 28.79 ? 5   28J D CD1  1 
HETATM 640  C  C    . 28J D  1 5  ? -0.077  6.525   4.859   1.00 14.80 ? 5   28J D C    1 
HETATM 641  O  O    . 28J D  1 5  ? 0.862   7.043   5.352   1.00 16.11 ? 5   28J D O    1 
HETATM 642  H  HA   . 28J D  1 5  ? -1.721  5.272   5.328   1.00 17.04 ? 5   28J D HA   1 
HETATM 643  H  H22  . 28J D  1 5  ? -0.149  4.370   3.760   1.00 15.98 ? 5   28J D H22  1 
HETATM 644  H  H23  . 28J D  1 5  ? 1.773   4.685   5.193   1.00 19.95 ? 5   28J D H23  1 
HETATM 645  H  H24  . 28J D  1 5  ? 1.722   3.249   4.527   1.00 19.95 ? 5   28J D H24  1 
HETATM 646  H  H25  . 28J D  1 5  ? 1.272   3.440   6.033   1.00 19.95 ? 5   28J D H25  1 
HETATM 647  H  H26  . 28J D  1 5  ? -1.872  3.014   4.774   1.00 25.28 ? 5   28J D H26  1 
HETATM 648  H  H27  . 28J D  1 5  ? -0.765  2.472   5.761   1.00 25.28 ? 5   28J D H27  1 
HETATM 649  H  H28  . 28J D  1 5  ? -1.143  1.021   3.911   1.00 34.54 ? 5   28J D H28  1 
HETATM 650  H  H29  . 28J D  1 5  ? -0.573  2.156   2.963   1.00 34.54 ? 5   28J D H29  1 
HETATM 651  H  H30  . 28J D  1 5  ? 0.372   1.470   4.034   1.00 34.54 ? 5   28J D H30  1 
ATOM   652  N  N    . ILE D  1 6  ? -0.566  6.973   3.714   1.00 13.59 ? 6   ILE D N    1 
ATOM   653  C  CA   . ILE D  1 6  ? 0.138   7.924   2.896   1.00 13.11 ? 6   ILE D CA   1 
ATOM   654  C  C    . ILE D  1 6  ? -0.845  8.793   2.185   1.00 13.90 ? 6   ILE D C    1 
ATOM   655  O  O    . ILE D  1 6  ? -1.779  8.257   1.583   1.00 12.25 ? 6   ILE D O    1 
ATOM   656  C  CB   . ILE D  1 6  ? 1.017   7.228   1.842   1.00 12.74 ? 6   ILE D CB   1 
ATOM   657  C  CG1  . ILE D  1 6  ? 2.166   6.447   2.479   1.00 19.86 ? 6   ILE D CG1  1 
ATOM   658  C  CG2  . ILE D  1 6  ? 1.576   8.256   0.820   1.00 17.35 ? 6   ILE D CG2  1 
ATOM   659  C  CD1  . ILE D  1 6  ? 2.932   5.546   1.490   1.00 21.95 ? 6   ILE D CD1  1 
ATOM   660  H  H    . ILE D  1 6  ? -1.323  6.730   3.387   1.00 16.31 ? 6   ILE D H    1 
ATOM   661  H  HA   . ILE D  1 6  ? 0.705   8.453   3.478   1.00 15.73 ? 6   ILE D HA   1 
ATOM   662  H  HB   . ILE D  1 6  ? 0.448   6.594   1.377   1.00 15.29 ? 6   ILE D HB   1 
ATOM   663  H  HG12 . ILE D  1 6  ? 2.800   7.078   2.856   1.00 23.84 ? 6   ILE D HG12 1 
ATOM   664  H  HG13 . ILE D  1 6  ? 1.808   5.880   3.180   1.00 23.84 ? 6   ILE D HG13 1 
ATOM   665  H  HG21 . ILE D  1 6  ? 2.323   7.857   0.347   1.00 20.82 ? 6   ILE D HG21 1 
ATOM   666  H  HG22 . ILE D  1 6  ? 0.875   8.492   0.192   1.00 20.82 ? 6   ILE D HG22 1 
ATOM   667  H  HG23 . ILE D  1 6  ? 1.872   9.047   1.298   1.00 20.82 ? 6   ILE D HG23 1 
ATOM   668  H  HD11 . ILE D  1 6  ? 3.455   4.901   1.991   1.00 26.34 ? 6   ILE D HD11 1 
ATOM   669  H  HD12 . ILE D  1 6  ? 2.293   5.085   0.924   1.00 26.34 ? 6   ILE D HD12 1 
ATOM   670  H  HD13 . ILE D  1 6  ? 3.516   6.098   0.948   1.00 26.34 ? 6   ILE D HD13 1 
ATOM   671  N  N    . SER D  1 7  ? -0.665  10.104  2.217   1.00 11.28 ? 7   SER D N    1 
ATOM   672  C  CA   . SER D  1 7  ? -1.402  11.049  1.379   1.00 11.73 ? 7   SER D CA   1 
ATOM   673  C  C    . SER D  1 7  ? -0.539  11.894  0.459   1.00 10.51 ? 7   SER D C    1 
ATOM   674  O  O    . SER D  1 7  ? -1.068  12.514  -0.465  1.00 13.93 ? 7   SER D O    1 
ATOM   675  C  CB   . SER D  1 7  ? -2.216  11.999  2.248   1.00 14.23 ? 7   SER D CB   1 
ATOM   676  O  OG   . SER D  1 7  ? -1.393  12.878  2.981   1.00 13.80 ? 7   SER D OG   1 
ATOM   677  H  H    . SER D  1 7  ? -0.100  10.492  2.737   1.00 13.54 ? 7   SER D H    1 
ATOM   678  H  HA   . SER D  1 7  ? -1.974  10.508  0.812   1.00 14.07 ? 7   SER D HA   1 
ATOM   679  H  HB2  . SER D  1 7  ? -2.798  12.522  1.675   1.00 17.07 ? 7   SER D HB2  1 
ATOM   680  H  HB3  . SER D  1 7  ? -2.744  11.476  2.870   1.00 17.07 ? 7   SER D HB3  1 
ATOM   681  H  HG   . SER D  1 7  ? -0.883  12.441  3.485   1.00 16.57 ? 7   SER D HG   1 
HETATM 682  N  N    . DTH D  1 8  ? 0.760   11.968  0.723   1.00 10.07 ? 8   DTH D N    1 
HETATM 683  C  CA   . DTH D  1 8  ? 1.625   12.892  -0.005  1.00 12.81 ? 8   DTH D CA   1 
HETATM 684  C  CB   . DTH D  1 8  ? 2.885   12.167  -0.474  1.00 12.30 ? 8   DTH D CB   1 
HETATM 685  C  CG2  . DTH D  1 8  ? 2.563   11.013  -1.366  1.00 16.26 ? 8   DTH D CG2  1 
HETATM 686  O  OG1  . DTH D  1 8  ? 3.574   11.693  0.694   1.00 11.52 ? 8   DTH D OG1  1 
HETATM 687  C  C    . DTH D  1 8  ? 1.996   14.077  0.895   1.00 13.86 ? 8   DTH D C    1 
HETATM 688  O  O    . DTH D  1 8  ? 3.040   14.707  0.699   1.00 15.45 ? 8   DTH D O    1 
HETATM 689  H  HA   . DTH D  1 8  ? 1.176   13.248  -0.789  1.00 15.37 ? 8   DTH D HA   1 
HETATM 690  H  HB   . DTH D  1 8  ? 3.445   12.772  -0.988  1.00 14.76 ? 8   DTH D HB   1 
HETATM 691  H  HG21 . DTH D  1 8  ? 3.381   10.591  -1.670  1.00 19.51 ? 8   DTH D HG21 1 
HETATM 692  H  HG22 . DTH D  1 8  ? 2.061   11.321  -2.138  1.00 19.51 ? 8   DTH D HG22 1 
HETATM 693  H  HG23 . DTH D  1 8  ? 2.031   10.360  -0.885  1.00 19.51 ? 8   DTH D HG23 1 
ATOM   694  N  N    . ALA D  1 9  ? 1.197   14.367  1.923   1.00 13.68 ? 9   ALA D N    1 
ATOM   695  C  CA   . ALA D  1 9  ? 1.544   15.519  2.786   1.00 10.94 ? 9   ALA D CA   1 
ATOM   696  C  C    . ALA D  1 9  ? 2.862   15.376  3.516   1.00 15.15 ? 9   ALA D C    1 
ATOM   697  O  O    . ALA D  1 9  ? 3.627   16.353  3.642   1.00 15.71 ? 9   ALA D O    1 
ATOM   698  C  CB   . ALA D  1 9  ? 0.420   15.773  3.799   1.00 11.91 ? 9   ALA D CB   1 
ATOM   699  H  H    . ALA D  1 9  ? 0.482   13.941  2.137   1.00 16.41 ? 9   ALA D H    1 
ATOM   700  H  HA   . ALA D  1 9  ? 1.644   16.285  2.198   1.00 13.13 ? 9   ALA D HA   1 
ATOM   701  H  HB1  . ALA D  1 9  ? 0.661   16.529  4.356   1.00 14.29 ? 9   ALA D HB1  1 
ATOM   702  H  HB2  . ALA D  1 9  ? -0.401  15.964  3.319   1.00 14.29 ? 9   ALA D HB2  1 
ATOM   703  H  HB3  . ALA D  1 9  ? 0.304   14.981  4.349   1.00 14.29 ? 9   ALA D HB3  1 
ATOM   704  N  N    . LYS D  1 10 ? 3.127   14.187  4.049   1.00 12.04 ? 10  LYS D N    1 
ATOM   705  C  CA   . LYS D  1 10 ? 4.430   13.883  4.616   1.00 12.04 ? 10  LYS D CA   1 
ATOM   706  C  C    . LYS D  1 10 ? 5.273   13.147  3.579   1.00 15.53 ? 10  LYS D C    1 
ATOM   707  O  O    . LYS D  1 10 ? 6.355   13.606  3.209   1.00 14.42 ? 10  LYS D O    1 
ATOM   708  C  CB   . LYS D  1 10 ? 4.312   13.040  5.896   1.00 13.80 ? 10  LYS D CB   1 
ATOM   709  C  CG   . LYS D  1 10 ? 3.129   13.323  6.790   1.00 20.94 ? 10  LYS D CG   1 
ATOM   710  C  CD   . LYS D  1 10 ? 3.139   14.736  7.296   1.00 18.28 ? 10  LYS D CD   1 
ATOM   711  C  CE   . LYS D  1 10 ? 1.933   14.974  8.191   1.00 17.60 ? 10  LYS D CE   1 
ATOM   712  N  NZ   . LYS D  1 10 ? 1.974   16.368  8.690   1.00 16.24 ? 10  LYS D NZ   1 
ATOM   713  H  H    . LYS D  1 10 ? 2.563   13.538  4.092   1.00 14.45 ? 10  LYS D H    1 
ATOM   714  H  HA   . LYS D  1 10 ? 4.863   14.711  4.877   1.00 14.45 ? 10  LYS D HA   1 
ATOM   715  H  HB2  . LYS D  1 10 ? 4.254   12.106  5.636   1.00 16.56 ? 10  LYS D HB2  1 
ATOM   716  H  HB3  . LYS D  1 10 ? 5.110   13.187  6.427   1.00 16.56 ? 10  LYS D HB3  1 
ATOM   717  H  HG2  . LYS D  1 10 ? 2.309   13.185  6.292   1.00 25.12 ? 10  LYS D HG2  1 
ATOM   718  H  HG3  . LYS D  1 10 ? 3.156   12.727  7.556   1.00 25.12 ? 10  LYS D HG3  1 
ATOM   719  H  HD2  . LYS D  1 10 ? 3.945   14.894  7.811   1.00 21.94 ? 10  LYS D HD2  1 
ATOM   720  H  HD3  . LYS D  1 10 ? 3.098   15.352  6.547   1.00 21.94 ? 10  LYS D HD3  1 
ATOM   721  H  HE2  . LYS D  1 10 ? 1.115   14.844  7.685   1.00 21.12 ? 10  LYS D HE2  1 
ATOM   722  H  HE3  . LYS D  1 10 ? 1.956   14.367  8.946   1.00 21.12 ? 10  LYS D HE3  1 
ATOM   723  H  HZ1  . LYS D  1 10 ? 2.720   16.504  9.156   1.00 19.49 ? 10  LYS D HZ1  1 
ATOM   724  H  HZ2  . LYS D  1 10 ? 1.953   16.938  8.005   1.00 19.49 ? 10  LYS D HZ2  1 
ATOM   725  H  HZ3  . LYS D  1 10 ? 1.273   16.525  9.216   1.00 19.49 ? 10  LYS D HZ3  1 
ATOM   726  N  N    . ILE D  1 11 ? 4.776   12.012  3.107   1.00 12.55 ? 11  ILE D N    1 
ATOM   727  C  CA   . ILE D  1 11 ? 5.417   11.185  2.112   1.00 12.99 ? 11  ILE D CA   1 
ATOM   728  C  C    . ILE D  1 11 ? 4.874   11.584  0.758   1.00 13.05 ? 11  ILE D C    1 
ATOM   729  O  O    . ILE D  1 11 ? 5.580   11.565  -0.245  1.00 15.04 ? 11  ILE D O    1 
ATOM   730  C  CB   . ILE D  1 11 ? 5.168   9.697   2.396   1.00 13.06 ? 11  ILE D CB   1 
ATOM   731  C  CG1  . ILE D  1 11 ? 5.742   9.344   3.777   1.00 18.29 ? 11  ILE D CG1  1 
ATOM   732  C  CG2  . ILE D  1 11 ? 5.769   8.864   1.300   1.00 16.54 ? 11  ILE D CG2  1 
ATOM   733  C  CD1  . ILE D  1 11 ? 5.221   8.079   4.380   1.00 21.02 ? 11  ILE D CD1  1 
ATOM   734  H  H    . ILE D  1 11 ? 4.023   11.686  3.365   1.00 15.06 ? 11  ILE D H    1 
ATOM   735  H  HA   . ILE D  1 11 ? 6.379   11.316  2.125   1.00 15.59 ? 11  ILE D HA   1 
ATOM   736  H  HB   . ILE D  1 11 ? 4.217   9.513   2.413   1.00 15.67 ? 11  ILE D HB   1 
ATOM   737  H  HG12 . ILE D  1 11 ? 6.704   9.249   3.693   1.00 21.95 ? 11  ILE D HG12 1 
ATOM   738  H  HG13 . ILE D  1 11 ? 5.532   10.066  4.389   1.00 21.95 ? 11  ILE D HG13 1 
ATOM   739  H  HG21 . ILE D  1 11 ? 5.827   7.943   1.600   1.00 19.85 ? 11  ILE D HG21 1 
ATOM   740  H  HG22 . ILE D  1 11 ? 5.203   8.922   0.514   1.00 19.85 ? 11  ILE D HG22 1 
ATOM   741  H  HG23 . ILE D  1 11 ? 6.655   9.202   1.096   1.00 19.85 ? 11  ILE D HG23 1 
ATOM   742  H  HD11 . ILE D  1 11 ? 5.638   7.948   5.247   1.00 25.22 ? 11  ILE D HD11 1 
ATOM   743  H  HD12 . ILE D  1 11 ? 4.259   8.152   4.484   1.00 25.22 ? 11  ILE D HD12 1 
ATOM   744  H  HD13 . ILE D  1 11 ? 5.435   7.337   3.795   1.00 25.22 ? 11  ILE D HD13 1 
HETATM 745  N  N    . ZAE E  1 1  ? -15.422 -9.968  4.649   1.00 16.51 ? 1   ZAE E N    1 
HETATM 746  C  CA   . ZAE E  1 1  ? -14.236 -10.646 4.172   1.00 9.47  ? 1   ZAE E CA   1 
HETATM 747  C  C    . ZAE E  1 1  ? -13.428 -9.569  3.454   1.00 14.43 ? 1   ZAE E C    1 
HETATM 748  O  O    . ZAE E  1 1  ? -13.163 -8.514  4.047   1.00 16.10 ? 1   ZAE E O    1 
HETATM 749  C  CB   . ZAE E  1 1  ? -13.436 -11.203 5.299   1.00 12.13 ? 1   ZAE E CB   1 
HETATM 750  C  CG   . ZAE E  1 1  ? -12.129 -11.789 4.870   1.00 9.61  ? 1   ZAE E CG   1 
HETATM 751  C  CD1  . ZAE E  1 1  ? -12.054 -12.989 4.205   1.00 15.79 ? 1   ZAE E CD1  1 
HETATM 752  C  CD2  . ZAE E  1 1  ? -10.984 -11.104 5.201   1.00 16.30 ? 1   ZAE E CD2  1 
HETATM 753  C  CE1  . ZAE E  1 1  ? -10.819 -13.493 3.855   1.00 16.64 ? 1   ZAE E CE1  1 
HETATM 754  C  CE2  . ZAE E  1 1  ? -9.760  -11.586 4.854   1.00 15.24 ? 1   ZAE E CE2  1 
HETATM 755  C  CZ   . ZAE E  1 1  ? -9.667  -12.796 4.190   1.00 14.71 ? 1   ZAE E CZ   1 
HETATM 756  C  C10  . ZAE E  1 1  ? -16.502 -10.870 5.020   1.00 19.06 ? 1   ZAE E C10  1 
HETATM 757  H  H2   . ZAE E  1 1  ? -15.209 -9.502  5.339   1.00 19.81 ? 1   ZAE E H2   1 
HETATM 758  H  H    . ZAE E  1 1  ? -15.706 -9.446  4.027   1.00 19.81 ? 1   ZAE E H    1 
HETATM 759  H  HA   . ZAE E  1 1  ? -14.467 -11.392 3.597   1.00 11.37 ? 1   ZAE E HA   1 
HETATM 760  H  HB2  . ZAE E  1 1  ? -13.956 -11.896 5.734   1.00 14.56 ? 1   ZAE E HB2  1 
HETATM 761  H  HB3  . ZAE E  1 1  ? -13.263 -10.492 5.936   1.00 14.56 ? 1   ZAE E HB3  1 
HETATM 762  H  HD1  . ZAE E  1 1  ? -12.830 -13.456 3.992   1.00 18.94 ? 1   ZAE E HD1  1 
HETATM 763  H  HD2  . ZAE E  1 1  ? -11.048 -10.302 5.669   1.00 19.56 ? 1   ZAE E HD2  1 
HETATM 764  H  HE1  . ZAE E  1 1  ? -10.757 -14.299 3.395   1.00 19.97 ? 1   ZAE E HE1  1 
HETATM 765  H  HE2  . ZAE E  1 1  ? -8.992  -11.105 5.061   1.00 18.29 ? 1   ZAE E HE2  1 
HETATM 766  H  HZ   . ZAE E  1 1  ? -8.832  -13.142 3.968   1.00 17.66 ? 1   ZAE E HZ   1 
HETATM 767  H  H11  . ZAE E  1 1  ? -16.793 -11.365 4.239   1.00 22.87 ? 1   ZAE E H11  1 
HETATM 768  H  H12  . ZAE E  1 1  ? -16.186 -11.490 5.696   1.00 22.87 ? 1   ZAE E H12  1 
HETATM 769  H  H13  . ZAE E  1 1  ? -17.245 -10.357 5.374   1.00 22.87 ? 1   ZAE E H13  1 
ATOM   770  N  N    . ILE E  1 2  ? -13.088 -9.796  2.187   1.00 12.04 ? 2   ILE E N    1 
ATOM   771  C  CA   . ILE E  1 2  ? -12.351 -8.868  1.364   1.00 13.52 ? 2   ILE E CA   1 
ATOM   772  C  C    . ILE E  1 2  ? -13.422 -8.128  0.590   1.00 12.80 ? 2   ILE E C    1 
ATOM   773  O  O    . ILE E  1 2  ? -13.945 -8.661  -0.377  1.00 15.00 ? 2   ILE E O    1 
ATOM   774  C  CB   . ILE E  1 2  ? -11.381 -9.621  0.478   1.00 13.58 ? 2   ILE E CB   1 
ATOM   775  C  CG1  . ILE E  1 2  ? -10.367 -10.331 1.366   1.00 17.11 ? 2   ILE E CG1  1 
ATOM   776  C  CG2  . ILE E  1 2  ? -10.701 -8.684  -0.518  1.00 18.18 ? 2   ILE E CG2  1 
ATOM   777  C  CD1  . ILE E  1 2  ? -9.473  -11.204 0.614   1.00 19.15 ? 2   ILE E CD1  1 
ATOM   778  H  H    . ILE E  1 2  ? -13.288 -10.520 1.768   1.00 14.45 ? 2   ILE E H    1 
ATOM   779  H  HA   . ILE E  1 2  ? -11.801 -8.242  1.860   1.00 16.23 ? 2   ILE E HA   1 
ATOM   780  H  HB   . ILE E  1 2  ? -11.865 -10.279 -0.046  1.00 16.29 ? 2   ILE E HB   1 
ATOM   781  H  HG12 . ILE E  1 2  ? -9.826  -9.668  1.821   1.00 20.54 ? 2   ILE E HG12 1 
ATOM   782  H  HG13 . ILE E  1 2  ? -10.841 -10.875 2.014   1.00 20.54 ? 2   ILE E HG13 1 
ATOM   783  H  HG21 . ILE E  1 2  ? -10.093 -9.200  -1.071  1.00 21.81 ? 2   ILE E HG21 1 
ATOM   784  H  HG22 . ILE E  1 2  ? -11.378 -8.267  -1.073  1.00 21.81 ? 2   ILE E HG22 1 
ATOM   785  H  HG23 . ILE E  1 2  ? -10.209 -8.006  -0.030  1.00 21.81 ? 2   ILE E HG23 1 
ATOM   786  H  HD11 . ILE E  1 2  ? -8.967  -11.749 1.235   1.00 22.98 ? 2   ILE E HD11 1 
ATOM   787  H  HD12 . ILE E  1 2  ? -10.002 -11.772 0.032   1.00 22.98 ? 2   ILE E HD12 1 
ATOM   788  H  HD13 . ILE E  1 2  ? -8.871  -10.658 0.084   1.00 22.98 ? 2   ILE E HD13 1 
ATOM   789  N  N    . SER E  1 3  ? -13.743 -6.931  1.051   1.00 12.55 ? 3   SER E N    1 
ATOM   790  C  CA   . SER E  1 3  ? -14.932 -6.190  0.678   1.00 14.88 ? 3   SER E CA   1 
ATOM   791  C  C    . SER E  1 3  ? -14.611 -4.855  0.047   1.00 18.17 ? 3   SER E C    1 
ATOM   792  O  O    . SER E  1 3  ? -13.876 -4.053  0.599   1.00 17.24 ? 3   SER E O    1 
ATOM   793  C  CB   . SER E  1 3  ? -15.812 -5.944  1.898   1.00 16.61 ? 3   SER E CB   1 
ATOM   794  O  OG   . SER E  1 3  ? -17.058 -5.343  1.547   1.00 29.31 ? 3   SER E OG   1 
ATOM   795  H  H    . SER E  1 3  ? -13.258 -6.501  1.617   1.00 15.06 ? 3   SER E H    1 
ATOM   796  H  HA   . SER E  1 3  ? -15.412 -6.725  0.028   1.00 17.86 ? 3   SER E HA   1 
ATOM   797  H  HB2  . SER E  1 3  ? -15.988 -6.794  2.331   1.00 19.93 ? 3   SER E HB2  1 
ATOM   798  H  HB3  . SER E  1 3  ? -15.341 -5.353  2.506   1.00 19.93 ? 3   SER E HB3  1 
ATOM   799  H  HG   . SER E  1 3  ? -17.477 -5.839  1.014   1.00 35.17 ? 3   SER E HG   1 
HETATM 800  C  CN   . HJV E  1 4  ? -15.680 -5.658  -2.009  1.00 13.06 ? 4   HJV E CN   1 
HETATM 801  N  N    . HJV E  1 4  ? -15.165 -4.616  -1.127  1.00 12.57 ? 4   HJV E N    1 
HETATM 802  C  CA   . HJV E  1 4  ? -15.121 -3.277  -1.716  1.00 18.17 ? 4   HJV E CA   1 
HETATM 803  C  CB   . HJV E  1 4  ? -16.388 -3.152  -2.569  1.00 32.77 ? 4   HJV E CB   1 
HETATM 804  C  CG   . HJV E  1 4  ? -17.361 -2.010  -2.380  1.00 54.97 ? 4   HJV E CG   1 
HETATM 805  C  CD   . HJV E  1 4  ? -18.266 -1.863  -3.619  1.00 43.53 ? 4   HJV E CD   1 
HETATM 806  N  NE2  . HJV E  1 4  ? -18.163 -0.637  -4.382  1.00 41.96 ? 4   HJV E NE2  1 
HETATM 807  O  OE1  . HJV E  1 4  ? -19.025 -2.716  -3.994  1.00 26.58 ? 4   HJV E OE1  1 
HETATM 808  C  C    . HJV E  1 4  ? -13.939 -3.082  -2.642  1.00 15.32 ? 4   HJV E C    1 
HETATM 809  O  O    . HJV E  1 4  ? -14.124 -2.809  -3.838  1.00 21.81 ? 4   HJV E O    1 
HETATM 810  H  HN11 . HJV E  1 4  ? -15.177 -6.476  -1.871  1.00 15.67 ? 4   HJV E HN11 1 
HETATM 811  H  HN12 . HJV E  1 4  ? -16.616 -5.817  -1.810  1.00 15.67 ? 4   HJV E HN12 1 
HETATM 812  H  HN13 . HJV E  1 4  ? -15.589 -5.375  -2.932  1.00 15.67 ? 4   HJV E HN13 1 
HETATM 813  H  HA   . HJV E  1 4  ? -15.051 -2.620  -1.006  1.00 21.81 ? 4   HJV E HA   1 
HETATM 814  H  HB2  . HJV E  1 4  ? -16.893 -3.969  -2.433  1.00 39.32 ? 4   HJV E HB2  1 
HETATM 815  H  HB1  . HJV E  1 4  ? -16.095 -3.114  -3.493  1.00 39.32 ? 4   HJV E HB1  1 
HETATM 816  H  HG2  . HJV E  1 4  ? -16.867 -1.187  -2.243  1.00 65.97 ? 4   HJV E HG2  1 
HETATM 817  H  HG1  . HJV E  1 4  ? -17.910 -2.182  -1.598  1.00 65.97 ? 4   HJV E HG1  1 
HETATM 818  H  H11  . HJV E  1 4  ? -18.646 -0.526  -5.086  1.00 50.35 ? 4   HJV E H11  1 
HETATM 819  H  H10  . HJV E  1 4  ? -17.615 -0.023  -4.135  1.00 50.35 ? 4   HJV E H10  1 
HETATM 820  N  N    . 28J E  1 5  ? -12.737 -3.251  -2.125  1.00 12.29 ? 5   28J E N    1 
HETATM 821  C  CA   . 28J E  1 5  ? -11.521 -3.100  -2.917  1.00 12.52 ? 5   28J E CA   1 
HETATM 822  C  CB   . 28J E  1 5  ? -10.337 -3.795  -2.262  1.00 15.83 ? 5   28J E CB   1 
HETATM 823  C  CG2  . 28J E  1 5  ? -10.594 -5.308  -2.298  1.00 17.89 ? 5   28J E CG2  1 
HETATM 824  C  CG1  . 28J E  1 5  ? -9.073  -3.441  -3.003  1.00 18.29 ? 5   28J E CG1  1 
HETATM 825  C  CD1  . 28J E  1 5  ? -7.957  -4.406  -2.687  1.00 21.06 ? 5   28J E CD1  1 
HETATM 826  C  C    . 28J E  1 5  ? -11.284 -1.610  -3.072  1.00 15.95 ? 5   28J E C    1 
HETATM 827  O  O    . 28J E  1 5  ? -11.286 -0.899  -2.124  1.00 18.71 ? 5   28J E O    1 
HETATM 828  H  HA   . 28J E  1 5  ? -11.622 -3.522  -3.786  1.00 15.02 ? 5   28J E HA   1 
HETATM 829  H  H22  . 28J E  1 5  ? -10.231 -3.508  -1.341  1.00 18.99 ? 5   28J E H22  1 
HETATM 830  H  H23  . 28J E  1 5  ? -10.065 -5.742  -1.611  1.00 21.46 ? 5   28J E H23  1 
HETATM 831  H  H24  . 28J E  1 5  ? -11.535 -5.479  -2.137  1.00 21.46 ? 5   28J E H24  1 
HETATM 832  H  H25  . 28J E  1 5  ? -10.345 -5.657  -3.168  1.00 21.46 ? 5   28J E H25  1 
HETATM 833  H  H26  . 28J E  1 5  ? -8.799  -2.545  -2.753  1.00 21.95 ? 5   28J E H26  1 
HETATM 834  H  H27  . 28J E  1 5  ? -9.250  -3.462  -3.958  1.00 21.95 ? 5   28J E H27  1 
HETATM 835  H  H28  . 28J E  1 5  ? -7.944  -4.586  -1.735  1.00 25.27 ? 5   28J E H28  1 
HETATM 836  H  H29  . 28J E  1 5  ? -7.109  -4.018  -2.954  1.00 25.27 ? 5   28J E H29  1 
HETATM 837  H  H30  . 28J E  1 5  ? -8.099  -5.234  -3.172  1.00 25.27 ? 5   28J E H30  1 
ATOM   838  N  N    . ILE E  1 6  ? -11.075 -1.151  -4.289  1.00 12.14 ? 6   ILE E N    1 
ATOM   839  C  CA   . ILE E  1 6  ? -10.902 0.245   -4.567  1.00 14.30 ? 6   ILE E CA   1 
ATOM   840  C  C    . ILE E  1 6  ? -11.997 0.737   -5.498  1.00 14.76 ? 6   ILE E C    1 
ATOM   841  O  O    . ILE E  1 6  ? -12.591 -0.055  -6.246  1.00 15.51 ? 6   ILE E O    1 
ATOM   842  C  CB   . ILE E  1 6  ? -9.536  0.543   -5.196  1.00 15.31 ? 6   ILE E CB   1 
ATOM   843  C  CG1  . ILE E  1 6  ? -9.405  -0.146  -6.552  1.00 18.59 ? 6   ILE E CG1  1 
ATOM   844  C  CG2  . ILE E  1 6  ? -8.415  0.137   -4.253  1.00 17.72 ? 6   ILE E CG2  1 
ATOM   845  C  CD1  . ILE E  1 6  ? -8.086  0.103   -7.253  1.00 23.27 ? 6   ILE E CD1  1 
ATOM   846  H  H    . ILE E  1 6  ? -11.028 -1.649  -4.989  1.00 14.57 ? 6   ILE E H    1 
ATOM   847  H  HA   . ILE E  1 6  ? -10.958 0.716   -3.721  1.00 17.16 ? 6   ILE E HA   1 
ATOM   848  H  HB   . ILE E  1 6  ? -9.468  1.499   -5.347  1.00 18.37 ? 6   ILE E HB   1 
ATOM   849  H  HG12 . ILE E  1 6  ? -9.493  -1.103  -6.423  1.00 22.31 ? 6   ILE E HG12 1 
ATOM   850  H  HG13 . ILE E  1 6  ? -10.111 0.177   -7.134  1.00 22.31 ? 6   ILE E HG13 1 
ATOM   851  H  HG21 . ILE E  1 6  ? -7.578  0.495   -4.586  1.00 21.27 ? 6   ILE E HG21 1 
ATOM   852  H  HG22 . ILE E  1 6  ? -8.601  0.494   -3.371  1.00 21.27 ? 6   ILE E HG22 1 
ATOM   853  H  HG23 . ILE E  1 6  ? -8.369  -0.831  -4.217  1.00 21.27 ? 6   ILE E HG23 1 
ATOM   854  H  HD11 . ILE E  1 6  ? -8.137  -0.249  -8.155  1.00 27.93 ? 6   ILE E HD11 1 
ATOM   855  H  HD12 . ILE E  1 6  ? -7.917  1.057   -7.278  1.00 27.93 ? 6   ILE E HD12 1 
ATOM   856  H  HD13 . ILE E  1 6  ? -7.379  -0.345  -6.762  1.00 27.93 ? 6   ILE E HD13 1 
ATOM   857  N  N    . SER E  1 7  ? -12.291 2.030   -5.426  1.00 11.87 ? 7   SER E N    1 
ATOM   858  C  CA   . SER E  1 7  ? -13.103 2.691   -6.431  1.00 13.82 ? 7   SER E CA   1 
ATOM   859  C  C    . SER E  1 7  ? -12.329 3.630   -7.298  1.00 16.29 ? 7   SER E C    1 
ATOM   860  O  O    . SER E  1 7  ? -12.749 3.884   -8.414  1.00 20.23 ? 7   SER E O    1 
ATOM   861  C  CB   . SER E  1 7  ? -14.232 3.429   -5.738  1.00 18.98 ? 7   SER E CB   1 
ATOM   862  O  OG   . SER E  1 7  ? -13.759 4.525   -4.985  1.00 19.78 ? 7   SER E OG   1 
ATOM   863  H  H    . SER E  1 7  ? -12.027 2.551   -4.795  1.00 14.25 ? 7   SER E H    1 
ATOM   864  H  HA   . SER E  1 7  ? -13.462 2.018   -7.030  1.00 16.58 ? 7   SER E HA   1 
ATOM   865  H  HB2  . SER E  1 7  ? -14.850 3.755   -6.411  1.00 22.78 ? 7   SER E HB2  1 
ATOM   866  H  HB3  . SER E  1 7  ? -14.686 2.813   -5.141  1.00 22.78 ? 7   SER E HB3  1 
ATOM   867  H  HG   . SER E  1 7  ? -14.402 4.916   -4.612  1.00 23.73 ? 7   SER E HG   1 
HETATM 868  N  N    . DTH E  1 8  ? -11.205 4.164   -6.837  1.00 14.01 ? 8   DTH E N    1 
HETATM 869  C  CA   . DTH E  1 8  ? -10.567 5.239   -7.577  1.00 14.54 ? 8   DTH E CA   1 
HETATM 870  C  CB   . DTH E  1 8  ? -9.080  5.007   -7.807  1.00 11.32 ? 8   DTH E CB   1 
HETATM 871  C  CG2  . DTH E  1 8  ? -8.810  3.694   -8.521  1.00 13.90 ? 8   DTH E CG2  1 
HETATM 872  O  OG1  . DTH E  1 8  ? -8.406  5.009   -6.530  1.00 12.09 ? 8   DTH E OG1  1 
HETATM 873  C  C    . DTH E  1 8  ? -10.738 6.579   -6.845  1.00 15.97 ? 8   DTH E C    1 
HETATM 874  O  O    . DTH E  1 8  ? -10.021 7.545   -7.081  1.00 19.13 ? 8   DTH E O    1 
HETATM 875  H  HA   . DTH E  1 8  ? -10.988 5.291   -8.450  1.00 17.44 ? 8   DTH E HA   1 
HETATM 876  H  HB   . DTH E  1 8  ? -8.734  5.715   -8.375  1.00 13.58 ? 8   DTH E HB   1 
HETATM 877  H  HG21 . DTH E  1 8  ? -7.856  3.581   -8.657  1.00 16.68 ? 8   DTH E HG21 1 
HETATM 878  H  HG22 . DTH E  1 8  ? -9.255  3.688   -9.382  1.00 16.68 ? 8   DTH E HG22 1 
HETATM 879  H  HG23 . DTH E  1 8  ? -9.142  2.954   -7.989  1.00 16.68 ? 8   DTH E HG23 1 
ATOM   880  N  N    . ALA E  1 9  ? -11.673 6.615   -5.920  1.00 15.19 ? 9   ALA E N    1 
ATOM   881  C  CA   . ALA E  1 9  ? -11.961 7.817   -5.186  1.00 16.30 ? 9   ALA E CA   1 
ATOM   882  C  C    . ALA E  1 9  ? -10.824 8.155   -4.235  1.00 16.78 ? 9   ALA E C    1 
ATOM   883  O  O    . ALA E  1 9  ? -10.379 9.301   -4.189  1.00 26.09 ? 9   ALA E O    1 
ATOM   884  C  CB   . ALA E  1 9  ? -13.265 7.653   -4.413  1.00 24.63 ? 9   ALA E CB   1 
ATOM   885  H  H    . ALA E  1 9  ? -12.161 5.943   -5.696  1.00 18.23 ? 9   ALA E H    1 
ATOM   886  H  HA   . ALA E  1 9  ? -12.062 8.554   -5.809  1.00 19.57 ? 9   ALA E HA   1 
ATOM   887  H  HB1  . ALA E  1 9  ? -13.446 8.471   -3.924  1.00 29.56 ? 9   ALA E HB1  1 
ATOM   888  H  HB2  . ALA E  1 9  ? -13.983 7.477   -5.040  1.00 29.56 ? 9   ALA E HB2  1 
ATOM   889  H  HB3  . ALA E  1 9  ? -13.174 6.911   -3.796  1.00 29.56 ? 9   ALA E HB3  1 
ATOM   890  N  N    . LYS E  1 10 ? -10.349 7.165   -3.478  1.00 15.56 ? 10  LYS E N    1 
ATOM   891  C  CA   . LYS E  1 10 ? -9.184  7.356   -2.609  1.00 14.30 ? 10  LYS E CA   1 
ATOM   892  C  C    . LYS E  1 10 ? -7.911  7.029   -3.357  1.00 12.65 ? 10  LYS E C    1 
ATOM   893  O  O    . LYS E  1 10 ? -6.946  7.795   -3.300  1.00 13.58 ? 10  LYS E O    1 
ATOM   894  C  CB   . LYS E  1 10 ? -9.279  6.507   -1.348  1.00 12.43 ? 10  LYS E CB   1 
ATOM   895  C  CG   . LYS E  1 10 ? -10.450 6.922   -0.446  1.00 21.47 ? 10  LYS E CG   1 
ATOM   896  C  CD   . LYS E  1 10 ? -10.350 6.327   0.940   1.00 17.67 ? 10  LYS E CD   1 
ATOM   897  C  CE   . LYS E  1 10 ? -9.427  7.122   1.823   1.00 26.50 ? 10  LYS E CE   1 
ATOM   898  N  NZ   . LYS E  1 10 ? -9.773  6.803   3.245   1.00 27.77 ? 10  LYS E NZ   1 
ATOM   899  H  H    . LYS E  1 10 ? -10.684 6.373   -3.448  1.00 18.68 ? 10  LYS E H    1 
ATOM   900  H  HA   . LYS E  1 10 ? -9.164  8.281   -2.318  1.00 17.16 ? 10  LYS E HA   1 
ATOM   901  H  HB2  . LYS E  1 10 ? -9.407  5.580   -1.601  1.00 14.91 ? 10  LYS E HB2  1 
ATOM   902  H  HB3  . LYS E  1 10 ? -8.459  6.602   -0.840  1.00 14.91 ? 10  LYS E HB3  1 
ATOM   903  H  HG2  . LYS E  1 10 ? -10.458 7.888   -0.360  1.00 25.76 ? 10  LYS E HG2  1 
ATOM   904  H  HG3  . LYS E  1 10 ? -11.281 6.619   -0.844  1.00 25.76 ? 10  LYS E HG3  1 
ATOM   905  H  HD2  . LYS E  1 10 ? -11.229 6.318   1.350   1.00 21.21 ? 10  LYS E HD2  1 
ATOM   906  H  HD3  . LYS E  1 10 ? -10.005 5.422   0.876   1.00 21.21 ? 10  LYS E HD3  1 
ATOM   907  H  HE2  . LYS E  1 10 ? -8.504  6.874   1.655   1.00 31.81 ? 10  LYS E HE2  1 
ATOM   908  H  HE3  . LYS E  1 10 ? -9.550  8.071   1.668   1.00 31.81 ? 10  LYS E HE3  1 
ATOM   909  H  HZ1  . LYS E  1 10 ? -9.668  5.932   3.396   1.00 33.32 ? 10  LYS E HZ1  1 
ATOM   910  H  HZ2  . LYS E  1 10 ? -9.245  7.258   3.797   1.00 33.32 ? 10  LYS E HZ2  1 
ATOM   911  H  HZ3  . LYS E  1 10 ? -10.620 7.024   3.409   1.00 33.32 ? 10  LYS E HZ3  1 
ATOM   912  N  N    . ILE E  1 11 ? -7.897  5.890   -4.022  1.00 14.53 ? 11  ILE E N    1 
ATOM   913  C  CA   . ILE E  1 11 ? -6.838  5.466   -4.920  1.00 14.27 ? 11  ILE E CA   1 
ATOM   914  C  C    . ILE E  1 11 ? -7.321  5.650   -6.322  1.00 13.55 ? 11  ILE E C    1 
ATOM   915  O  O    . ILE E  1 11 ? -6.554  6.004   -7.198  1.00 13.43 ? 11  ILE E O    1 
ATOM   916  C  CB   . ILE E  1 11 ? -6.473  4.000   -4.711  1.00 17.65 ? 11  ILE E CB   1 
ATOM   917  C  CG1  . ILE E  1 11 ? -5.534  3.828   -3.529  1.00 27.19 ? 11  ILE E CG1  1 
ATOM   918  C  CG2  . ILE E  1 11 ? -5.731  3.426   -5.911  1.00 31.81 ? 11  ILE E CG2  1 
ATOM   919  C  CD1  . ILE E  1 11 ? -5.588  2.429   -2.932  1.00 28.24 ? 11  ILE E CD1  1 
ATOM   920  H  H    . ILE E  1 11 ? -8.527  5.307   -3.969  1.00 17.44 ? 11  ILE E H    1 
ATOM   921  H  HA   . ILE E  1 11 ? -6.045  5.998   -4.750  1.00 17.12 ? 11  ILE E HA   1 
ATOM   922  H  HB   . ILE E  1 11 ? -7.317  3.543   -4.567  1.00 21.19 ? 11  ILE E HB   1 
ATOM   923  H  HG12 . ILE E  1 11 ? -4.624  3.994   -3.822  1.00 32.62 ? 11  ILE E HG12 1 
ATOM   924  H  HG13 . ILE E  1 11 ? -5.780  4.460   -2.835  1.00 32.62 ? 11  ILE E HG13 1 
ATOM   925  H  HG21 . ILE E  1 11 ? -5.261  2.622   -5.638  1.00 38.17 ? 11  ILE E HG21 1 
ATOM   926  H  HG22 . ILE E  1 11 ? -6.373  3.213   -6.607  1.00 38.17 ? 11  ILE E HG22 1 
ATOM   927  H  HG23 . ILE E  1 11 ? -5.098  4.085   -6.236  1.00 38.17 ? 11  ILE E HG23 1 
ATOM   928  H  HD11 . ILE E  1 11 ? -6.011  1.831   -3.568  1.00 33.89 ? 11  ILE E HD11 1 
ATOM   929  H  HD12 . ILE E  1 11 ? -4.685  2.130   -2.746  1.00 33.89 ? 11  ILE E HD12 1 
ATOM   930  H  HD13 . ILE E  1 11 ? -6.104  2.457   -2.111  1.00 33.89 ? 11  ILE E HD13 1 
HETATM 931  N  N    . ZAE F  1 1  ? -3.463  17.595  -8.702  1.00 19.33 ? 1   ZAE F N    1 
HETATM 932  C  CA   . ZAE F  1 1  ? -2.237  16.925  -8.341  1.00 15.34 ? 1   ZAE F CA   1 
HETATM 933  C  C    . ZAE F  1 1  ? -2.495  15.614  -7.623  1.00 18.19 ? 1   ZAE F C    1 
HETATM 934  O  O    . ZAE F  1 1  ? -3.366  14.850  -8.029  1.00 16.42 ? 1   ZAE F O    1 
HETATM 935  C  CB   . ZAE F  1 1  ? -1.448  16.685  -9.626  1.00 14.20 ? 1   ZAE F CB   1 
HETATM 936  C  CG   . ZAE F  1 1  ? -0.159  15.929  -9.442  1.00 19.85 ? 1   ZAE F CG   1 
HETATM 937  C  CD1  . ZAE F  1 1  ? 0.873   16.479  -8.705  1.00 22.88 ? 1   ZAE F CD1  1 
HETATM 938  C  CD2  . ZAE F  1 1  ? -0.016  14.687  -10.012 1.00 30.44 ? 1   ZAE F CD2  1 
HETATM 939  C  CE1  . ZAE F  1 1  ? 2.055   15.788  -8.516  1.00 27.76 ? 1   ZAE F CE1  1 
HETATM 940  C  CE2  . ZAE F  1 1  ? 1.161   13.998  -9.834  1.00 24.64 ? 1   ZAE F CE2  1 
HETATM 941  C  CZ   . ZAE F  1 1  ? 2.206   14.537  -9.098  1.00 23.05 ? 1   ZAE F CZ   1 
HETATM 942  C  C10  . ZAE F  1 1  ? -4.240  18.033  -7.568  1.00 23.07 ? 1   ZAE F C10  1 
HETATM 943  H  H2   . ZAE F  1 1  ? -3.943  17.054  -9.167  1.00 23.20 ? 1   ZAE F H2   1 
HETATM 944  H  H    . ZAE F  1 1  ? -3.266  18.284  -9.178  1.00 23.20 ? 1   ZAE F H    1 
HETATM 945  H  HA   . ZAE F  1 1  ? -1.735  17.480  -7.724  1.00 18.41 ? 1   ZAE F HA   1 
HETATM 946  H  HB2  . ZAE F  1 1  ? -1.242  17.546  -10.022 1.00 17.04 ? 1   ZAE F HB2  1 
HETATM 947  H  HB3  . ZAE F  1 1  ? -2.010  16.184  -10.239 1.00 17.04 ? 1   ZAE F HB3  1 
HETATM 948  H  HD1  . ZAE F  1 1  ? 0.771   17.325  -8.331  1.00 27.46 ? 1   ZAE F HD1  1 
HETATM 949  H  HD2  . ZAE F  1 1  ? -0.707  14.318  -10.512 1.00 36.53 ? 1   ZAE F HD2  1 
HETATM 950  H  HE1  . ZAE F  1 1  ? 2.739   16.157  -8.005  1.00 33.31 ? 1   ZAE F HE1  1 
HETATM 951  H  HE2  . ZAE F  1 1  ? 1.256   13.155  -10.214 1.00 29.57 ? 1   ZAE F HE2  1 
HETATM 952  H  HZ   . ZAE F  1 1  ? 3.001   14.064  -8.995  1.00 27.65 ? 1   ZAE F HZ   1 
HETATM 953  H  H11  . ZAE F  1 1  ? -4.596  17.259  -7.102  1.00 27.69 ? 1   ZAE F H11  1 
HETATM 954  H  H12  . ZAE F  1 1  ? -3.676  18.542  -6.966  1.00 27.69 ? 1   ZAE F H12  1 
HETATM 955  H  H13  . ZAE F  1 1  ? -4.973  18.591  -7.873  1.00 27.69 ? 1   ZAE F H13  1 
ATOM   956  N  N    . ILE F  1 2  ? -1.765  15.338  -6.554  1.00 18.67 ? 2   ILE F N    1 
ATOM   957  C  CA   . ILE F  1 2  ? -2.034  14.132  -5.803  1.00 19.29 ? 2   ILE F CA   1 
ATOM   958  C  C    . ILE F  1 2  ? -3.217  14.452  -4.924  1.00 22.29 ? 2   ILE F C    1 
ATOM   959  O  O    . ILE F  1 2  ? -3.249  15.474  -4.243  1.00 30.31 ? 2   ILE F O    1 
ATOM   960  C  CB   . ILE F  1 2  ? -0.841  13.671  -4.997  1.00 19.57 ? 2   ILE F CB   1 
ATOM   961  C  CG1  . ILE F  1 2  ? 0.235   13.164  -5.958  1.00 23.40 ? 2   ILE F CG1  1 
ATOM   962  C  CG2  . ILE F  1 2  ? -1.340  12.669  -3.977  1.00 20.02 ? 2   ILE F CG2  1 
ATOM   963  C  CD1  . ILE F  1 2  ? 1.639   13.128  -5.368  1.00 24.43 ? 2   ILE F CD1  1 
ATOM   964  H  H    . ILE F  1 2  ? -1.123  15.825  -6.253  1.00 22.40 ? 2   ILE F H    1 
ATOM   965  H  HA   . ILE F  1 2  ? -2.230  13.389  -6.395  1.00 23.15 ? 2   ILE F HA   1 
ATOM   966  H  HB   . ILE F  1 2  ? -0.414  14.383  -4.496  1.00 23.48 ? 2   ILE F HB   1 
ATOM   967  H  HG12 . ILE F  1 2  ? 0.008   12.261  -6.229  1.00 28.08 ? 2   ILE F HG12 1 
ATOM   968  H  HG13 . ILE F  1 2  ? 0.257   13.748  -6.732  1.00 28.08 ? 2   ILE F HG13 1 
ATOM   969  H  HG21 . ILE F  1 2  ? -0.596  12.121  -3.682  1.00 24.03 ? 2   ILE F HG21 1 
ATOM   970  H  HG22 . ILE F  1 2  ? -1.718  13.147  -3.223  1.00 24.03 ? 2   ILE F HG22 1 
ATOM   971  H  HG23 . ILE F  1 2  ? -2.018  12.110  -4.389  1.00 24.03 ? 2   ILE F HG23 1 
ATOM   972  H  HD11 . ILE F  1 2  ? 2.256   12.797  -6.039  1.00 29.32 ? 2   ILE F HD11 1 
ATOM   973  H  HD12 . ILE F  1 2  ? 1.893   14.026  -5.100  1.00 29.32 ? 2   ILE F HD12 1 
ATOM   974  H  HD13 . ILE F  1 2  ? 1.643   12.540  -4.597  1.00 29.32 ? 2   ILE F HD13 1 
ATOM   975  N  N    . SER F  1 3  ? -4.205  13.591  -4.949  1.00 14.67 ? 3   SER F N    1 
ATOM   976  C  CA   . SER F  1 3  ? -5.360  13.752  -4.109  1.00 17.63 ? 3   SER F CA   1 
ATOM   977  C  C    . SER F  1 3  ? -5.735  12.376  -3.554  1.00 21.57 ? 3   SER F C    1 
ATOM   978  O  O    . SER F  1 3  ? -5.430  11.355  -4.158  1.00 18.46 ? 3   SER F O    1 
ATOM   979  C  CB   . SER F  1 3  ? -6.507  14.380  -4.878  1.00 18.21 ? 3   SER F CB   1 
ATOM   980  O  OG   . SER F  1 3  ? -6.991  13.505  -5.870  1.00 22.39 ? 3   SER F OG   1 
ATOM   981  H  H    . SER F  1 3  ? -4.229  12.893  -5.452  1.00 17.60 ? 3   SER F H    1 
ATOM   982  H  HA   . SER F  1 3  ? -5.181  14.355  -3.371  1.00 21.15 ? 3   SER F HA   1 
ATOM   983  H  HB2  . SER F  1 3  ? -7.226  14.585  -4.260  1.00 21.86 ? 3   SER F HB2  1 
ATOM   984  H  HB3  . SER F  1 3  ? -6.192  15.193  -5.303  1.00 21.86 ? 3   SER F HB3  1 
ATOM   985  H  HG   . SER F  1 3  ? -7.624  13.866  -6.288  1.00 26.87 ? 3   SER F HG   1 
HETATM 986  C  CN   . HJV F  1 4  ? -6.815  13.522  -1.671  1.00 25.54 ? 4   HJV F CN   1 
HETATM 987  N  N    . HJV F  1 4  ? -6.436  12.337  -2.429  1.00 15.08 ? 4   HJV F N    1 
HETATM 988  C  CA   . HJV F  1 4  ? -6.842  11.060  -1.846  1.00 13.45 ? 4   HJV F CA   1 
HETATM 989  C  CB   . HJV F  1 4  ? -8.047  11.221  -0.963  1.00 15.55 ? 4   HJV F CB   1 
HETATM 990  C  CG   . HJV F  1 4  ? -9.332  11.544  -1.727  1.00 19.18 ? 4   HJV F CG   1 
HETATM 991  C  CD   . HJV F  1 4  ? -10.458 11.026  -0.851  1.00 21.56 ? 4   HJV F CD   1 
HETATM 992  N  NE2  . HJV F  1 4  ? -10.344 11.177  0.599   1.00 33.33 ? 4   HJV F NE2  1 
HETATM 993  O  OE1  . HJV F  1 4  ? -11.389 10.475  -1.335  1.00 37.32 ? 4   HJV F OE1  1 
HETATM 994  C  C    . HJV F  1 4  ? -5.662  10.488  -1.082  1.00 16.96 ? 4   HJV F C    1 
HETATM 995  O  O    . HJV F  1 4  ? -5.025  11.226  -0.309  1.00 14.42 ? 4   HJV F O    1 
HETATM 996  H  HN11 . HJV F  1 4  ? -6.295  14.282  -1.976  1.00 30.65 ? 4   HJV F HN11 1 
HETATM 997  H  HN12 . HJV F  1 4  ? -7.760  13.703  -1.803  1.00 30.65 ? 4   HJV F HN12 1 
HETATM 998  H  HN13 . HJV F  1 4  ? -6.645  13.371  -0.727  1.00 30.65 ? 4   HJV F HN13 1 
HETATM 999  H  HA   . HJV F  1 4  ? -7.100  10.446  -2.552  1.00 16.14 ? 4   HJV F HA   1 
HETATM 1000 H  HB2  . HJV F  1 4  ? -7.874  11.937  -0.333  1.00 18.66 ? 4   HJV F HB2  1 
HETATM 1001 H  HB1  . HJV F  1 4  ? -8.181  10.395  -0.471  1.00 18.66 ? 4   HJV F HB1  1 
HETATM 1002 H  HG2  . HJV F  1 4  ? -9.338  11.100  -2.589  1.00 23.02 ? 4   HJV F HG2  1 
HETATM 1003 H  HG1  . HJV F  1 4  ? -9.416  12.500  -1.864  1.00 23.02 ? 4   HJV F HG1  1 
HETATM 1004 H  H11  . HJV F  1 4  ? -10.963 10.885  1.118   1.00 39.99 ? 4   HJV F H11  1 
HETATM 1005 H  H10  . HJV F  1 4  ? -9.657  11.572  0.942   1.00 39.99 ? 4   HJV F H10  1 
HETATM 1006 N  N    . 28J F  1 5  ? -5.336  9.228   -1.325  1.00 10.36 ? 5   28J F N    1 
HETATM 1007 C  CA   . 28J F  1 5  ? -4.360  8.540   -0.514  1.00 11.19 ? 5   28J F CA   1 
HETATM 1008 C  CB   . 28J F  1 5  ? -3.223  8.105   -1.403  1.00 8.38  ? 5   28J F CB   1 
HETATM 1009 C  CG2  . 28J F  1 5  ? -3.645  7.121   -2.505  1.00 13.27 ? 5   28J F CG2  1 
HETATM 1010 C  CG1  . 28J F  1 5  ? -2.563  9.315   -2.026  1.00 14.26 ? 5   28J F CG1  1 
HETATM 1011 C  CD1  . 28J F  1 5  ? -1.123  9.122   -2.473  1.00 13.79 ? 5   28J F CD1  1 
HETATM 1012 C  C    . 28J F  1 5  ? -5.078  7.388   0.162   1.00 14.15 ? 5   28J F C    1 
HETATM 1013 O  O    . 28J F  1 5  ? -6.204  7.121   -0.064  1.00 14.54 ? 5   28J F O    1 
HETATM 1014 H  HA   . 28J F  1 5  ? -3.973  9.100   0.178   1.00 13.43 ? 5   28J F HA   1 
HETATM 1015 H  H22  . 28J F  1 5  ? -2.596  7.632   -0.832  1.00 10.06 ? 5   28J F H22  1 
HETATM 1016 H  H23  . 28J F  1 5  ? -3.582  7.557   -3.369  1.00 15.92 ? 5   28J F H23  1 
HETATM 1017 H  H24  . 28J F  1 5  ? -3.060  6.348   -2.489  1.00 15.92 ? 5   28J F H24  1 
HETATM 1018 H  H25  . 28J F  1 5  ? -4.560  6.837   -2.351  1.00 15.92 ? 5   28J F H25  1 
HETATM 1019 H  H26  . 28J F  1 5  ? -2.582  10.036  -1.377  1.00 17.11 ? 5   28J F H26  1 
HETATM 1020 H  H27  . 28J F  1 5  ? -3.085  9.576   -2.801  1.00 17.11 ? 5   28J F H27  1 
HETATM 1021 H  H28  . 28J F  1 5  ? -0.761  9.970   -2.773  1.00 16.54 ? 5   28J F H28  1 
HETATM 1022 H  H29  . 28J F  1 5  ? -1.094  8.482   -3.201  1.00 16.54 ? 5   28J F H29  1 
HETATM 1023 H  H30  . 28J F  1 5  ? -0.596  8.790   -1.730  1.00 16.54 ? 5   28J F H30  1 
ATOM   1024 N  N    . ILE F  1 6  ? -4.368  6.710   1.045   1.00 14.02 ? 6   ILE F N    1 
ATOM   1025 C  CA   . ILE F  1 6  ? -4.891  5.590   1.809   1.00 16.52 ? 6   ILE F CA   1 
ATOM   1026 C  C    . ILE F  1 6  ? -4.422  5.713   3.226   1.00 13.27 ? 6   ILE F C    1 
ATOM   1027 O  O    . ILE F  1 6  ? -3.235  5.991   3.468   1.00 17.98 ? 6   ILE F O    1 
ATOM   1028 C  CB   . ILE F  1 6  ? -4.407  4.266   1.263   1.00 16.89 ? 6   ILE F CB   1 
ATOM   1029 C  CG1  . ILE F  1 6  ? -5.041  3.992   -0.078  1.00 22.05 ? 6   ILE F CG1  1 
ATOM   1030 C  CG2  . ILE F  1 6  ? -4.619  3.123   2.240   1.00 28.91 ? 6   ILE F CG2  1 
ATOM   1031 C  CD1  . ILE F  1 6  ? -3.989  4.123   -1.121  1.00 43.23 ? 6   ILE F CD1  1 
ATOM   1032 H  H    . ILE F  1 6  ? -3.546  6.884   1.229   1.00 16.82 ? 6   ILE F H    1 
ATOM   1033 H  HA   . ILE F  1 6  ? -5.860  5.611   1.757   1.00 19.83 ? 6   ILE F HA   1 
ATOM   1034 H  HB   . ILE F  1 6  ? -3.447  4.332   1.136   1.00 20.26 ? 6   ILE F HB   1 
ATOM   1035 H  HG12 . ILE F  1 6  ? -5.402  3.092   -0.099  1.00 26.45 ? 6   ILE F HG12 1 
ATOM   1036 H  HG13 . ILE F  1 6  ? -5.745  4.636   -0.251  1.00 26.45 ? 6   ILE F HG13 1 
ATOM   1037 H  HG21 . ILE F  1 6  ? -4.548  2.281   1.762   1.00 34.70 ? 6   ILE F HG21 1 
ATOM   1038 H  HG22 . ILE F  1 6  ? -3.940  3.168   2.931   1.00 34.70 ? 6   ILE F HG22 1 
ATOM   1039 H  HG23 . ILE F  1 6  ? -5.500  3.206   2.636   1.00 34.70 ? 6   ILE F HG23 1 
ATOM   1040 H  HD11 . ILE F  1 6  ? -4.319  4.694   -1.833  1.00 51.87 ? 6   ILE F HD11 1 
ATOM   1041 H  HD12 . ILE F  1 6  ? -3.196  4.516   -0.722  1.00 51.87 ? 6   ILE F HD12 1 
ATOM   1042 H  HD13 . ILE F  1 6  ? -3.780  3.243   -1.472  1.00 51.87 ? 6   ILE F HD13 1 
ATOM   1043 N  N    . SER F  1 7  ? -5.319  5.539   4.174   1.00 16.49 ? 7   SER F N    1 
ATOM   1044 C  CA   . SER F  1 7  ? -4.931  5.546   5.573   1.00 15.44 ? 7   SER F CA   1 
ATOM   1045 C  C    . SER F  1 7  ? -4.938  4.144   6.134   1.00 13.77 ? 7   SER F C    1 
ATOM   1046 O  O    . SER F  1 7  ? -4.168  3.818   7.045   1.00 16.45 ? 7   SER F O    1 
ATOM   1047 C  CB   . SER F  1 7  ? -5.866  6.422   6.415   1.00 19.10 ? 7   SER F CB   1 
ATOM   1048 O  OG   . SER F  1 7  ? -7.150  5.857   6.469   1.00 19.76 ? 7   SER F OG   1 
ATOM   1049 H  H    . SER F  1 7  ? -6.158  5.415   4.036   1.00 19.79 ? 7   SER F H    1 
ATOM   1050 H  HA   . SER F  1 7  ? -4.037  5.917   5.636   1.00 18.52 ? 7   SER F HA   1 
ATOM   1051 H  HB2  . SER F  1 7  ? -5.511  6.490   7.316   1.00 22.91 ? 7   SER F HB2  1 
ATOM   1052 H  HB3  . SER F  1 7  ? -5.923  7.304   6.014   1.00 22.91 ? 7   SER F HB3  1 
ATOM   1053 H  HG   . SER F  1 7  ? -7.468  5.791   5.694   1.00 23.71 ? 7   SER F HG   1 
HETATM 1054 N  N    . DTH F  1 8  ? -5.800  3.301   5.599   1.00 14.45 ? 8   DTH F N    1 
HETATM 1055 C  CA   . DTH F  1 8  ? -6.089  2.038   6.246   1.00 16.95 ? 8   DTH F CA   1 
HETATM 1056 C  CB   . DTH F  1 8  ? -5.843  0.850   5.322   1.00 14.60 ? 8   DTH F CB   1 
HETATM 1057 C  CG2  . DTH F  1 8  ? -4.414  0.830   4.835   1.00 21.59 ? 8   DTH F CG2  1 
HETATM 1058 O  OG1  . DTH F  1 8  ? -6.740  0.928   4.206   1.00 16.16 ? 8   DTH F OG1  1 
HETATM 1059 C  C    . DTH F  1 8  ? -7.542  1.973   6.704   1.00 19.39 ? 8   DTH F C    1 
HETATM 1060 O  O    . DTH F  1 8  ? -8.057  0.897   6.949   1.00 23.66 ? 8   DTH F O    1 
HETATM 1061 H  HA   . DTH F  1 8  ? -5.507  1.957   7.018   1.00 20.34 ? 8   DTH F HA   1 
HETATM 1062 H  HB   . DTH F  1 8  ? -5.997  0.023   5.806   1.00 17.52 ? 8   DTH F HB   1 
HETATM 1063 H  HG21 . DTH F  1 8  ? -4.316  0.181   4.120   1.00 25.91 ? 8   DTH F HG21 1 
HETATM 1064 H  HG22 . DTH F  1 8  ? -3.819  0.590   5.562   1.00 25.91 ? 8   DTH F HG22 1 
HETATM 1065 H  HG23 . DTH F  1 8  ? -4.165  1.706   4.502   1.00 25.91 ? 8   DTH F HG23 1 
ATOM   1066 N  N    . ALA F  1 9  ? -8.218  3.119   6.788   1.00 16.19 ? 9   ALA F N    1 
ATOM   1067 C  CA   . ALA F  1 9  ? -9.597  3.168   7.299   1.00 27.79 ? 9   ALA F CA   1 
ATOM   1068 C  C    . ALA F  1 9  ? -10.545 2.383   6.389   1.00 26.62 ? 9   ALA F C    1 
ATOM   1069 O  O    . ALA F  1 9  ? -11.314 1.527   6.846   1.00 36.43 ? 9   ALA F O    1 
ATOM   1070 C  CB   . ALA F  1 9  ? -10.055 4.626   7.433   1.00 33.90 ? 9   ALA F CB   1 
ATOM   1071 H  H    . ALA F  1 9  ? -7.904  3.886   6.557   1.00 19.43 ? 9   ALA F H    1 
ATOM   1072 H  HA   . ALA F  1 9  ? -9.628  2.760   8.180   1.00 33.35 ? 9   ALA F HA   1 
ATOM   1073 H  HB1  . ALA F  1 9  ? -10.965 4.642   7.770   1.00 40.68 ? 9   ALA F HB1  1 
ATOM   1074 H  HB2  . ALA F  1 9  ? -9.465  5.087   8.050   1.00 40.68 ? 9   ALA F HB2  1 
ATOM   1075 H  HB3  . ALA F  1 9  ? -10.019 5.050   6.561   1.00 40.68 ? 9   ALA F HB3  1 
ATOM   1076 N  N    . LYS F  1 10 ? -10.489 2.696   5.095   1.00 25.93 ? 10  LYS F N    1 
ATOM   1077 C  CA   . LYS F  1 10 ? -11.200 1.920   4.090   1.00 22.06 ? 10  LYS F CA   1 
ATOM   1078 C  C    . LYS F  1 10 ? -10.328 0.775   3.555   1.00 27.71 ? 10  LYS F C    1 
ATOM   1079 O  O    . LYS F  1 10 ? -10.711 -0.393  3.623   1.00 27.90 ? 10  LYS F O    1 
ATOM   1080 C  CB   . LYS F  1 10 ? -11.644 2.841   2.938   1.00 21.16 ? 10  LYS F CB   1 
ATOM   1081 C  CG   . LYS F  1 10 ? -12.745 2.256   2.029   1.00 36.76 ? 10  LYS F CG   1 
ATOM   1082 C  CD   . LYS F  1 10 ? -13.175 3.144   0.818   1.00 53.02 ? 10  LYS F CD   1 
ATOM   1083 C  CE   . LYS F  1 10 ? -12.110 3.403   -0.259  1.00 35.33 ? 10  LYS F CE   1 
ATOM   1084 N  NZ   . LYS F  1 10 ? -12.798 3.400   -1.599  1.00 37.30 ? 10  LYS F NZ   1 
ATOM   1085 H  H    . LYS F  1 10 ? -10.043 3.358   4.776   1.00 31.11 ? 10  LYS F H    1 
ATOM   1086 H  HA   . LYS F  1 10 ? -11.994 1.535   4.493   1.00 26.47 ? 10  LYS F HA   1 
ATOM   1087 H  HB2  . LYS F  1 10 ? -11.987 3.665   3.317   1.00 25.39 ? 10  LYS F HB2  1 
ATOM   1088 H  HB3  . LYS F  1 10 ? -10.873 3.028   2.379   1.00 25.39 ? 10  LYS F HB3  1 
ATOM   1089 H  HG2  . LYS F  1 10 ? -12.425 1.415   1.667   1.00 44.11 ? 10  LYS F HG2  1 
ATOM   1090 H  HG3  . LYS F  1 10 ? -13.536 2.106   2.569   1.00 44.11 ? 10  LYS F HG3  1 
ATOM   1091 H  HD2  . LYS F  1 10 ? -13.923 2.711   0.377   1.00 63.62 ? 10  LYS F HD2  1 
ATOM   1092 H  HD3  . LYS F  1 10 ? -13.447 4.009   1.160   1.00 63.62 ? 10  LYS F HD3  1 
ATOM   1093 H  HE2  . LYS F  1 10 ? -11.691 4.266   -0.116  1.00 42.39 ? 10  LYS F HE2  1 
ATOM   1094 H  HE3  . LYS F  1 10 ? -11.439 2.703   -0.242  1.00 42.39 ? 10  LYS F HE3  1 
ATOM   1095 H  HZ1  . LYS F  1 10 ? -13.188 2.614   -1.740  1.00 44.76 ? 10  LYS F HZ1  1 
ATOM   1096 H  HZ2  . LYS F  1 10 ? -13.418 4.039   -1.624  1.00 44.76 ? 10  LYS F HZ2  1 
ATOM   1097 H  HZ3  . LYS F  1 10 ? -12.205 3.550   -2.246  1.00 44.76 ? 10  LYS F HZ3  1 
ATOM   1098 N  N    . ILE F  1 11 ? -9.175  1.122   3.001   1.00 17.58 ? 11  ILE F N    1 
ATOM   1099 C  CA   . ILE F  1 11 ? -8.203  0.155   2.510   1.00 19.94 ? 11  ILE F CA   1 
ATOM   1100 C  C    . ILE F  1 11 ? -7.253  -0.148  3.662   1.00 29.08 ? 11  ILE F C    1 
ATOM   1101 O  O    . ILE F  1 11 ? -6.891  -1.298  3.946   1.00 21.87 ? 11  ILE F O    1 
ATOM   1102 C  CB   . ILE F  1 11 ? -7.455  0.704   1.307   1.00 20.85 ? 11  ILE F CB   1 
ATOM   1103 C  CG1  . ILE F  1 11 ? -8.395  0.943   0.118   1.00 31.96 ? 11  ILE F CG1  1 
ATOM   1104 C  CG2  . ILE F  1 11 ? -6.368  -0.241  0.862   1.00 23.70 ? 11  ILE F CG2  1 
ATOM   1105 C  CD1  . ILE F  1 11 ? -9.598  0.054   0.104   1.00 44.45 ? 11  ILE F CD1  1 
ATOM   1106 H  H    . ILE F  1 11 ? -8.922  1.937   2.895   1.00 21.09 ? 11  ILE F H    1 
ATOM   1107 H  HA   . ILE F  1 11 ? -8.639  -0.661  2.215   1.00 23.93 ? 11  ILE F HA   1 
ATOM   1108 H  HB   . ILE F  1 11 ? -7.069  1.547   1.591   1.00 25.02 ? 11  ILE F HB   1 
ATOM   1109 H  HG12 . ILE F  1 11 ? -8.707  1.861   0.148   1.00 38.35 ? 11  ILE F HG12 1 
ATOM   1110 H  HG13 . ILE F  1 11 ? -7.903  0.787   -0.704  1.00 38.35 ? 11  ILE F HG13 1 
ATOM   1111 H  HG21 . ILE F  1 11 ? -5.989  0.082   0.031   1.00 28.44 ? 11  ILE F HG21 1 
ATOM   1112 H  HG22 . ILE F  1 11 ? -5.682  -0.278  1.548   1.00 28.44 ? 11  ILE F HG22 1 
ATOM   1113 H  HG23 . ILE F  1 11 ? -6.751  -1.123  0.730   1.00 28.44 ? 11  ILE F HG23 1 
ATOM   1114 H  HD11 . ILE F  1 11 ? -10.092 0.203   -0.719  1.00 53.34 ? 11  ILE F HD11 1 
ATOM   1115 H  HD12 . ILE F  1 11 ? -9.309  -0.870  0.153   1.00 53.34 ? 11  ILE F HD12 1 
ATOM   1116 H  HD13 . ILE F  1 11 ? -10.156 0.267   0.868   1.00 53.34 ? 11  ILE F HD13 1 
HETATM 1117 N  N    . ZAE G  1 1  ? 15.388  11.132  -8.369  1.00 18.97 ? 1   ZAE G N    1 
HETATM 1118 C  CA   . ZAE G  1 1  ? 14.109  11.789  -8.175  1.00 15.59 ? 1   ZAE G CA   1 
HETATM 1119 C  C    . ZAE G  1 1  ? 13.435  10.878  -7.172  1.00 17.08 ? 1   ZAE G C    1 
HETATM 1120 O  O    . ZAE G  1 1  ? 13.938  10.750  -6.024  1.00 17.13 ? 1   ZAE G O    1 
HETATM 1121 C  CB   . ZAE G  1 1  ? 14.185  13.163  -7.566  1.00 17.36 ? 1   ZAE G CB   1 
HETATM 1122 C  CG   . ZAE G  1 1  ? 12.830  13.779  -7.212  1.00 13.45 ? 1   ZAE G CG   1 
HETATM 1123 C  CD1  . ZAE G  1 1  ? 12.159  14.473  -8.191  1.00 21.25 ? 1   ZAE G CD1  1 
HETATM 1124 C  CD2  . ZAE G  1 1  ? 12.261  13.696  -5.972  1.00 16.48 ? 1   ZAE G CD2  1 
HETATM 1125 C  CE1  . ZAE G  1 1  ? 10.959  15.083  -7.917  1.00 15.94 ? 1   ZAE G CE1  1 
HETATM 1126 C  CE2  . ZAE G  1 1  ? 11.058  14.281  -5.694  1.00 20.49 ? 1   ZAE G CE2  1 
HETATM 1127 C  CZ   . ZAE G  1 1  ? 10.393  14.972  -6.668  1.00 22.90 ? 1   ZAE G CZ   1 
HETATM 1128 C  C10  . ZAE G  1 1  ? 15.253  9.793   -8.915  1.00 29.71 ? 1   ZAE G C10  1 
HETATM 1129 H  H2   . ZAE G  1 1  ? 15.861  11.603  -8.911  1.00 22.76 ? 1   ZAE G H2   1 
HETATM 1130 H  H    . ZAE G  1 1  ? 15.789  11.080  -7.610  1.00 22.76 ? 1   ZAE G H    1 
HETATM 1131 H  HA   . ZAE G  1 1  ? 13.665  11.918  -9.028  1.00 18.71 ? 1   ZAE G HA   1 
HETATM 1132 H  HB2  . ZAE G  1 1  ? 14.632  13.751  -8.195  1.00 20.83 ? 1   ZAE G HB2  1 
HETATM 1133 H  HB3  . ZAE G  1 1  ? 14.716  13.107  -6.756  1.00 20.83 ? 1   ZAE G HB3  1 
HETATM 1134 H  HD1  . ZAE G  1 1  ? 12.520  14.530  -9.046  1.00 25.50 ? 1   ZAE G HD1  1 
HETATM 1135 H  HD2  . ZAE G  1 1  ? 12.704  13.228  -5.301  1.00 19.78 ? 1   ZAE G HD2  1 
HETATM 1136 H  HE1  . ZAE G  1 1  ? 10.528  15.573  -8.579  1.00 19.13 ? 1   ZAE G HE1  1 
HETATM 1137 H  HE2  . ZAE G  1 1  ? 10.693  14.210  -4.841  1.00 24.58 ? 1   ZAE G HE2  1 
HETATM 1138 H  HZ   . ZAE G  1 1  ? 9.567   15.362  -6.488  1.00 27.49 ? 1   ZAE G HZ   1 
HETATM 1139 H  H11  . ZAE G  1 1  ? 16.112  9.491   -9.248  1.00 35.65 ? 1   ZAE G H11  1 
HETATM 1140 H  H12  . ZAE G  1 1  ? 14.945  9.190   -8.220  1.00 35.65 ? 1   ZAE G H12  1 
HETATM 1141 H  H13  . ZAE G  1 1  ? 14.610  9.803   -9.642  1.00 35.65 ? 1   ZAE G H13  1 
ATOM   1142 N  N    . ILE G  1 2  ? 12.331  10.251  -7.544  1.00 14.05 ? 2   ILE G N    1 
ATOM   1143 C  CA   . ILE G  1 2  ? 11.700  9.299   -6.667  1.00 12.88 ? 2   ILE G CA   1 
ATOM   1144 C  C    . ILE G  1 2  ? 11.979  7.930   -7.262  1.00 21.84 ? 2   ILE G C    1 
ATOM   1145 O  O    . ILE G  1 2  ? 11.564  7.642   -8.372  1.00 26.53 ? 2   ILE G O    1 
ATOM   1146 C  CB   . ILE G  1 2  ? 10.205  9.563   -6.534  1.00 17.61 ? 2   ILE G CB   1 
ATOM   1147 C  CG1  . ILE G  1 2  ? 9.934   10.983  -6.014  1.00 19.78 ? 2   ILE G CG1  1 
ATOM   1148 C  CG2  . ILE G  1 2  ? 9.625   8.558   -5.582  1.00 21.46 ? 2   ILE G CG2  1 
ATOM   1149 C  CD1  . ILE G  1 2  ? 8.478   11.261  -5.692  1.00 31.83 ? 2   ILE G CD1  1 
ATOM   1150 H  H    . ILE G  1 2  ? 11.933  10.364  -8.298  1.00 16.85 ? 2   ILE G H    1 
ATOM   1151 H  HA   . ILE G  1 2  ? 12.053  9.359   -5.765  1.00 15.46 ? 2   ILE G HA   1 
ATOM   1152 H  HB   . ILE G  1 2  ? 9.794   9.483   -7.410  1.00 21.13 ? 2   ILE G HB   1 
ATOM   1153 H  HG12 . ILE G  1 2  ? 10.447  11.118  -5.201  1.00 23.73 ? 2   ILE G HG12 1 
ATOM   1154 H  HG13 . ILE G  1 2  ? 10.213  11.619  -6.691  1.00 23.73 ? 2   ILE G HG13 1 
ATOM   1155 H  HG21 . ILE G  1 2  ? 8.659   8.653   -5.574  1.00 25.75 ? 2   ILE G HG21 1 
ATOM   1156 H  HG22 . ILE G  1 2  ? 9.867   7.667   -5.878  1.00 25.75 ? 2   ILE G HG22 1 
ATOM   1157 H  HG23 . ILE G  1 2  ? 9.981   8.721   -4.696  1.00 25.75 ? 2   ILE G HG23 1 
ATOM   1158 H  HD11 . ILE G  1 2  ? 8.383   12.193  -5.441  1.00 38.20 ? 2   ILE G HD11 1 
ATOM   1159 H  HD12 . ILE G  1 2  ? 7.940   11.076  -6.478  1.00 38.20 ? 2   ILE G HD12 1 
ATOM   1160 H  HD13 . ILE G  1 2  ? 8.202   10.691  -4.959  1.00 38.20 ? 2   ILE G HD13 1 
ATOM   1161 N  N    . SER G  1 3  ? 12.679  7.081   -6.529  1.00 14.25 ? 3   SER G N    1 
ATOM   1162 C  CA   . SER G  1 3  ? 13.103  5.803   -7.052  1.00 15.66 ? 3   SER G CA   1 
ATOM   1163 C  C    . SER G  1 3  ? 12.372  4.642   -6.387  1.00 14.48 ? 3   SER G C    1 
ATOM   1164 O  O    . SER G  1 3  ? 12.199  4.640   -5.169  1.00 14.99 ? 3   SER G O    1 
ATOM   1165 C  CB   . SER G  1 3  ? 14.619  5.684   -6.863  1.00 18.77 ? 3   SER G CB   1 
ATOM   1166 O  OG   . SER G  1 3  ? 15.062  4.365   -6.891  1.00 29.15 ? 3   SER G OG   1 
ATOM   1167 H  H    . SER G  1 3  ? 12.921  7.226   -5.716  1.00 17.10 ? 3   SER G H    1 
ATOM   1168 H  HA   . SER G  1 3  ? 12.893  5.742   -7.997  1.00 18.79 ? 3   SER G HA   1 
ATOM   1169 H  HB2  . SER G  1 3  ? 15.058  6.171   -7.578  1.00 22.52 ? 3   SER G HB2  1 
ATOM   1170 H  HB3  . SER G  1 3  ? 14.853  6.070   -6.005  1.00 22.52 ? 3   SER G HB3  1 
ATOM   1171 H  HG   . SER G  1 3  ? 15.894  4.339   -6.785  1.00 34.98 ? 3   SER G HG   1 
HETATM 1172 C  CN   . HJV G  1 4  ? 11.768  3.645   -8.583  1.00 20.44 ? 4   HJV G CN   1 
HETATM 1173 N  N    . HJV G  1 4  ? 11.931  3.656   -7.159  1.00 13.56 ? 4   HJV G N    1 
HETATM 1174 C  CA   . HJV G  1 4  ? 11.532  2.388   -6.579  1.00 14.99 ? 4   HJV G CA   1 
HETATM 1175 C  CB   . HJV G  1 4  ? 12.159  1.163   -7.228  1.00 15.83 ? 4   HJV G CB   1 
HETATM 1176 C  CG   . HJV G  1 4  ? 13.676  1.331   -7.239  1.00 16.38 ? 4   HJV G CG   1 
HETATM 1177 C  CD   . HJV G  1 4  ? 14.259  1.239   -5.843  1.00 13.59 ? 4   HJV G CD   1 
HETATM 1178 N  NE2  . HJV G  1 4  ? 14.072  -0.026  -5.229  1.00 16.52 ? 4   HJV G NE2  1 
HETATM 1179 O  OE1  . HJV G  1 4  ? 14.824  2.129   -5.278  1.00 20.20 ? 4   HJV G OE1  1 
HETATM 1180 C  C    . HJV G  1 4  ? 10.024  2.295   -6.737  1.00 17.13 ? 4   HJV G C    1 
HETATM 1181 O  O    . HJV G  1 4  ? 9.521   1.380   -7.449  1.00 19.02 ? 4   HJV G O    1 
HETATM 1182 H  HN11 . HJV G  1 4  ? 11.147  2.943   -8.831  1.00 24.53 ? 4   HJV G HN11 1 
HETATM 1183 H  HN12 . HJV G  1 4  ? 12.626  3.481   -9.005  1.00 24.53 ? 4   HJV G HN12 1 
HETATM 1184 H  HN13 . HJV G  1 4  ? 11.421  4.502   -8.876  1.00 24.53 ? 4   HJV G HN13 1 
HETATM 1185 H  HA   . HJV G  1 4  ? 11.835  2.380   -5.657  1.00 17.99 ? 4   HJV G HA   1 
HETATM 1186 H  HB2  . HJV G  1 4  ? 11.832  1.070   -8.137  1.00 19.00 ? 4   HJV G HB2  1 
HETATM 1187 H  HB1  . HJV G  1 4  ? 11.921  0.368   -6.725  1.00 19.00 ? 4   HJV G HB1  1 
HETATM 1188 H  HG2  . HJV G  1 4  ? 13.897  2.197   -7.618  1.00 19.66 ? 4   HJV G HG2  1 
HETATM 1189 H  HG1  . HJV G  1 4  ? 14.068  0.636   -7.793  1.00 19.66 ? 4   HJV G HG1  1 
HETATM 1190 H  H11  . HJV G  1 4  ? 13.654  -0.650  -5.659  1.00 19.83 ? 4   HJV G H11  1 
HETATM 1191 H  H10  . HJV G  1 4  ? 14.369  -0.177  -4.437  1.00 19.83 ? 4   HJV G H10  1 
HETATM 1192 N  N    . 28J G  1 5  ? 9.307   3.223   -6.127  1.00 17.45 ? 5   28J G N    1 
HETATM 1193 C  CA   . 28J G  1 5  ? 7.862   3.340   -6.384  1.00 17.44 ? 5   28J G CA   1 
HETATM 1194 C  CB   . 28J G  1 5  ? 7.316   4.781   -6.342  1.00 20.17 ? 5   28J G CB   1 
HETATM 1195 C  CG2  . 28J G  1 5  ? 7.449   5.332   -4.941  1.00 21.67 ? 5   28J G CG2  1 
HETATM 1196 C  CG1  . 28J G  1 5  ? 7.970   5.655   -7.420  1.00 17.74 ? 5   28J G CG1  1 
HETATM 1197 C  CD1  . 28J G  1 5  ? 7.948   5.086   -8.826  1.00 23.46 ? 5   28J G CD1  1 
HETATM 1198 C  C    . 28J G  1 5  ? 7.149   2.386   -5.393  1.00 19.21 ? 5   28J G C    1 
HETATM 1199 O  O    . 28J G  1 5  ? 7.660   2.022   -4.405  1.00 17.23 ? 5   28J G O    1 
HETATM 1200 H  HA   . 28J G  1 5  ? 7.679   3.079   -7.300  1.00 20.93 ? 5   28J G HA   1 
HETATM 1201 H  H22  . 28J G  1 5  ? 6.370   4.784   -6.557  1.00 24.20 ? 5   28J G H22  1 
HETATM 1202 H  H23  . 28J G  1 5  ? 7.067   6.223   -4.906  1.00 26.01 ? 5   28J G H23  1 
HETATM 1203 H  H24  . 28J G  1 5  ? 6.978   4.753   -4.320  1.00 26.01 ? 5   28J G H24  1 
HETATM 1204 H  H25  . 28J G  1 5  ? 8.387   5.372   -4.697  1.00 26.01 ? 5   28J G H25  1 
HETATM 1205 H  H26  . 28J G  1 5  ? 7.511   6.510   -7.435  1.00 21.29 ? 5   28J G H26  1 
HETATM 1206 H  H27  . 28J G  1 5  ? 8.896   5.800   -7.169  1.00 21.29 ? 5   28J G H27  1 
HETATM 1207 H  H28  . 28J G  1 5  ? 8.492   4.284   -8.858  1.00 28.15 ? 5   28J G H28  1 
HETATM 1208 H  H29  . 28J G  1 5  ? 8.303   5.742   -9.446  1.00 28.15 ? 5   28J G H29  1 
HETATM 1209 H  H30  . 28J G  1 5  ? 7.036   4.869   -9.072  1.00 28.15 ? 5   28J G H30  1 
ATOM   1210 N  N    . ILE G  1 6  ? 5.937   1.969   -5.726  1.00 18.77 ? 6   ILE G N    1 
ATOM   1211 C  CA   . ILE G  1 6  ? 5.129   1.116   -4.868  1.00 16.68 ? 6   ILE G CA   1 
ATOM   1212 C  C    . ILE G  1 6  ? 4.551   -0.050  -5.638  1.00 14.65 ? 6   ILE G C    1 
ATOM   1213 O  O    . ILE G  1 6  ? 4.017   0.144   -6.717  1.00 19.66 ? 6   ILE G O    1 
ATOM   1214 C  CB   . ILE G  1 6  ? 3.959   1.899   -4.246  1.00 20.27 ? 6   ILE G CB   1 
ATOM   1215 C  CG1  . ILE G  1 6  ? 4.479   3.033   -3.379  1.00 22.76 ? 6   ILE G CG1  1 
ATOM   1216 C  CG2  . ILE G  1 6  ? 3.070   0.965   -3.413  1.00 22.04 ? 6   ILE G CG2  1 
ATOM   1217 C  CD1  . ILE G  1 6  ? 5.002   2.594   -2.053  1.00 28.83 ? 6   ILE G CD1  1 
ATOM   1218 H  H    . ILE G  1 6  ? 5.548   2.172   -6.466  1.00 22.52 ? 6   ILE G H    1 
ATOM   1219 H  HA   . ILE G  1 6  ? 5.716   0.784   -4.171  1.00 20.01 ? 6   ILE G HA   1 
ATOM   1220 H  HB   . ILE G  1 6  ? 3.431   2.274   -4.968  1.00 24.32 ? 6   ILE G HB   1 
ATOM   1221 H  HG12 . ILE G  1 6  ? 5.202   3.477   -3.848  1.00 27.31 ? 6   ILE G HG12 1 
ATOM   1222 H  HG13 . ILE G  1 6  ? 3.754   3.658   -3.218  1.00 27.31 ? 6   ILE G HG13 1 
ATOM   1223 H  HG21 . ILE G  1 6  ? 2.547   1.497   -2.793  1.00 26.45 ? 6   ILE G HG21 1 
ATOM   1224 H  HG22 . ILE G  1 6  ? 2.479   0.477   -4.009  1.00 26.45 ? 6   ILE G HG22 1 
ATOM   1225 H  HG23 . ILE G  1 6  ? 3.633   0.345   -2.925  1.00 26.45 ? 6   ILE G HG23 1 
ATOM   1226 H  HD11 . ILE G  1 6  ? 5.688   3.216   -1.762  1.00 34.59 ? 6   ILE G HD11 1 
ATOM   1227 H  HD12 . ILE G  1 6  ? 4.272   2.584   -1.413  1.00 34.59 ? 6   ILE G HD12 1 
ATOM   1228 H  HD13 . ILE G  1 6  ? 5.376   1.703   -2.140  1.00 34.59 ? 6   ILE G HD13 1 
ATOM   1229 N  N    . SER G  1 7  ? 4.608   -1.254  -5.075  1.00 13.85 ? 7   SER G N    1 
ATOM   1230 C  CA   . SER G  1 7  ? 3.945   -2.378  -5.731  1.00 17.61 ? 7   SER G CA   1 
ATOM   1231 C  C    . SER G  1 7  ? 2.912   -3.068  -4.827  1.00 18.58 ? 7   SER G C    1 
ATOM   1232 O  O    . SER G  1 7  ? 1.824   -3.500  -5.301  1.00 20.31 ? 7   SER G O    1 
ATOM   1233 C  CB   . SER G  1 7  ? 5.006   -3.358  -6.211  1.00 20.13 ? 7   SER G CB   1 
ATOM   1234 O  OG   . SER G  1 7  ? 5.572   -4.052  -5.123  1.00 23.18 ? 7   SER G OG   1 
ATOM   1235 H  H    . SER G  1 7  ? 5.011   -1.439  -4.338  1.00 16.62 ? 7   SER G H    1 
ATOM   1236 H  HA   . SER G  1 7  ? 3.442   -2.057  -6.496  1.00 21.13 ? 7   SER G HA   1 
ATOM   1237 H  HB2  . SER G  1 7  ? 4.595   -3.997  -6.815  1.00 24.15 ? 7   SER G HB2  1 
ATOM   1238 H  HB3  . SER G  1 7  ? 5.704   -2.868  -6.672  1.00 24.15 ? 7   SER G HB3  1 
ATOM   1239 H  HG   . SER G  1 7  ? 6.155   -4.591  -5.397  1.00 27.82 ? 7   SER G HG   1 
HETATM 1240 N  N    . DTH G  1 8  ? 3.188   -3.095  -3.531  1.00 13.63 ? 8   DTH G N    1 
HETATM 1241 C  CA   . DTH G  1 8  ? 2.481   -3.938  -2.562  1.00 15.45 ? 8   DTH G CA   1 
HETATM 1242 C  CB   . DTH G  1 8  ? 1.681   -3.156  -1.536  1.00 16.36 ? 8   DTH G CB   1 
HETATM 1243 C  CG2  . DTH G  1 8  ? 0.746   -2.199  -2.245  1.00 15.24 ? 8   DTH G CG2  1 
HETATM 1244 O  OG1  . DTH G  1 8  ? 2.586   -2.484  -0.638  1.00 14.57 ? 8   DTH G OG1  1 
HETATM 1245 C  C    . DTH G  1 8  ? 3.400   -4.910  -1.833  1.00 15.75 ? 8   DTH G C    1 
HETATM 1246 O  O    . DTH G  1 8  ? 3.025   -5.472  -0.815  1.00 17.95 ? 8   DTH G O    1 
HETATM 1247 H  HA   . DTH G  1 8  ? 1.849   -4.464  -3.079  1.00 18.55 ? 8   DTH G HA   1 
HETATM 1248 H  HB   . DTH G  1 8  ? 1.127   -3.741  -0.997  1.00 19.64 ? 8   DTH G HB   1 
HETATM 1249 H  HG21 . DTH G  1 8  ? 0.191   -1.736  -1.597  1.00 18.29 ? 8   DTH G HG21 1 
HETATM 1250 H  HG22 . DTH G  1 8  ? 0.174   -2.686  -2.857  1.00 18.29 ? 8   DTH G HG22 1 
HETATM 1251 H  HG23 . DTH G  1 8  ? 1.257   -1.544  -2.745  1.00 18.29 ? 8   DTH G HG23 1 
ATOM   1252 N  N    . ALA G  1 9  ? 4.586   -5.131  -2.392  1.00 17.44 ? 9   ALA G N    1 
ATOM   1253 C  CA   . ALA G  1 9  ? 5.522   -6.115  -1.872  1.00 23.41 ? 9   ALA G CA   1 
ATOM   1254 C  C    . ALA G  1 9  ? 5.900   -5.718  -0.455  1.00 24.69 ? 9   ALA G C    1 
ATOM   1255 O  O    . ALA G  1 9  ? 5.952   -6.557  0.448   1.00 29.38 ? 9   ALA G O    1 
ATOM   1256 C  CB   . ALA G  1 9  ? 6.760   -6.215  -2.757  1.00 27.68 ? 9   ALA G CB   1 
ATOM   1257 H  H    . ALA G  1 9  ? 4.876   -4.716  -3.087  1.00 20.93 ? 9   ALA G H    1 
ATOM   1258 H  HA   . ALA G  1 9  ? 5.118   -6.997  -1.867  1.00 28.09 ? 9   ALA G HA   1 
ATOM   1259 H  HB1  . ALA G  1 9  ? 7.362   -6.877  -2.385  1.00 33.21 ? 9   ALA G HB1  1 
ATOM   1260 H  HB2  . ALA G  1 9  ? 6.489   -6.478  -3.650  1.00 33.21 ? 9   ALA G HB2  1 
ATOM   1261 H  HB3  . ALA G  1 9  ? 7.197   -5.349  -2.786  1.00 33.21 ? 9   ALA G HB3  1 
ATOM   1262 N  N    . LYS G  1 10 ? 6.185   -4.426  -0.282  1.00 21.48 ? 10  LYS G N    1 
ATOM   1263 C  CA   . LYS G  1 10 ? 6.537   -3.860  1.014   1.00 20.23 ? 10  LYS G CA   1 
ATOM   1264 C  C    . LYS G  1 10 ? 5.354   -3.142  1.656   1.00 18.39 ? 10  LYS G C    1 
ATOM   1265 O  O    . LYS G  1 10 ? 5.069   -3.373  2.837   1.00 20.43 ? 10  LYS G O    1 
ATOM   1266 C  CB   . LYS G  1 10 ? 7.729   -2.918  0.839   1.00 16.82 ? 10  LYS G CB   1 
ATOM   1267 C  CG   . LYS G  1 10 ? 8.868   -3.569  0.097   1.00 30.12 ? 10  LYS G CG   1 
ATOM   1268 C  CD   . LYS G  1 10 ? 10.178  -3.343  0.768   1.00 21.16 ? 10  LYS G CD   1 
ATOM   1269 C  CE   . LYS G  1 10 ? 11.315  -3.979  0.014   1.00 28.48 ? 10  LYS G CE   1 
ATOM   1270 N  NZ   . LYS G  1 10 ? 12.487  -4.144  0.882   1.00 27.48 ? 10  LYS G NZ   1 
ATOM   1271 H  H    . LYS G  1 10 ? 6.182   -3.847  -0.918  1.00 25.78 ? 10  LYS G H    1 
ATOM   1272 H  HA   . LYS G  1 10 ? 6.809   -4.561  1.627   1.00 24.28 ? 10  LYS G HA   1 
ATOM   1273 H  HB2  . LYS G  1 10 ? 7.447   -2.139  0.336   1.00 20.18 ? 10  LYS G HB2  1 
ATOM   1274 H  HB3  . LYS G  1 10 ? 8.053   -2.650  1.713   1.00 20.18 ? 10  LYS G HB3  1 
ATOM   1275 H  HG2  . LYS G  1 10 ? 8.714   -4.525  0.051   1.00 36.15 ? 10  LYS G HG2  1 
ATOM   1276 H  HG3  . LYS G  1 10 ? 8.919   -3.197  -0.798  1.00 36.15 ? 10  LYS G HG3  1 
ATOM   1277 H  HD2  . LYS G  1 10 ? 10.349  -2.389  0.823   1.00 25.39 ? 10  LYS G HD2  1 
ATOM   1278 H  HD3  . LYS G  1 10 ? 10.153  -3.727  1.658   1.00 25.39 ? 10  LYS G HD3  1 
ATOM   1279 H  HE2  . LYS G  1 10 ? 11.043  -4.854  -0.304  1.00 34.18 ? 10  LYS G HE2  1 
ATOM   1280 H  HE3  . LYS G  1 10 ? 11.563  -3.416  -0.735  1.00 34.18 ? 10  LYS G HE3  1 
ATOM   1281 H  HZ1  . LYS G  1 10 ? 13.153  -4.520  0.428   1.00 32.97 ? 10  LYS G HZ1  1 
ATOM   1282 H  HZ2  . LYS G  1 10 ? 12.756  -3.349  1.183   1.00 32.97 ? 10  LYS G HZ2  1 
ATOM   1283 H  HZ3  . LYS G  1 10 ? 12.282  -4.661  1.577   1.00 32.97 ? 10  LYS G HZ3  1 
ATOM   1284 N  N    . ILE G  1 11 ? 4.671   -2.265  0.908   1.00 16.89 ? 11  ILE G N    1 
ATOM   1285 C  CA   . ILE G  1 11 ? 3.411   -1.641  1.340   1.00 18.02 ? 11  ILE G CA   1 
ATOM   1286 C  C    . ILE G  1 11 ? 2.291   -2.327  0.560   1.00 14.97 ? 11  ILE G C    1 
ATOM   1287 O  O    . ILE G  1 11 ? 1.201   -2.592  1.040   1.00 19.50 ? 11  ILE G O    1 
ATOM   1288 C  CB   . ILE G  1 11 ? 3.405   -0.132  1.089   1.00 17.01 ? 11  ILE G CB   1 
ATOM   1289 C  CG1  . ILE G  1 11 ? 4.585   0.532   1.795   1.00 32.98 ? 11  ILE G CG1  1 
ATOM   1290 C  CG2  . ILE G  1 11 ? 2.133   0.479   1.617   1.00 32.62 ? 11  ILE G CG2  1 
ATOM   1291 C  CD1  . ILE G  1 11 ? 4.265   0.973   3.173   1.00 28.86 ? 11  ILE G CD1  1 
ATOM   1292 H  H    . ILE G  1 11 ? 4.922   -2.006  0.127   1.00 20.27 ? 11  ILE G H    1 
ATOM   1293 H  HA   . ILE G  1 11 ? 3.286   -1.756  2.294   1.00 21.62 ? 11  ILE G HA   1 
ATOM   1294 H  HB   . ILE G  1 11 ? 3.471   0.009   0.132   1.00 20.42 ? 11  ILE G HB   1 
ATOM   1295 H  HG12 . ILE G  1 11 ? 5.318   -0.102  1.847   1.00 39.57 ? 11  ILE G HG12 1 
ATOM   1296 H  HG13 . ILE G  1 11 ? 4.858   1.313   1.287   1.00 39.57 ? 11  ILE G HG13 1 
ATOM   1297 H  HG21 . ILE G  1 11 ? 2.242   1.441   1.669   1.00 39.14 ? 11  ILE G HG21 1 
ATOM   1298 H  HG22 . ILE G  1 11 ? 1.405   0.261   1.014   1.00 39.14 ? 11  ILE G HG22 1 
ATOM   1299 H  HG23 . ILE G  1 11 ? 1.952   0.118   2.499   1.00 39.14 ? 11  ILE G HG23 1 
ATOM   1300 H  HD11 . ILE G  1 11 ? 5.092   1.165   3.644   1.00 34.63 ? 11  ILE G HD11 1 
ATOM   1301 H  HD12 . ILE G  1 11 ? 3.717   1.772   3.130   1.00 34.63 ? 11  ILE G HD12 1 
ATOM   1302 H  HD13 . ILE G  1 11 ? 3.782   0.266   3.627   1.00 34.63 ? 11  ILE G HD13 1 
HETATM 1303 N  N    . ZAE H  1 1  ? -10.627 -25.617 3.228   1.00 21.88 ? 1   ZAE H N    1 
HETATM 1304 C  CA   . ZAE H  1 1  ? -10.855 -24.542 4.171   1.00 22.17 ? 1   ZAE H CA   1 
HETATM 1305 C  C    . ZAE H  1 1  ? -10.389 -23.278 3.466   1.00 18.60 ? 1   ZAE H C    1 
HETATM 1306 O  O    . ZAE H  1 1  ? -10.934 -22.881 2.421   1.00 15.80 ? 1   ZAE H O    1 
HETATM 1307 C  CB   . ZAE H  1 1  ? -12.330 -24.403 4.491   1.00 20.02 ? 1   ZAE H CB   1 
HETATM 1308 C  CG   . ZAE H  1 1  ? -12.580 -23.267 5.466   1.00 18.20 ? 1   ZAE H CG   1 
HETATM 1309 C  CD1  . ZAE H  1 1  ? -12.048 -23.302 6.735   1.00 15.56 ? 1   ZAE H CD1  1 
HETATM 1310 C  CD2  . ZAE H  1 1  ? -13.344 -22.198 5.069   1.00 23.31 ? 1   ZAE H CD2  1 
HETATM 1311 C  CE1  . ZAE H  1 1  ? -12.273 -22.258 7.609   1.00 22.90 ? 1   ZAE H CE1  1 
HETATM 1312 C  CE2  . ZAE H  1 1  ? -13.578 -21.150 5.938   1.00 23.72 ? 1   ZAE H CE2  1 
HETATM 1313 C  CZ   . ZAE H  1 1  ? -13.026 -21.173 7.210   1.00 22.99 ? 1   ZAE H CZ   1 
HETATM 1314 C  C10  . ZAE H  1 1  ? -9.243  -26.008 3.139   1.00 24.56 ? 1   ZAE H C10  1 
HETATM 1315 H  H2   . ZAE H  1 1  ? -11.088 -26.300 3.475   1.00 26.25 ? 1   ZAE H H2   1 
HETATM 1316 H  H    . ZAE H  1 1  ? -10.889 -25.360 2.451   1.00 26.25 ? 1   ZAE H H    1 
HETATM 1317 H  HA   . ZAE H  1 1  ? -10.385 -24.708 5.003   1.00 26.60 ? 1   ZAE H HA   1 
HETATM 1318 H  HB2  . ZAE H  1 1  ? -12.819 -24.231 3.671   1.00 24.02 ? 1   ZAE H HB2  1 
HETATM 1319 H  HB3  . ZAE H  1 1  ? -12.651 -25.233 4.880   1.00 24.02 ? 1   ZAE H HB3  1 
HETATM 1320 H  HD1  . ZAE H  1 1  ? -11.537 -24.031 7.003   1.00 18.67 ? 1   ZAE H HD1  1 
HETATM 1321 H  HD2  . ZAE H  1 1  ? -13.704 -22.180 4.212   1.00 27.97 ? 1   ZAE H HD2  1 
HETATM 1322 H  HE1  . ZAE H  1 1  ? -11.915 -22.285 8.467   1.00 27.48 ? 1   ZAE H HE1  1 
HETATM 1323 H  HE2  . ZAE H  1 1  ? -14.103 -20.431 5.670   1.00 28.47 ? 1   ZAE H HE2  1 
HETATM 1324 H  HZ   . ZAE H  1 1  ? -13.164 -20.461 7.792   1.00 27.59 ? 1   ZAE H HZ   1 
HETATM 1325 H  H11  . ZAE H  1 1  ? -8.906  -26.212 4.025   1.00 29.47 ? 1   ZAE H H11  1 
HETATM 1326 H  H12  . ZAE H  1 1  ? -9.164  -26.794 2.576   1.00 29.47 ? 1   ZAE H H12  1 
HETATM 1327 H  H13  . ZAE H  1 1  ? -8.726  -25.282 2.756   1.00 29.47 ? 1   ZAE H H13  1 
ATOM   1328 N  N    . ILE H  1 2  ? -9.362  -22.639 3.986   1.00 13.54 ? 2   ILE H N    1 
ATOM   1329 C  CA   . ILE H  1 2  ? -8.848  -21.437 3.375   1.00 16.54 ? 2   ILE H CA   1 
ATOM   1330 C  C    . ILE H  1 2  ? -7.587  -21.812 2.615   1.00 11.98 ? 2   ILE H C    1 
ATOM   1331 O  O    . ILE H  1 2  ? -6.874  -22.755 2.964   1.00 18.13 ? 2   ILE H O    1 
ATOM   1332 C  CB   . ILE H  1 2  ? -8.607  -20.347 4.413   1.00 19.02 ? 2   ILE H CB   1 
ATOM   1333 C  CG1  . ILE H  1 2  ? -9.923  -19.935 5.067   1.00 21.28 ? 2   ILE H CG1  1 
ATOM   1334 C  CG2  . ILE H  1 2  ? -7.947  -19.139 3.785   1.00 21.47 ? 2   ILE H CG2  1 
ATOM   1335 C  CD1  . ILE H  1 2  ? -9.754  -19.478 6.471   1.00 29.33 ? 2   ILE H CD1  1 
ATOM   1336 H  H    . ILE H  1 2  ? -8.943  -22.884 4.696   1.00 16.25 ? 2   ILE H H    1 
ATOM   1337 H  HA   . ILE H  1 2  ? -9.490  -21.063 2.753   1.00 19.84 ? 2   ILE H HA   1 
ATOM   1338 H  HB   . ILE H  1 2  ? -8.014  -20.708 5.090   1.00 22.83 ? 2   ILE H HB   1 
ATOM   1339 H  HG12 . ILE H  1 2  ? -10.312 -19.207 4.560   1.00 25.53 ? 2   ILE H HG12 1 
ATOM   1340 H  HG13 . ILE H  1 2  ? -10.524 -20.697 5.070   1.00 25.53 ? 2   ILE H HG13 1 
ATOM   1341 H  HG21 . ILE H  1 2  ? -7.906  -18.425 4.440   1.00 25.77 ? 2   ILE H HG21 1 
ATOM   1342 H  HG22 . ILE H  1 2  ? -7.050  -19.380 3.502   1.00 25.77 ? 2   ILE H HG22 1 
ATOM   1343 H  HG23 . ILE H  1 2  ? -8.470  -18.855 3.019   1.00 25.77 ? 2   ILE H HG23 1 
ATOM   1344 H  HD11 . ILE H  1 2  ? -10.620 -19.230 6.828   1.00 35.19 ? 2   ILE H HD11 1 
ATOM   1345 H  HD12 . ILE H  1 2  ? -9.374  -20.200 6.995   1.00 35.19 ? 2   ILE H HD12 1 
ATOM   1346 H  HD13 . ILE H  1 2  ? -9.158  -18.712 6.484   1.00 35.19 ? 2   ILE H HD13 1 
ATOM   1347 N  N    . SER H  1 3  ? -7.327  -21.108 1.532   1.00 14.44 ? 3   SER H N    1 
ATOM   1348 C  CA   . SER H  1 3  ? -6.062  -21.241 0.804   1.00 23.19 ? 3   SER H CA   1 
ATOM   1349 C  C    . SER H  1 3  ? -5.616  -19.824 0.443   1.00 18.66 ? 3   SER H C    1 
ATOM   1350 O  O    . SER H  1 3  ? -6.423  -18.969 0.118   1.00 19.52 ? 3   SER H O    1 
ATOM   1351 C  CB   . SER H  1 3  ? -6.229  -22.130 -0.409  1.00 25.37 ? 3   SER H CB   1 
ATOM   1352 O  OG   . SER H  1 3  ? -6.789  -21.407 -1.458  1.00 25.89 ? 3   SER H OG   1 
ATOM   1353 H  H    . SER H  1 3  ? -7.868  -20.535 1.186   1.00 17.33 ? 3   SER H H    1 
ATOM   1354 H  HA   . SER H  1 3  ? -5.371  -21.674 1.329   1.00 27.82 ? 3   SER H HA   1 
ATOM   1355 H  HB2  . SER H  1 3  ? -5.361  -22.466 -0.680  1.00 30.44 ? 3   SER H HB2  1 
ATOM   1356 H  HB3  . SER H  1 3  ? -6.816  -22.870 -0.184  1.00 30.44 ? 3   SER H HB3  1 
ATOM   1357 H  HG   . SER H  1 3  ? -6.881  -21.901 -2.131  1.00 31.06 ? 3   SER H HG   1 
HETATM 1358 C  CN   . HJV H  1 4  ? -3.413  -20.299 1.380   1.00 19.33 ? 4   HJV H CN   1 
HETATM 1359 N  N    . HJV H  1 4  ? -4.347  -19.521 0.579   1.00 14.35 ? 4   HJV H N    1 
HETATM 1360 C  CA   . HJV H  1 4  ? -3.922  -18.192 0.212   1.00 17.09 ? 4   HJV H CA   1 
HETATM 1361 C  CB   . HJV H  1 4  ? -2.426  -18.188 -0.107  1.00 30.10 ? 4   HJV H CB   1 
HETATM 1362 C  CG   . HJV H  1 4  ? -2.235  -17.813 -1.566  1.00 34.20 ? 4   HJV H CG   1 
HETATM 1363 C  CD   . HJV H  1 4  ? -2.777  -18.863 -2.533  1.00 35.40 ? 4   HJV H CD   1 
HETATM 1364 N  NE2  . HJV H  1 4  ? -2.210  -18.990 -3.867  1.00 40.18 ? 4   HJV H NE2  1 
HETATM 1365 O  OE1  . HJV H  1 4  ? -3.663  -19.573 -2.202  1.00 42.76 ? 4   HJV H OE1  1 
HETATM 1366 C  C    . HJV H  1 4  ? -4.211  -17.162 1.288   1.00 12.83 ? 4   HJV H C    1 
HETATM 1367 O  O    . HJV H  1 4  ? -3.923  -17.363 2.494   1.00 15.41 ? 4   HJV H O    1 
HETATM 1368 H  HN11 . HJV H  1 4  ? -2.782  -19.702 1.812   1.00 23.20 ? 4   HJV H HN11 1 
HETATM 1369 H  HN12 . HJV H  1 4  ? -3.902  -20.796 2.055   1.00 23.20 ? 4   HJV H HN12 1 
HETATM 1370 H  HN13 . HJV H  1 4  ? -2.933  -20.918 0.807   1.00 23.20 ? 4   HJV H HN13 1 
HETATM 1371 H  HA   . HJV H  1 4  ? -4.434  -17.943 -0.573  1.00 20.50 ? 4   HJV H HA   1 
HETATM 1372 H  HB2  . HJV H  1 4  ? -1.972  -17.544 0.459   1.00 36.12 ? 4   HJV H HB2  1 
HETATM 1373 H  HB1  . HJV H  1 4  ? -2.054  -19.068 0.056   1.00 36.12 ? 4   HJV H HB1  1 
HETATM 1374 H  HG2  . HJV H  1 4  ? -2.691  -16.973 -1.732  1.00 41.04 ? 4   HJV H HG2  1 
HETATM 1375 H  HG1  . HJV H  1 4  ? -1.287  -17.696 -1.734  1.00 41.04 ? 4   HJV H HG1  1 
HETATM 1376 H  H11  . HJV H  1 4  ? -1.564  -18.470 -4.107  1.00 48.22 ? 4   HJV H H11  1 
HETATM 1377 H  H10  . HJV H  1 4  ? -2.511  -19.582 -4.414  1.00 48.22 ? 4   HJV H H10  1 
HETATM 1378 N  N    . 28J H  1 5  ? -4.756  -16.042 0.823   1.00 11.29 ? 5   28J H N    1 
HETATM 1379 C  CA   . 28J H  1 5  ? -4.888  -14.901 1.658   1.00 11.36 ? 5   28J H CA   1 
HETATM 1380 C  CB   . 28J H  1 5  ? -6.290  -14.493 2.068   1.00 14.03 ? 5   28J H CB   1 
HETATM 1381 C  CG2  . 28J H  1 5  ? -7.195  -14.176 0.914   1.00 10.91 ? 5   28J H CG2  1 
HETATM 1382 C  CG1  . 28J H  1 5  ? -6.939  -15.630 2.848   1.00 13.27 ? 5   28J H CG1  1 
HETATM 1383 C  CD1  . 28J H  1 5  ? -6.505  -15.777 4.284   1.00 23.71 ? 5   28J H CD1  1 
HETATM 1384 C  C    . 28J H  1 5  ? -4.211  -13.732 0.934   1.00 12.97 ? 5   28J H C    1 
HETATM 1385 O  O    . 28J H  1 5  ? -4.008  -13.800 -0.233  1.00 18.89 ? 5   28J H O    1 
HETATM 1386 H  HA   . 28J H  1 5  ? -4.472  -15.145 2.499   1.00 13.63 ? 5   28J H HA   1 
HETATM 1387 H  H22  . 28J H  1 5  ? -6.184  -13.687 2.598   1.00 16.83 ? 5   28J H H22  1 
HETATM 1388 H  H23  . 28J H  1 5  ? -8.105  -14.079 1.235   1.00 13.09 ? 5   28J H H23  1 
HETATM 1389 H  H24  . 28J H  1 5  ? -7.156  -14.896 0.265   1.00 13.09 ? 5   28J H H24  1 
HETATM 1390 H  H25  . 28J H  1 5  ? -6.910  -13.348 0.497   1.00 13.09 ? 5   28J H H25  1 
HETATM 1391 H  H26  . 28J H  1 5  ? -7.898  -15.490 2.839   1.00 15.92 ? 5   28J H H26  1 
HETATM 1392 H  H27  . 28J H  1 5  ? -6.738  -16.461 2.389   1.00 15.92 ? 5   28J H H27  1 
HETATM 1393 H  H28  . 28J H  1 5  ? -5.549  -15.933 4.318   1.00 28.45 ? 5   28J H H28  1 
HETATM 1394 H  H29  . 28J H  1 5  ? -6.970  -16.529 4.687   1.00 28.45 ? 5   28J H H29  1 
HETATM 1395 H  H30  . 28J H  1 5  ? -6.719  -14.967 4.771   1.00 28.45 ? 5   28J H H30  1 
ATOM   1396 N  N    . ILE H  1 6  ? -3.942  -12.648 1.657   1.00 16.54 ? 6   ILE H N    1 
ATOM   1397 C  CA   . ILE H  1 6  ? -3.341  -11.412 1.145   1.00 15.73 ? 6   ILE H CA   1 
ATOM   1398 C  C    . ILE H  1 6  ? -1.875  -11.339 1.562   1.00 15.69 ? 6   ILE H C    1 
ATOM   1399 O  O    . ILE H  1 6  ? -1.582  -11.286 2.746   1.00 16.06 ? 6   ILE H O    1 
ATOM   1400 C  CB   . ILE H  1 6  ? -4.113  -10.176 1.661   1.00 16.51 ? 6   ILE H CB   1 
ATOM   1401 C  CG1  . ILE H  1 6  ? -5.579  -10.286 1.211   1.00 26.39 ? 6   ILE H CG1  1 
ATOM   1402 C  CG2  . ILE H  1 6  ? -3.391  -8.903  1.250   1.00 16.72 ? 6   ILE H CG2  1 
ATOM   1403 C  CD1  . ILE H  1 6  ? -6.425  -9.086  1.437   1.00 37.69 ? 6   ILE H CD1  1 
ATOM   1404 H  H    . ILE H  1 6  ? -4.107  -12.597 2.500   1.00 19.84 ? 6   ILE H H    1 
ATOM   1405 H  HA   . ILE H  1 6  ? -3.388  -11.415 0.176   1.00 18.88 ? 6   ILE H HA   1 
ATOM   1406 H  HB   . ILE H  1 6  ? -4.134  -10.142 2.630   1.00 19.81 ? 6   ILE H HB   1 
ATOM   1407 H  HG12 . ILE H  1 6  ? -5.590  -10.469 0.259   1.00 31.67 ? 6   ILE H HG12 1 
ATOM   1408 H  HG13 . ILE H  1 6  ? -5.989  -11.020 1.696   1.00 31.67 ? 6   ILE H HG13 1 
ATOM   1409 H  HG21 . ILE H  1 6  ? -3.955  -8.141  1.452   1.00 20.07 ? 6   ILE H HG21 1 
ATOM   1410 H  HG22 . ILE H  1 6  ? -2.558  -8.838  1.742   1.00 20.07 ? 6   ILE H HG22 1 
ATOM   1411 H  HG23 . ILE H  1 6  ? -3.209  -8.936  0.297   1.00 20.07 ? 6   ILE H HG23 1 
ATOM   1412 H  HD11 . ILE H  1 6  ? -7.350  -9.313  1.258   1.00 45.23 ? 6   ILE H HD11 1 
ATOM   1413 H  HD12 . ILE H  1 6  ? -6.326  -8.800  2.359   1.00 45.23 ? 6   ILE H HD12 1 
ATOM   1414 H  HD13 . ILE H  1 6  ? -6.135  -8.379  0.839   1.00 45.23 ? 6   ILE H HD13 1 
ATOM   1415 N  N    . SER H  1 7  ? -0.967  -11.372 0.584   1.00 12.98 ? 7   SER H N    1 
ATOM   1416 C  CA   . SER H  1 7  ? 0.459   -11.232 0.853   1.00 16.56 ? 7   SER H CA   1 
ATOM   1417 C  C    . SER H  1 7  ? 1.037   -9.882  0.466   1.00 21.43 ? 7   SER H C    1 
ATOM   1418 O  O    . SER H  1 7  ? 2.079   -9.493  1.003   1.00 17.53 ? 7   SER H O    1 
ATOM   1419 C  CB   . SER H  1 7  ? 1.245   -12.321 0.122   1.00 20.67 ? 7   SER H CB   1 
ATOM   1420 O  OG   . SER H  1 7  ? 1.359   -12.038 -1.252  1.00 21.97 ? 7   SER H OG   1 
ATOM   1421 H  H    . SER H  1 7  ? -1.156  -11.475 -0.248  1.00 15.58 ? 7   SER H H    1 
ATOM   1422 H  HA   . SER H  1 7  ? 0.566   -11.321 1.813   1.00 19.87 ? 7   SER H HA   1 
ATOM   1423 H  HB2  . SER H  1 7  ? 2.134   -12.378 0.506   1.00 24.80 ? 7   SER H HB2  1 
ATOM   1424 H  HB3  . SER H  1 7  ? 0.782   -13.167 0.230   1.00 24.80 ? 7   SER H HB3  1 
ATOM   1425 H  HG   . SER H  1 7  ? 0.596   -11.986 -1.599  1.00 26.36 ? 7   SER H HG   1 
HETATM 1426 N  N    . DTH H  1 8  ? 0.357   -9.162  -0.424  1.00 14.12 ? 8   DTH H N    1 
HETATM 1427 C  CA   . DTH H  1 8  ? 0.894   -7.941  -1.002  1.00 12.97 ? 8   DTH H CA   1 
HETATM 1428 C  CB   . DTH H  1 8  ? -0.061  -6.777  -0.891  1.00 21.13 ? 8   DTH H CB   1 
HETATM 1429 C  CG2  . DTH H  1 8  ? -0.365  -6.468  0.561   1.00 19.33 ? 8   DTH H CG2  1 
HETATM 1430 O  OG1  . DTH H  1 8  ? -1.260  -7.083  -1.602  1.00 16.54 ? 8   DTH H OG1  1 
HETATM 1431 C  C    . DTH H  1 8  ? 1.257   -8.169  -2.456  1.00 12.87 ? 8   DTH H C    1 
HETATM 1432 O  O    . DTH H  1 8  ? 1.391   -7.213  -3.220  1.00 19.33 ? 8   DTH H O    1 
HETATM 1433 H  HA   . DTH H  1 8  ? 1.695   -7.685  -0.518  1.00 15.56 ? 8   DTH H HA   1 
HETATM 1434 H  HB   . DTH H  1 8  ? 0.339   -5.980  -1.275  1.00 25.35 ? 8   DTH H HB   1 
HETATM 1435 H  HG21 . DTH H  1 8  ? -0.954  -5.700  0.620   1.00 23.20 ? 8   DTH H HG21 1 
HETATM 1436 H  HG22 . DTH H  1 8  ? 0.456   -6.272  1.038   1.00 23.20 ? 8   DTH H HG22 1 
HETATM 1437 H  HG23 . DTH H  1 8  ? -0.798  -7.230  0.978   1.00 23.20 ? 8   DTH H HG23 1 
ATOM   1438 N  N    . ALA H  1 9  ? 1.424   -9.432  -2.821  1.00 21.10 ? 9   ALA H N    1 
ATOM   1439 C  CA   . ALA H  1 9  ? 1.806   -9.782  -4.177  1.00 22.17 ? 9   ALA H CA   1 
ATOM   1440 C  C    . ALA H  1 9  ? 0.737   -9.368  -5.190  1.00 23.49 ? 9   ALA H C    1 
ATOM   1441 O  O    . ALA H  1 9  ? 1.042   -8.961  -6.315  1.00 28.71 ? 9   ALA H O    1 
ATOM   1442 C  CB   . ALA H  1 9  ? 2.074   -11.280 -4.286  1.00 24.08 ? 9   ALA H CB   1 
ATOM   1443 H  H    . ALA H  1 9  ? 1.321   -10.107 -2.299  1.00 25.31 ? 9   ALA H H    1 
ATOM   1444 H  HA   . ALA H  1 9  ? 2.623   -9.305  -4.393  1.00 26.60 ? 9   ALA H HA   1 
ATOM   1445 H  HB1  . ALA H  1 9  ? 2.327   -11.490 -5.199  1.00 28.89 ? 9   ALA H HB1  1 
ATOM   1446 H  HB2  . ALA H  1 9  ? 2.793   -11.517 -3.681  1.00 28.89 ? 9   ALA H HB2  1 
ATOM   1447 H  HB3  . ALA H  1 9  ? 1.268   -11.763 -4.048  1.00 28.89 ? 9   ALA H HB3  1 
ATOM   1448 N  N    . LYS H  1 10 ? -0.526  -9.478  -4.799  1.00 21.80 ? 10  LYS H N    1 
ATOM   1449 C  CA   . LYS H  1 10 ? -1.633  -9.013  -5.618  1.00 19.76 ? 10  LYS H CA   1 
ATOM   1450 C  C    . LYS H  1 10 ? -2.278  -7.777  -5.023  1.00 20.66 ? 10  LYS H C    1 
ATOM   1451 O  O    . LYS H  1 10 ? -2.437  -6.766  -5.703  1.00 25.28 ? 10  LYS H O    1 
ATOM   1452 C  CB   . LYS H  1 10 ? -2.657  -10.130 -5.804  1.00 21.86 ? 10  LYS H CB   1 
ATOM   1453 C  CG   . LYS H  1 10 ? -2.019  -11.353 -6.394  1.00 21.22 ? 10  LYS H CG   1 
ATOM   1454 C  CD   . LYS H  1 10 ? -3.019  -12.302 -6.988  1.00 21.56 ? 10  LYS H CD   1 
ATOM   1455 C  CE   . LYS H  1 10 ? -3.316  -11.917 -8.430  1.00 23.06 ? 10  LYS H CE   1 
ATOM   1456 N  NZ   . LYS H  1 10 ? -4.011  -13.026 -9.140  1.00 38.31 ? 10  LYS H NZ   1 
ATOM   1457 H  H    . LYS H  1 10 ? -0.768  -9.823  -4.050  1.00 26.16 ? 10  LYS H H    1 
ATOM   1458 H  HA   . LYS H  1 10 ? -1.314  -8.785  -6.505  1.00 23.72 ? 10  LYS H HA   1 
ATOM   1459 H  HB2  . LYS H  1 10 ? -3.037  -10.366 -4.944  1.00 26.23 ? 10  LYS H HB2  1 
ATOM   1460 H  HB3  . LYS H  1 10 ? -3.357  -9.830  -6.405  1.00 26.23 ? 10  LYS H HB3  1 
ATOM   1461 H  HG2  . LYS H  1 10 ? -1.408  -11.083 -7.096  1.00 25.46 ? 10  LYS H HG2  1 
ATOM   1462 H  HG3  . LYS H  1 10 ? -1.536  -11.825 -5.696  1.00 25.46 ? 10  LYS H HG3  1 
ATOM   1463 H  HD2  . LYS H  1 10 ? -2.661  -13.204 -6.975  1.00 25.88 ? 10  LYS H HD2  1 
ATOM   1464 H  HD3  . LYS H  1 10 ? -3.845  -12.267 -6.482  1.00 25.88 ? 10  LYS H HD3  1 
ATOM   1465 H  HE2  . LYS H  1 10 ? -3.888  -11.134 -8.444  1.00 27.67 ? 10  LYS H HE2  1 
ATOM   1466 H  HE3  . LYS H  1 10 ? -2.484  -11.728 -8.892  1.00 27.67 ? 10  LYS H HE3  1 
ATOM   1467 H  HZ1  . LYS H  1 10 ? -4.180  -12.790 -9.982  1.00 45.97 ? 10  LYS H HZ1  1 
ATOM   1468 H  HZ2  . LYS H  1 10 ? -3.501  -13.755 -9.141  1.00 45.97 ? 10  LYS H HZ2  1 
ATOM   1469 H  HZ3  . LYS H  1 10 ? -4.781  -13.212 -8.733  1.00 45.97 ? 10  LYS H HZ3  1 
ATOM   1470 N  N    . ILE H  1 11 ? -2.630  -7.815  -3.755  1.00 19.41 ? 11  ILE H N    1 
ATOM   1471 C  CA   . ILE H  1 11 ? -3.055  -6.632  -3.039  1.00 16.83 ? 11  ILE H CA   1 
ATOM   1472 C  C    . ILE H  1 11 ? -1.863  -6.154  -2.218  1.00 21.31 ? 11  ILE H C    1 
ATOM   1473 O  O    . ILE H  1 11 ? -1.467  -4.984  -2.252  1.00 18.02 ? 11  ILE H O    1 
ATOM   1474 C  CB   . ILE H  1 11 ? -4.250  -6.913  -2.168  1.00 19.86 ? 11  ILE H CB   1 
ATOM   1475 C  CG1  . ILE H  1 11 ? -5.463  -7.219  -3.046  1.00 19.74 ? 11  ILE H CG1  1 
ATOM   1476 C  CG2  . ILE H  1 11 ? -4.526  -5.753  -1.298  1.00 19.95 ? 11  ILE H CG2  1 
ATOM   1477 C  CD1  . ILE H  1 11 ? -6.577  -7.918  -2.295  1.00 23.42 ? 11  ILE H CD1  1 
ATOM   1478 H  H    . ILE H  1 11 ? -2.630  -8.529  -3.276  1.00 23.29 ? 11  ILE H H    1 
ATOM   1479 H  HA   . ILE H  1 11 ? -3.333  -5.936  -3.656  1.00 20.20 ? 11  ILE H HA   1 
ATOM   1480 H  HB   . ILE H  1 11 ? -4.062  -7.683  -1.609  1.00 23.83 ? 11  ILE H HB   1 
ATOM   1481 H  HG12 . ILE H  1 11 ? -5.815  -6.387  -3.398  1.00 23.69 ? 11  ILE H HG12 1 
ATOM   1482 H  HG13 . ILE H  1 11 ? -5.186  -7.797  -3.774  1.00 23.69 ? 11  ILE H HG13 1 
ATOM   1483 H  HG21 . ILE H  1 11 ? -5.440  -5.810  -0.977  1.00 23.95 ? 11  ILE H HG21 1 
ATOM   1484 H  HG22 . ILE H  1 11 ? -3.911  -5.768  -0.548  1.00 23.95 ? 11  ILE H HG22 1 
ATOM   1485 H  HG23 . ILE H  1 11 ? -4.404  -4.938  -1.810  1.00 23.95 ? 11  ILE H HG23 1 
ATOM   1486 H  HD11 . ILE H  1 11 ? -7.254  -8.203  -2.927  1.00 28.11 ? 11  ILE H HD11 1 
ATOM   1487 H  HD12 . ILE H  1 11 ? -6.212  -8.688  -1.831  1.00 28.11 ? 11  ILE H HD12 1 
ATOM   1488 H  HD13 . ILE H  1 11 ? -6.961  -7.299  -1.654  1.00 28.11 ? 11  ILE H HD13 1 
HETATM 1489 CL CL   . CL  I  2 .  ? 6.559   8.238   7.974   1.00 10.03 ? 101 CL  A CL   1 
HETATM 1490 CL CL   . CL  J  2 .  ? -1.934  10.566  10.121  1.00 42.14 ? 102 CL  A CL   1 
HETATM 1491 CL CL   . CL  K  2 .  ? 1.584   20.130  9.173   1.00 48.17 ? 103 CL  A CL   1 
HETATM 1492 CL CL   . CL  L  2 .  ? -6.362  -13.569 -6.685  1.00 12.17 ? 101 CL  B CL   1 
HETATM 1493 CL CL   . CL  M  2 .  ? -8.160  -4.588  -12.266 1.00 65.84 ? 102 CL  B CL   1 
HETATM 1494 CL CL   . CL  N  2 .  ? 12.436  -0.614  1.449   1.00 10.94 ? 101 CL  C CL   1 
HETATM 1495 CL CL   . CL  O  2 .  ? 10.369  -8.639  0.499   1.00 30.22 ? 102 CL  C CL   1 
HETATM 1496 CL CL   . CL  P  2 .  ? 1.733   11.264  3.876   1.00 11.31 ? 101 CL  D CL   1 
HETATM 1497 CL CL   . CL  Q  2 .  ? 1.140   10.195  11.929  1.00 50.26 ? 102 CL  D CL   1 
HETATM 1498 CL CL   . CL  R  2 .  ? -10.479 3.951   -3.657  1.00 11.68 ? 101 CL  E CL   1 
HETATM 1499 CL CL   . CL  S  2 .  ? -8.826  8.242   5.641   1.00 31.02 ? 102 CL  E CL   1 
HETATM 1500 CL CL   . CL  T  2 .  ? -8.120  4.188   3.374   1.00 14.22 ? 101 CL  F CL   1 
HETATM 1501 CL CL   . CL  U  2 .  ? 5.881   -1.699  -2.145  1.00 16.51 ? 101 CL  G CL   1 
HETATM 1502 C  C1   . PG6 V  3 .  ? 5.981   9.241   -5.903  1.00 16.23 ? 102 PG6 G C1   1 
HETATM 1503 O  O1   . PG6 V  3 .  ? 5.397   7.992   -6.235  1.00 32.39 ? 102 PG6 G O1   1 
HETATM 1504 C  C2   . PG6 V  3 .  ? 4.011   8.081   -6.305  1.00 31.55 ? 102 PG6 G C2   1 
HETATM 1505 C  C3   . PG6 V  3 .  ? 3.404   8.429   -4.954  1.00 35.60 ? 102 PG6 G C3   1 
HETATM 1506 O  O2   . PG6 V  3 .  ? 3.954   7.583   -3.972  1.00 41.06 ? 102 PG6 G O2   1 
HETATM 1507 C  C4   . PG6 V  3 .  ? 3.037   7.200   -2.978  1.00 44.07 ? 102 PG6 G C4   1 
HETATM 1508 C  C5   . PG6 V  3 .  ? 1.821   6.499   -3.539  1.00 28.78 ? 102 PG6 G C5   1 
HETATM 1509 O  O3   . PG6 V  3 .  ? 1.457   5.433   -2.699  1.00 46.85 ? 102 PG6 G O3   1 
HETATM 1510 C  C6   . PG6 V  3 .  ? 0.242   4.821   -3.046  1.00 39.29 ? 102 PG6 G C6   1 
HETATM 1511 C  C7   . PG6 V  3 .  ? -0.404  4.257   -1.810  1.00 35.16 ? 102 PG6 G C7   1 
HETATM 1512 O  O4   . PG6 V  3 .  ? -0.679  2.885   -1.916  1.00 42.22 ? 102 PG6 G O4   1 
HETATM 1513 C  C8   . PG6 V  3 .  ? -0.733  2.285   -0.644  1.00 40.16 ? 102 PG6 G C8   1 
HETATM 1514 C  C9   . PG6 V  3 .  ? -1.436  0.974   -0.817  1.00 32.10 ? 102 PG6 G C9   1 
HETATM 1515 O  O5   . PG6 V  3 .  ? -1.549  0.287   0.395   1.00 41.07 ? 102 PG6 G O5   1 
HETATM 1516 C  C10  . PG6 V  3 .  ? -2.249  -0.904  0.200   1.00 28.57 ? 102 PG6 G C10  1 
HETATM 1517 C  C11  . PG6 V  3 .  ? -2.208  -1.732  1.445   1.00 30.96 ? 102 PG6 G C11  1 
HETATM 1518 O  O6   . PG6 V  3 .  ? -3.446  -2.374  1.489   1.00 53.00 ? 102 PG6 G O6   1 
HETATM 1519 C  C12  . PG6 V  3 .  ? -3.307  -3.733  1.682   1.00 43.68 ? 102 PG6 G C12  1 
HETATM 1520 H  H11  . PG6 V  3 .  ? 5.466   9.987   -6.248  1.00 19.47 ? 102 PG6 G H11  1 
HETATM 1521 H  H12  . PG6 V  3 .  ? 6.878   9.330   -6.263  1.00 19.47 ? 102 PG6 G H12  1 
HETATM 1522 H  H13  . PG6 V  3 .  ? 6.050   9.369   -4.944  1.00 19.47 ? 102 PG6 G H13  1 
HETATM 1523 H  H21  . PG6 V  3 .  ? 3.752   8.756   -6.952  1.00 37.86 ? 102 PG6 G H21  1 
HETATM 1524 H  H22  . PG6 V  3 .  ? 3.637   7.241   -6.613  1.00 37.86 ? 102 PG6 G H22  1 
HETATM 1525 H  H31  . PG6 V  3 .  ? 3.581   9.363   -4.764  1.00 42.72 ? 102 PG6 G H31  1 
HETATM 1526 H  H32  . PG6 V  3 .  ? 2.440   8.334   -5.011  1.00 42.72 ? 102 PG6 G H32  1 
HETATM 1527 H  H41  . PG6 V  3 .  ? 3.469   6.611   -2.341  1.00 52.89 ? 102 PG6 G H41  1 
HETATM 1528 H  H42  . PG6 V  3 .  ? 2.745   7.981   -2.481  1.00 52.89 ? 102 PG6 G H42  1 
HETATM 1529 H  H51  . PG6 V  3 .  ? 1.104   7.147   -3.626  1.00 34.54 ? 102 PG6 G H51  1 
HETATM 1530 H  H52  . PG6 V  3 .  ? 2.029   6.192   -4.436  1.00 34.54 ? 102 PG6 G H52  1 
HETATM 1531 H  H61  . PG6 V  3 .  ? -0.356  5.459   -3.465  1.00 47.15 ? 102 PG6 G H61  1 
HETATM 1532 H  H62  . PG6 V  3 .  ? 0.389   4.111   -3.690  1.00 47.15 ? 102 PG6 G H62  1 
HETATM 1533 H  H71  . PG6 V  3 .  ? 0.189   4.436   -1.064  1.00 42.20 ? 102 PG6 G H71  1 
HETATM 1534 H  H72  . PG6 V  3 .  ? -1.216  4.762   -1.649  1.00 42.20 ? 102 PG6 G H72  1 
HETATM 1535 H  H81  . PG6 V  3 .  ? 0.156   2.148   -0.281  1.00 48.20 ? 102 PG6 G H81  1 
HETATM 1536 H  H82  . PG6 V  3 .  ? -1.211  2.844   -0.011  1.00 48.20 ? 102 PG6 G H82  1 
HETATM 1537 H  H91  . PG6 V  3 .  ? -2.308  1.152   -1.204  1.00 38.52 ? 102 PG6 G H91  1 
HETATM 1538 H  H92  . PG6 V  3 .  ? -0.942  0.455   -1.471  1.00 38.52 ? 102 PG6 G H92  1 
HETATM 1539 H  H101 . PG6 V  3 .  ? -3.171  -0.720  -0.038  1.00 34.28 ? 102 PG6 G H101 1 
HETATM 1540 H  H102 . PG6 V  3 .  ? -1.865  -1.406  -0.537  1.00 34.28 ? 102 PG6 G H102 1 
HETATM 1541 H  H111 . PG6 V  3 .  ? -1.463  -2.354  1.404   1.00 37.15 ? 102 PG6 G H111 1 
HETATM 1542 H  H112 . PG6 V  3 .  ? -2.053  -1.163  2.215   1.00 37.15 ? 102 PG6 G H112 1 
HETATM 1543 H  H121 . PG6 V  3 .  ? -2.806  -3.870  2.501   1.00 52.41 ? 102 PG6 G H121 1 
HETATM 1544 H  H122 . PG6 V  3 .  ? -4.193  -4.119  1.749   1.00 52.41 ? 102 PG6 G H122 1 
HETATM 1545 H  H123 . PG6 V  3 .  ? -2.828  -4.097  0.920   1.00 52.41 ? 102 PG6 G H123 1 
HETATM 1546 CL CL   . CL  W  2 .  ? -1.990  -10.618 -2.209  1.00 16.28 ? 101 CL  H CL   1 
HETATM 1547 O  O    . HOH X  4 .  ? 5.878   10.945  7.104   1.00 30.77 ? 201 HOH A O    1 
HETATM 1548 O  O    . HOH X  4 .  ? 10.476  14.110  8.869   1.00 25.60 ? 202 HOH A O    1 
HETATM 1549 O  O    . HOH X  4 .  ? -0.618  12.498  8.245   1.00 22.44 ? 203 HOH A O    1 
HETATM 1550 O  O    . HOH X  4 .  ? 5.880   11.310  9.279   1.00 19.49 ? 204 HOH A O    1 
HETATM 1551 O  O    . HOH X  4 .  ? 4.670   4.441   13.995  1.00 16.02 ? 205 HOH A O    1 
HETATM 1552 O  O    . HOH X  4 .  ? 7.123   13.284  8.276   1.00 19.96 ? 206 HOH A O    1 
HETATM 1553 O  O    . HOH X  4 .  ? 3.955   21.982  10.043  1.00 27.01 ? 207 HOH A O    1 
HETATM 1554 O  O    . HOH X  4 .  ? 8.714   21.254  7.956   1.00 40.22 ? 208 HOH A O    1 
HETATM 1555 O  O    . HOH Y  4 .  ? 2.333   -6.358  -11.447 1.00 36.60 ? 201 HOH B O    1 
HETATM 1556 O  O    . HOH Y  4 .  ? -0.656  -0.868  -14.902 1.00 43.13 ? 202 HOH B O    1 
HETATM 1557 O  O    . HOH Y  4 .  ? -0.818  -12.527 -10.856 1.00 41.78 ? 203 HOH B O    1 
HETATM 1558 O  O    . HOH Y  4 .  ? -1.289  -2.206  -15.985 1.00 30.52 ? 204 HOH B O    1 
HETATM 1559 O  O    . HOH Y  4 .  ? -5.310  -11.849 -11.400 1.00 32.51 ? 205 HOH B O    1 
HETATM 1560 O  O    . HOH Y  4 .  ? -9.309  -20.706 -5.948  1.00 28.20 ? 206 HOH B O    1 
HETATM 1561 O  O    . HOH Y  4 .  ? -2.081  -8.647  -8.996  1.00 12.37 ? 207 HOH B O    1 
HETATM 1562 O  O    . HOH Y  4 .  ? -11.295 -19.527 -5.483  1.00 29.25 ? 208 HOH B O    1 
HETATM 1563 O  O    . HOH Y  4 .  ? 0.481   -17.519 -0.599  1.00 34.72 ? 209 HOH B O    1 
HETATM 1564 O  O    . HOH Z  4 .  ? 14.636  -13.014 5.230   1.00 41.74 ? 201 HOH C O    1 
HETATM 1565 O  O    . HOH Z  4 .  ? 12.591  -13.539 3.254   1.00 25.66 ? 202 HOH C O    1 
HETATM 1566 O  O    . HOH Z  4 .  ? 16.235  -10.530 1.642   1.00 29.67 ? 203 HOH C O    1 
HETATM 1567 O  O    . HOH Z  4 .  ? 17.368  3.951   -1.409  1.00 22.52 ? 204 HOH C O    1 
HETATM 1568 O  O    . HOH Z  4 .  ? 15.477  -3.943  1.605   1.00 29.52 ? 205 HOH C O    1 
HETATM 1569 O  O    . HOH Z  4 .  ? 9.157   -7.021  2.085   1.00 20.90 ? 206 HOH C O    1 
HETATM 1570 O  O    . HOH Z  4 .  ? 8.448   -14.628 1.519   1.00 41.09 ? 207 HOH C O    1 
HETATM 1571 O  O    . HOH Z  4 .  ? 12.739  -7.998  0.749   1.00 37.66 ? 208 HOH C O    1 
HETATM 1572 O  O    . HOH Z  4 .  ? 11.410  -3.616  -7.286  1.00 41.48 ? 209 HOH C O    1 
HETATM 1573 O  O    . HOH AA 4 .  ? -3.568  13.526  -1.098  1.00 22.91 ? 201 HOH D O    1 
HETATM 1574 O  O    . HOH AA 4 .  ? 2.504   18.816  4.511   1.00 27.92 ? 202 HOH D O    1 
HETATM 1575 O  O    . HOH AA 4 .  ? -6.069  -2.661  9.134   1.00 19.57 ? 203 HOH D O    1 
HETATM 1576 O  O    . HOH AA 4 .  ? -2.441  9.192   5.479   1.00 33.65 ? 204 HOH D O    1 
HETATM 1577 O  O    . HOH AA 4 .  ? -3.715  9.425   8.217   1.00 23.80 ? 205 HOH D O    1 
HETATM 1578 O  O    . HOH BA 4 .  ? -19.230 -6.000  0.860   1.00 27.76 ? 201 HOH E O    1 
HETATM 1579 O  O    . HOH BA 4 .  ? -12.388 -1.009  0.279   1.00 19.69 ? 202 HOH E O    1 
HETATM 1580 O  O    . HOH BA 4 .  ? -17.276 -9.019  2.917   1.00 20.25 ? 203 HOH E O    1 
HETATM 1581 O  O    . HOH BA 4 .  ? -12.523 7.121   3.889   1.00 34.54 ? 204 HOH E O    1 
HETATM 1582 O  O    . HOH BA 4 .  ? -18.659 -5.823  3.923   1.00 42.35 ? 205 HOH E O    1 
HETATM 1583 O  O    . HOH BA 4 .  ? -10.996 11.953  -5.432  1.00 38.29 ? 206 HOH E O    1 
HETATM 1584 O  O    . HOH BA 4 .  ? -11.181 3.406   -11.122 1.00 18.33 ? 207 HOH E O    1 
HETATM 1585 O  O    . HOH BA 4 .  ? -16.976 -2.175  1.553   1.00 40.12 ? 208 HOH E O    1 
HETATM 1586 O  O    . HOH BA 4 .  ? -15.947 5.759   -3.029  1.00 37.89 ? 209 HOH E O    1 
HETATM 1587 O  O    . HOH BA 4 .  ? -19.575 -5.004  -1.828  1.00 31.71 ? 210 HOH E O    1 
HETATM 1588 O  O    . HOH BA 4 .  ? -6.715  9.180   3.266   1.00 32.03 ? 211 HOH E O    1 
HETATM 1589 O  O    . HOH BA 4 .  ? -20.141 -3.273  -0.227  1.00 21.67 ? 212 HOH E O    1 
HETATM 1590 O  O    . HOH BA 4 .  ? -15.474 -0.320  0.549   1.00 35.32 ? 213 HOH E O    1 
HETATM 1591 O  O    . HOH CA 4 .  ? -4.651  17.700  -3.637  1.00 45.46 ? 201 HOH F O    1 
HETATM 1592 O  O    . HOH CA 4 .  ? -15.355 3.779   -2.503  1.00 43.12 ? 202 HOH F O    1 
HETATM 1593 O  O    . HOH CA 4 .  ? 0.075   17.274  -5.601  1.00 25.95 ? 203 HOH F O    1 
HETATM 1594 O  O    . HOH CA 4 .  ? -10.247 -1.870  6.199   1.00 29.57 ? 204 HOH F O    1 
HETATM 1595 O  O    . HOH CA 4 .  ? -8.672  11.095  3.096   1.00 29.47 ? 205 HOH F O    1 
HETATM 1596 O  O    . HOH CA 4 .  ? -6.119  11.528  2.607   1.00 33.62 ? 206 HOH F O    1 
HETATM 1597 O  O    . HOH CA 4 .  ? -15.123 1.617   -2.718  1.00 34.40 ? 207 HOH F O    1 
HETATM 1598 O  O    . HOH CA 4 .  ? -7.801  -2.269  7.708   1.00 37.89 ? 208 HOH F O    1 
HETATM 1599 O  O    . HOH CA 4 .  ? -14.310 6.286   -0.996  1.00 23.76 ? 209 HOH F O    1 
HETATM 1600 O  O    . HOH CA 4 .  ? -6.872  5.538   10.270  1.00 35.45 ? 210 HOH F O    1 
HETATM 1601 O  O    . HOH CA 4 .  ? -5.980  7.398   10.254  1.00 36.85 ? 211 HOH F O    1 
HETATM 1602 O  O    . HOH DA 4 .  ? 14.382  -1.980  -6.685  1.00 24.27 ? 201 HOH G O    1 
HETATM 1603 O  O    . HOH DA 4 .  ? 16.847  11.717  -10.281 1.00 43.58 ? 202 HOH G O    1 
HETATM 1604 O  O    . HOH DA 4 .  ? 9.783   0.631   -10.071 1.00 31.15 ? 203 HOH G O    1 
HETATM 1605 O  O    . HOH DA 4 .  ? 9.037   3.956   -2.919  1.00 29.80 ? 204 HOH G O    1 
HETATM 1606 O  O    . HOH DA 4 .  ? 17.700  4.265   -5.600  1.00 23.31 ? 205 HOH G O    1 
HETATM 1607 O  O    . HOH DA 4 .  ? 7.634   -0.924  -7.225  1.00 26.16 ? 206 HOH G O    1 
HETATM 1608 O  O    . HOH DA 4 .  ? 5.924   6.378   -1.802  1.00 42.97 ? 207 HOH G O    1 
HETATM 1609 O  O    . HOH DA 4 .  ? 15.351  4.204   -10.494 1.00 37.50 ? 208 HOH G O    1 
HETATM 1610 O  O    . HOH EA 4 .  ? 2.404   -14.362 -2.464  1.00 33.40 ? 201 HOH H O    1 
HETATM 1611 O  O    . HOH EA 4 .  ? -5.391  -24.820 1.729   1.00 23.56 ? 202 HOH H O    1 
HETATM 1612 O  O    . HOH EA 4 .  ? -4.428  -14.787 -11.380 1.00 36.35 ? 203 HOH H O    1 
HETATM 1613 O  O    . HOH EA 4 .  ? 4.592   -9.152  -0.512  1.00 29.22 ? 204 HOH H O    1 
HETATM 1614 O  O    . HOH EA 4 .  ? 3.397   -7.102  -6.146  1.00 39.55 ? 205 HOH H O    1 
HETATM 1615 O  O    . HOH EA 4 .  ? -2.166  -15.627 -8.833  1.00 42.66 ? 206 HOH H O    1 
HETATM 1616 O  O    . HOH EA 4 .  ? -7.254  -22.700 -4.358  1.00 35.38 ? 207 HOH H O    1 
HETATM 1617 O  O    . HOH EA 4 .  ? 0.217   -9.299  -10.040 1.00 33.92 ? 208 HOH H O    1 
HETATM 1618 O  O    . HOH EA 4 .  ? 5.240   -11.421 -1.135  1.00 37.47 ? 209 HOH H O    1 
HETATM 1619 O  O    . HOH EA 4 .  ? 0.051   -14.331 -9.528  1.00 24.09 ? 210 HOH H O    1 
HETATM 1620 O  O    . HOH EA 4 .  ? 0.951   -13.499 -7.583  1.00 29.71 ? 211 HOH H O    1 
# 
